data_6APL
#
_entry.id   6APL
#
_cell.length_a   71.168
_cell.length_b   71.125
_cell.length_c   138.608
_cell.angle_alpha   103.69
_cell.angle_beta   97.26
_cell.angle_gamma   103.03
#
_symmetry.space_group_name_H-M   'P 1'
#
loop_
_entity.id
_entity.type
_entity.pdbx_description
1 polymer 'Alpha-N-acetylgalactosaminide alpha-2,6-sialyltransferase 2'
2 non-polymer "CYTIDINE-5'-MONOPHOSPHATE"
3 non-polymer 2-acetamido-2-deoxy-beta-D-glucopyranose
4 water water
#
_entity_poly.entity_id   1
_entity_poly.type   'polypeptide(L)'
_entity_poly.pdbx_seq_one_letter_code
;(MSE)GLPRGSFFWLLLLLTAACSGLLFALYFSAVQRYPGPAAGARDTTSFEAFFQSKASNSWTGKGQACRHLLHLAIQR
HPHFRGLFNLSIPVLLWGDLFTPALWDRLSQHKAPYGWRGLSHQVIASTLSLLNGSESAKLFAPPRDTPPKCIRCAVVGN
GGILNGSRQGPNIDAHDYVFRLNGAVIKGFERDVGTKTSFYGFTVNT(MSE)KNSLVSYWNLGFTSVPQGQDLQYIFIPS
DIRDYV(MSE)LRSAILGVPVPEGLDKGDRPHAYFGPEASASKFKLLHPDFISYLTERFLKSKLINTHFGDLY(MSE)PS
TGAL(MSE)LLTALHTCDQVSAYGFITSNYWKFSDHYFERK(MSE)KPLIFYANHDLSLEAALWRDLHKAGILQLYQR
;
_entity_poly.pdbx_strand_id   A,B,C,D,E,F
#
# COMPACT_ATOMS: atom_id res chain seq x y z
N CYS A 66 10.62 38.43 -16.22
CA CYS A 66 11.58 37.41 -16.62
C CYS A 66 11.26 36.85 -18.00
N ARG A 67 10.02 37.03 -18.45
CA ARG A 67 9.61 36.53 -19.75
C ARG A 67 10.44 37.12 -20.87
N HIS A 68 10.97 38.34 -20.68
CA HIS A 68 11.77 39.00 -21.70
C HIS A 68 13.14 38.34 -21.82
N LEU A 69 13.16 37.01 -21.85
CA LEU A 69 14.35 36.21 -22.14
C LEU A 69 14.29 35.63 -23.55
N LEU A 70 13.25 34.85 -23.83
CA LEU A 70 12.99 34.39 -25.20
C LEU A 70 12.29 35.46 -26.03
N HIS A 71 11.49 36.33 -25.39
CA HIS A 71 10.85 37.42 -26.12
C HIS A 71 11.89 38.40 -26.64
N LEU A 72 12.93 38.67 -25.85
CA LEU A 72 14.00 39.55 -26.31
C LEU A 72 14.68 38.99 -27.55
N ALA A 73 14.96 37.69 -27.55
CA ALA A 73 15.59 37.06 -28.72
C ALA A 73 14.72 37.21 -29.96
N ILE A 74 13.40 37.15 -29.78
CA ILE A 74 12.48 37.32 -30.90
C ILE A 74 12.61 38.72 -31.50
N GLN A 75 12.58 39.75 -30.65
CA GLN A 75 12.62 41.11 -31.16
C GLN A 75 13.99 41.46 -31.74
N ARG A 76 15.07 40.90 -31.20
CA ARG A 76 16.40 41.31 -31.62
C ARG A 76 16.72 40.87 -33.05
N HIS A 77 15.99 39.91 -33.60
CA HIS A 77 16.19 39.48 -34.97
C HIS A 77 14.94 39.76 -35.78
N PRO A 78 15.06 40.42 -36.94
CA PRO A 78 13.86 40.86 -37.66
C PRO A 78 13.03 39.73 -38.26
N HIS A 79 13.66 38.62 -38.66
CA HIS A 79 12.93 37.59 -39.39
C HIS A 79 11.81 36.98 -38.55
N PHE A 80 12.14 36.50 -37.35
CA PHE A 80 11.12 35.94 -36.46
C PHE A 80 10.35 37.01 -35.70
N ARG A 81 10.87 38.25 -35.66
CA ARG A 81 10.13 39.33 -35.01
C ARG A 81 8.79 39.57 -35.69
N GLY A 82 8.76 39.45 -37.01
CA GLY A 82 7.56 39.58 -37.80
C GLY A 82 6.84 38.29 -38.08
N LEU A 83 7.26 37.19 -37.47
CA LEU A 83 6.63 35.89 -37.68
C LEU A 83 5.89 35.38 -36.45
N PHE A 84 6.30 35.79 -35.25
CA PHE A 84 5.66 35.37 -34.01
C PHE A 84 4.47 36.27 -33.69
N ASN A 85 3.35 35.64 -33.29
CA ASN A 85 2.13 36.34 -32.89
C ASN A 85 1.67 35.74 -31.57
N LEU A 86 2.08 36.36 -30.47
CA LEU A 86 1.77 35.85 -29.14
C LEU A 86 0.38 36.30 -28.69
N SER A 87 -0.52 36.51 -29.66
CA SER A 87 -1.90 36.90 -29.38
C SER A 87 -2.91 35.88 -29.86
N ILE A 88 -2.58 35.06 -30.86
CA ILE A 88 -3.55 34.06 -31.31
C ILE A 88 -3.78 33.06 -30.19
N PRO A 89 -5.02 32.62 -29.95
CA PRO A 89 -5.23 31.65 -28.87
C PRO A 89 -4.60 30.30 -29.20
N VAL A 90 -3.95 29.71 -28.21
CA VAL A 90 -3.32 28.40 -28.40
C VAL A 90 -4.34 27.29 -28.20
N LEU A 91 -5.30 27.52 -27.30
CA LEU A 91 -6.26 26.53 -26.88
C LEU A 91 -7.65 26.94 -27.32
N LEU A 92 -8.45 25.97 -27.73
CA LEU A 92 -9.84 26.22 -28.08
C LEU A 92 -10.72 25.92 -26.87
N TRP A 93 -11.66 26.83 -26.58
CA TRP A 93 -12.55 26.63 -25.45
C TRP A 93 -13.92 27.24 -25.76
N GLY A 94 -14.83 27.12 -24.80
CA GLY A 94 -16.24 27.36 -25.08
C GLY A 94 -16.54 28.79 -25.51
N ASP A 95 -15.93 29.77 -24.85
CA ASP A 95 -16.17 31.17 -25.21
C ASP A 95 -15.72 31.52 -26.62
N LEU A 96 -15.01 30.63 -27.32
CA LEU A 96 -14.63 30.87 -28.70
C LEU A 96 -15.55 30.19 -29.70
N PHE A 97 -16.48 29.35 -29.24
CA PHE A 97 -17.37 28.60 -30.11
C PHE A 97 -18.52 29.51 -30.54
N THR A 98 -18.36 30.16 -31.67
CA THR A 98 -19.40 31.03 -32.20
C THR A 98 -19.86 30.50 -33.56
N PRO A 99 -21.10 30.78 -33.97
CA PRO A 99 -21.52 30.37 -35.32
C PRO A 99 -20.61 30.92 -36.42
N ALA A 100 -19.94 32.05 -36.18
CA ALA A 100 -18.93 32.52 -37.11
C ALA A 100 -17.79 31.52 -37.22
N LEU A 101 -17.20 31.13 -36.07
CA LEU A 101 -16.14 30.13 -36.09
C LEU A 101 -16.63 28.84 -36.71
N TRP A 102 -17.89 28.47 -36.45
CA TRP A 102 -18.45 27.28 -37.06
C TRP A 102 -18.51 27.41 -38.58
N ASP A 103 -18.75 28.62 -39.09
CA ASP A 103 -18.79 28.82 -40.54
C ASP A 103 -17.43 28.55 -41.17
N ARG A 104 -16.41 29.30 -40.76
CA ARG A 104 -15.08 29.13 -41.33
C ARG A 104 -14.57 27.72 -41.16
N LEU A 105 -14.49 27.26 -39.90
CA LEU A 105 -13.86 25.98 -39.61
C LEU A 105 -14.58 24.82 -40.28
N SER A 106 -15.85 24.98 -40.64
CA SER A 106 -16.54 23.95 -41.39
C SER A 106 -16.08 23.88 -42.85
N GLN A 107 -15.27 24.85 -43.30
CA GLN A 107 -14.72 24.83 -44.65
C GLN A 107 -13.32 24.24 -44.70
N HIS A 108 -12.85 23.67 -43.59
CA HIS A 108 -11.52 23.05 -43.54
C HIS A 108 -11.64 21.72 -42.82
N LYS A 109 -11.06 20.67 -43.39
CA LYS A 109 -11.06 19.37 -42.74
C LYS A 109 -9.77 19.24 -41.94
N ALA A 110 -9.34 18.00 -41.65
CA ALA A 110 -8.03 17.76 -41.07
C ALA A 110 -7.98 18.44 -39.70
N PRO A 111 -6.82 18.64 -39.06
CA PRO A 111 -6.80 19.43 -37.82
C PRO A 111 -6.95 20.93 -38.04
N TYR A 112 -7.14 21.41 -39.26
CA TYR A 112 -7.25 22.84 -39.48
C TYR A 112 -8.67 23.36 -39.33
N GLY A 113 -9.65 22.48 -39.31
CA GLY A 113 -11.03 22.86 -39.11
C GLY A 113 -11.84 21.63 -38.74
N TRP A 114 -13.13 21.65 -39.06
CA TRP A 114 -14.01 20.52 -38.79
C TRP A 114 -15.06 20.35 -39.89
N ARG A 115 -14.60 20.23 -41.13
CA ARG A 115 -15.51 19.94 -42.23
C ARG A 115 -15.97 18.49 -42.16
N GLY A 116 -17.28 18.27 -42.32
CA GLY A 116 -17.81 16.93 -42.26
C GLY A 116 -17.99 16.35 -40.88
N LEU A 117 -17.75 17.14 -39.84
CA LEU A 117 -17.91 16.72 -38.46
C LEU A 117 -19.23 17.24 -37.92
N SER A 118 -19.91 16.43 -37.11
CA SER A 118 -21.28 16.77 -36.71
C SER A 118 -21.29 17.85 -35.64
N HIS A 119 -22.18 18.83 -35.81
CA HIS A 119 -22.34 19.87 -34.81
C HIS A 119 -22.64 19.28 -33.44
N GLN A 120 -23.44 18.20 -33.39
CA GLN A 120 -23.79 17.60 -32.11
C GLN A 120 -22.55 17.18 -31.32
N VAL A 121 -21.61 16.49 -31.97
CA VAL A 121 -20.40 16.06 -31.28
C VAL A 121 -19.58 17.26 -30.86
N ILE A 122 -19.26 18.16 -31.79
CA ILE A 122 -18.39 19.29 -31.48
C ILE A 122 -19.02 20.21 -30.44
N ALA A 123 -20.33 20.49 -30.58
CA ALA A 123 -21.01 21.33 -29.59
C ALA A 123 -21.03 20.67 -28.22
N SER A 124 -21.23 19.35 -28.16
CA SER A 124 -21.29 18.68 -26.87
C SER A 124 -19.93 18.67 -26.18
N THR A 125 -18.85 18.43 -26.93
CA THR A 125 -17.52 18.48 -26.32
C THR A 125 -17.18 19.90 -25.89
N LEU A 126 -17.37 20.87 -26.78
CA LEU A 126 -16.96 22.23 -26.46
C LEU A 126 -17.79 22.84 -25.33
N SER A 127 -18.95 22.26 -25.03
CA SER A 127 -19.74 22.76 -23.90
C SER A 127 -19.04 22.45 -22.58
N LEU A 128 -18.24 21.38 -22.51
CA LEU A 128 -17.50 21.06 -21.30
C LEU A 128 -16.33 22.00 -21.07
N LEU A 129 -15.81 22.63 -22.13
CA LEU A 129 -14.71 23.59 -22.04
C LEU A 129 -15.18 25.00 -21.71
N ASN A 130 -16.29 25.14 -20.98
CA ASN A 130 -16.86 26.45 -20.70
C ASN A 130 -16.08 27.23 -19.65
N GLY A 131 -15.26 26.55 -18.85
CA GLY A 131 -14.57 27.21 -17.76
C GLY A 131 -13.37 28.02 -18.22
N SER A 132 -13.04 29.01 -17.40
CA SER A 132 -11.90 29.88 -17.70
C SER A 132 -10.59 29.09 -17.72
N GLU A 133 -10.50 28.02 -16.93
CA GLU A 133 -9.26 27.24 -16.87
C GLU A 133 -9.00 26.50 -18.19
N SER A 134 -10.04 26.23 -18.98
CA SER A 134 -9.86 25.56 -20.26
C SER A 134 -9.13 26.43 -21.28
N ALA A 135 -8.96 27.72 -21.03
CA ALA A 135 -8.43 28.63 -22.05
C ALA A 135 -6.91 28.68 -22.10
N LYS A 136 -6.22 28.31 -21.02
CA LYS A 136 -4.78 28.49 -20.92
C LYS A 136 -4.11 27.19 -20.48
N LEU A 137 -2.82 27.07 -20.79
CA LEU A 137 -2.03 25.97 -20.26
C LEU A 137 -1.48 26.27 -18.87
N PHE A 138 -1.14 27.53 -18.61
CA PHE A 138 -0.57 27.96 -17.34
C PHE A 138 -1.52 28.93 -16.64
N ALA A 139 -1.60 28.83 -15.33
CA ALA A 139 -2.40 29.68 -14.48
C ALA A 139 -1.60 30.90 -14.04
N PRO A 140 -2.26 32.04 -13.77
CA PRO A 140 -1.55 33.23 -13.27
C PRO A 140 -1.17 33.11 -11.79
N PRO A 146 4.94 36.72 -10.09
CA PRO A 146 5.76 37.08 -11.26
C PRO A 146 6.92 36.12 -11.48
N LYS A 147 6.63 34.91 -11.95
CA LYS A 147 7.62 33.84 -12.07
C LYS A 147 8.00 33.61 -13.53
N CYS A 148 9.15 32.96 -13.73
CA CYS A 148 9.62 32.58 -15.05
C CYS A 148 9.14 31.18 -15.39
N ILE A 149 8.87 30.96 -16.68
CA ILE A 149 8.33 29.69 -17.16
C ILE A 149 9.39 29.04 -18.04
N ARG A 150 10.06 28.03 -17.52
CA ARG A 150 11.13 27.33 -18.25
C ARG A 150 10.64 25.92 -18.59
N CYS A 151 10.59 25.62 -19.88
CA CYS A 151 9.97 24.40 -20.38
C CYS A 151 10.99 23.53 -21.10
N ALA A 152 10.73 22.23 -21.10
CA ALA A 152 11.49 21.27 -21.88
C ALA A 152 10.50 20.46 -22.71
N VAL A 153 10.78 20.34 -24.00
CA VAL A 153 9.95 19.55 -24.90
C VAL A 153 10.76 18.34 -25.30
N VAL A 154 10.23 17.15 -25.04
CA VAL A 154 10.95 15.91 -25.23
C VAL A 154 10.38 15.24 -26.47
N GLY A 155 11.13 15.33 -27.57
CA GLY A 155 10.87 14.50 -28.71
C GLY A 155 11.39 13.11 -28.47
N ASN A 156 11.02 12.21 -29.38
CA ASN A 156 11.29 10.79 -29.22
C ASN A 156 12.41 10.30 -30.16
N GLY A 157 13.24 11.22 -30.63
CA GLY A 157 14.33 10.85 -31.53
C GLY A 157 15.39 10.01 -30.85
N GLY A 158 16.06 9.19 -31.67
CA GLY A 158 17.12 8.33 -31.16
C GLY A 158 18.33 9.07 -30.62
N ILE A 159 18.40 10.39 -30.82
CA ILE A 159 19.53 11.14 -30.30
C ILE A 159 19.61 11.06 -28.77
N LEU A 160 18.48 10.84 -28.10
CA LEU A 160 18.48 10.80 -26.63
C LEU A 160 19.00 9.49 -26.07
N ASN A 161 19.20 8.49 -26.93
CA ASN A 161 19.68 7.18 -26.53
C ASN A 161 21.11 7.25 -26.04
N GLY A 162 21.33 7.04 -24.74
CA GLY A 162 22.66 7.22 -24.22
C GLY A 162 23.07 8.67 -24.04
N SER A 163 22.14 9.60 -24.26
CA SER A 163 22.43 11.01 -24.02
C SER A 163 22.54 11.30 -22.53
N ARG A 164 21.86 10.52 -21.70
CA ARG A 164 21.90 10.71 -20.26
C ARG A 164 21.47 12.14 -19.91
N GLN A 165 20.46 12.64 -20.64
CA GLN A 165 19.93 13.97 -20.46
C GLN A 165 18.82 14.04 -19.41
N GLY A 166 18.59 12.97 -18.66
CA GLY A 166 17.57 12.94 -17.63
C GLY A 166 17.65 14.11 -16.66
N PRO A 167 18.81 14.33 -16.05
CA PRO A 167 18.95 15.46 -15.11
C PRO A 167 18.63 16.81 -15.73
N ASN A 168 19.11 17.09 -16.94
CA ASN A 168 18.83 18.37 -17.57
C ASN A 168 17.34 18.52 -17.87
N ILE A 169 16.73 17.47 -18.44
CA ILE A 169 15.31 17.52 -18.78
C ILE A 169 14.46 17.76 -17.54
N ASP A 170 14.71 17.00 -16.47
CA ASP A 170 13.88 17.10 -15.27
C ASP A 170 14.13 18.37 -14.49
N ALA A 171 15.24 19.08 -14.75
CA ALA A 171 15.50 20.32 -14.04
C ALA A 171 14.55 21.44 -14.46
N HIS A 172 13.92 21.34 -15.63
CA HIS A 172 13.00 22.39 -16.05
C HIS A 172 11.73 22.37 -15.21
N ASP A 173 11.05 23.52 -15.16
CA ASP A 173 9.80 23.63 -14.40
C ASP A 173 8.72 22.76 -15.01
N TYR A 174 8.61 22.79 -16.33
CA TYR A 174 7.56 22.09 -17.05
C TYR A 174 8.20 21.25 -18.15
N VAL A 175 7.63 20.06 -18.38
CA VAL A 175 8.14 19.13 -19.38
C VAL A 175 6.99 18.71 -20.29
N PHE A 176 7.19 18.86 -21.60
CA PHE A 176 6.25 18.41 -22.61
C PHE A 176 6.72 17.07 -23.18
N ARG A 177 5.82 16.09 -23.22
CA ARG A 177 6.06 14.82 -23.92
C ARG A 177 4.89 14.54 -24.85
N LEU A 178 5.09 13.59 -25.77
CA LEU A 178 4.10 13.32 -26.81
C LEU A 178 4.24 11.89 -27.34
N ASN A 179 3.14 11.36 -27.87
CA ASN A 179 3.07 10.11 -28.63
C ASN A 179 3.76 9.00 -27.82
N GLY A 180 4.73 8.29 -28.38
CA GLY A 180 5.40 7.22 -27.68
C GLY A 180 6.39 7.70 -26.65
N ALA A 181 5.91 8.34 -25.58
CA ALA A 181 6.79 8.83 -24.52
C ALA A 181 7.12 7.66 -23.58
N VAL A 182 8.07 6.85 -24.02
CA VAL A 182 8.52 5.72 -23.22
C VAL A 182 9.45 6.23 -22.14
N ILE A 183 9.15 5.90 -20.89
CA ILE A 183 9.91 6.38 -19.74
C ILE A 183 10.57 5.22 -19.00
N LYS A 184 9.84 4.13 -18.78
CA LYS A 184 10.41 2.98 -18.09
C LYS A 184 11.56 2.40 -18.91
N GLY A 185 12.72 2.24 -18.26
CA GLY A 185 13.93 1.77 -18.92
C GLY A 185 14.77 2.84 -19.61
N PHE A 186 14.33 4.10 -19.60
CA PHE A 186 15.03 5.15 -20.33
C PHE A 186 15.06 6.46 -19.56
N GLU A 187 14.70 6.42 -18.27
CA GLU A 187 14.52 7.64 -17.50
C GLU A 187 15.83 8.40 -17.36
N ARG A 188 16.95 7.68 -17.22
CA ARG A 188 18.24 8.35 -17.16
C ARG A 188 18.52 9.13 -18.43
N ASP A 189 17.97 8.71 -19.56
CA ASP A 189 18.18 9.42 -20.82
C ASP A 189 17.16 10.52 -21.05
N VAL A 190 15.90 10.27 -20.72
CA VAL A 190 14.82 11.20 -21.08
C VAL A 190 14.13 11.80 -19.86
N GLY A 191 14.38 11.30 -18.66
CA GLY A 191 13.75 11.84 -17.47
C GLY A 191 12.49 11.11 -17.07
N THR A 192 11.89 11.57 -15.97
CA THR A 192 10.62 11.05 -15.47
C THR A 192 9.55 12.11 -15.32
N LYS A 193 9.91 13.39 -15.27
CA LYS A 193 8.94 14.46 -15.10
C LYS A 193 8.11 14.65 -16.37
N THR A 194 6.80 14.83 -16.19
CA THR A 194 5.91 15.15 -17.30
C THR A 194 4.87 16.13 -16.81
N SER A 195 4.77 17.29 -17.46
CA SER A 195 3.73 18.26 -17.15
C SER A 195 2.63 18.28 -18.18
N PHE A 196 2.97 18.06 -19.44
CA PHE A 196 2.00 18.03 -20.52
C PHE A 196 2.28 16.80 -21.37
N TYR A 197 1.21 16.13 -21.81
CA TYR A 197 1.31 15.02 -22.76
C TYR A 197 0.41 15.35 -23.95
N GLY A 198 1.02 15.61 -25.11
CA GLY A 198 0.30 15.85 -26.34
C GLY A 198 0.17 14.59 -27.19
N PHE A 199 -0.90 14.53 -27.98
CA PHE A 199 -1.24 13.33 -28.73
C PHE A 199 -2.49 13.52 -29.58
N THR A 200 -2.59 12.77 -30.67
CA THR A 200 -3.87 12.42 -31.25
C THR A 200 -4.28 11.08 -30.69
N VAL A 201 -5.59 10.83 -30.67
CA VAL A 201 -6.05 9.54 -30.18
C VAL A 201 -5.45 8.42 -31.04
N ASN A 202 -5.33 8.67 -32.33
CA ASN A 202 -4.80 7.66 -33.25
C ASN A 202 -3.36 7.28 -32.91
N THR A 203 -2.50 8.29 -32.69
CA THR A 203 -1.10 7.98 -32.41
C THR A 203 -0.91 7.43 -31.00
N LYS A 205 -3.00 5.42 -29.27
CA LYS A 205 -3.33 4.00 -29.30
C LYS A 205 -2.36 3.24 -30.20
N ASN A 206 -1.94 3.82 -31.33
CA ASN A 206 -0.91 3.16 -32.12
C ASN A 206 0.38 2.98 -31.33
N SER A 207 0.72 3.92 -30.44
CA SER A 207 1.92 3.78 -29.61
C SER A 207 1.74 2.68 -28.58
N LEU A 208 0.58 2.62 -27.93
CA LEU A 208 0.29 1.55 -26.98
C LEU A 208 0.35 0.17 -27.63
N VAL A 209 0.12 0.09 -28.94
CA VAL A 209 0.22 -1.19 -29.63
C VAL A 209 1.66 -1.48 -30.05
N SER A 210 2.35 -0.52 -30.66
CA SER A 210 3.69 -0.77 -31.20
C SER A 210 4.75 -0.87 -30.12
N TYR A 211 4.64 -0.09 -29.04
CA TYR A 211 5.73 0.02 -28.07
C TYR A 211 5.38 -0.62 -26.74
N TRP A 212 4.32 -1.44 -26.70
CA TRP A 212 3.90 -2.07 -25.44
C TRP A 212 5.03 -2.86 -24.81
N ASN A 213 5.72 -3.68 -25.61
CA ASN A 213 6.81 -4.49 -25.06
C ASN A 213 8.03 -3.65 -24.72
N LEU A 214 8.20 -2.50 -25.36
CA LEU A 214 9.33 -1.64 -25.07
C LEU A 214 9.16 -0.83 -23.79
N GLY A 215 8.01 -0.91 -23.12
CA GLY A 215 7.82 -0.19 -21.88
C GLY A 215 6.55 0.66 -21.83
N PHE A 216 6.11 1.15 -22.98
CA PHE A 216 4.92 2.00 -23.09
C PHE A 216 3.65 1.19 -22.85
N THR A 217 3.38 0.89 -21.58
CA THR A 217 2.13 0.24 -21.22
C THR A 217 1.04 1.22 -20.81
N SER A 218 1.38 2.50 -20.71
CA SER A 218 0.43 3.56 -20.38
C SER A 218 1.06 4.88 -20.78
N VAL A 219 0.20 5.85 -21.07
CA VAL A 219 0.67 7.21 -21.31
C VAL A 219 1.09 7.79 -19.98
N PRO A 220 1.96 8.80 -19.93
CA PRO A 220 2.40 9.34 -18.63
C PRO A 220 1.23 9.89 -17.84
N GLN A 221 1.26 9.64 -16.53
CA GLN A 221 0.24 10.15 -15.63
C GLN A 221 0.88 10.97 -14.51
N GLY A 222 0.10 11.88 -13.94
CA GLY A 222 0.60 12.78 -12.93
C GLY A 222 -0.53 13.54 -12.29
N GLN A 223 -0.30 13.94 -11.03
CA GLN A 223 -1.32 14.66 -10.29
C GLN A 223 -1.68 15.97 -10.96
N ASP A 224 -0.68 16.76 -11.36
CA ASP A 224 -0.91 18.04 -12.01
C ASP A 224 -0.55 18.01 -13.49
N LEU A 225 -0.49 16.81 -14.08
CA LEU A 225 -0.23 16.68 -15.50
C LEU A 225 -1.50 16.98 -16.29
N GLN A 226 -1.34 17.69 -17.41
CA GLN A 226 -2.46 18.00 -18.29
C GLN A 226 -2.27 17.30 -19.63
N TYR A 227 -3.36 16.80 -20.19
CA TYR A 227 -3.35 16.13 -21.49
C TYR A 227 -3.84 17.09 -22.57
N ILE A 228 -3.06 17.22 -23.64
CA ILE A 228 -3.35 18.16 -24.72
C ILE A 228 -3.81 17.37 -25.93
N PHE A 229 -5.08 17.57 -26.31
CA PHE A 229 -5.66 16.88 -27.47
C PHE A 229 -5.36 17.65 -28.74
N ILE A 230 -4.81 16.97 -29.74
CA ILE A 230 -4.65 17.52 -31.07
C ILE A 230 -5.94 17.22 -31.86
N PRO A 231 -6.68 18.22 -32.31
CA PRO A 231 -7.99 17.93 -32.95
C PRO A 231 -7.85 17.43 -34.38
N SER A 232 -7.28 16.24 -34.54
CA SER A 232 -7.01 15.71 -35.87
C SER A 232 -8.16 14.87 -36.43
N ASP A 233 -9.12 14.47 -35.60
CA ASP A 233 -10.18 13.58 -36.04
C ASP A 233 -11.32 13.68 -35.03
N ILE A 234 -12.50 13.21 -35.46
CA ILE A 234 -13.66 13.22 -34.57
C ILE A 234 -13.41 12.37 -33.33
N ARG A 235 -12.54 11.37 -33.43
CA ARG A 235 -12.19 10.57 -32.26
C ARG A 235 -11.61 11.44 -31.16
N ASP A 236 -10.89 12.50 -31.51
CA ASP A 236 -10.25 13.30 -30.48
C ASP A 236 -11.28 14.05 -29.66
N TYR A 237 -12.28 14.64 -30.32
CA TYR A 237 -13.39 15.26 -29.61
C TYR A 237 -14.16 14.24 -28.79
N VAL A 238 -14.45 13.07 -29.39
CA VAL A 238 -15.18 12.02 -28.67
C VAL A 238 -14.40 11.59 -27.44
N LEU A 240 -11.94 13.29 -25.91
CA LEU A 240 -11.90 14.43 -25.00
C LEU A 240 -13.20 14.55 -24.21
N ARG A 241 -14.34 14.49 -24.89
CA ARG A 241 -15.63 14.61 -24.21
C ARG A 241 -15.82 13.52 -23.18
N SER A 242 -15.52 12.26 -23.57
CA SER A 242 -15.65 11.15 -22.64
C SER A 242 -14.70 11.25 -21.46
N ALA A 243 -13.51 11.85 -21.64
CA ALA A 243 -12.56 11.93 -20.55
C ALA A 243 -12.99 12.93 -19.49
N ILE A 244 -13.52 14.08 -19.90
CA ILE A 244 -13.99 15.07 -18.94
C ILE A 244 -15.21 14.56 -18.19
N LEU A 245 -16.10 13.87 -18.89
CA LEU A 245 -17.30 13.33 -18.24
C LEU A 245 -16.96 12.13 -17.35
N GLY A 246 -15.90 11.40 -17.67
CA GLY A 246 -15.57 10.20 -16.93
C GLY A 246 -16.38 8.97 -17.31
N VAL A 247 -16.98 8.98 -18.50
CA VAL A 247 -17.78 7.88 -19.03
C VAL A 247 -16.96 7.19 -20.12
N PRO A 248 -17.12 5.87 -20.34
CA PRO A 248 -16.47 5.25 -21.49
C PRO A 248 -16.97 5.87 -22.79
N VAL A 249 -16.11 5.81 -23.81
CA VAL A 249 -16.44 6.47 -25.07
C VAL A 249 -17.61 5.74 -25.70
N PRO A 250 -18.69 6.45 -26.02
CA PRO A 250 -19.95 5.76 -26.39
C PRO A 250 -20.05 5.47 -27.87
N GLU A 251 -19.38 6.24 -28.70
CA GLU A 251 -19.56 6.13 -30.15
C GLU A 251 -18.21 6.21 -30.86
N GLY A 252 -18.22 5.80 -32.12
CA GLY A 252 -17.07 5.95 -32.99
C GLY A 252 -16.10 4.78 -32.94
N LEU A 253 -14.97 4.99 -33.60
CA LEU A 253 -13.96 3.94 -33.72
C LEU A 253 -13.46 3.46 -32.37
N ASP A 254 -13.41 4.34 -31.37
CA ASP A 254 -12.86 4.01 -30.07
C ASP A 254 -13.94 3.59 -29.07
N LYS A 255 -15.12 3.22 -29.53
CA LYS A 255 -16.22 2.87 -28.64
C LYS A 255 -15.82 1.76 -27.68
N GLY A 256 -16.14 1.94 -26.40
CA GLY A 256 -15.81 0.99 -25.37
C GLY A 256 -14.59 1.34 -24.54
N ASP A 257 -13.67 2.15 -25.06
CA ASP A 257 -12.46 2.45 -24.30
C ASP A 257 -12.81 3.18 -23.01
N ARG A 258 -11.98 2.97 -21.99
CA ARG A 258 -12.19 3.62 -20.70
C ARG A 258 -11.21 4.78 -20.59
N PRO A 259 -11.67 6.02 -20.62
CA PRO A 259 -10.73 7.15 -20.47
C PRO A 259 -9.92 7.08 -19.18
N HIS A 260 -10.53 6.62 -18.08
CA HIS A 260 -9.79 6.48 -16.84
C HIS A 260 -8.56 5.59 -17.00
N ALA A 261 -8.67 4.54 -17.82
CA ALA A 261 -7.53 3.65 -18.02
C ALA A 261 -6.43 4.29 -18.85
N TYR A 262 -6.76 5.30 -19.65
CA TYR A 262 -5.74 6.11 -20.33
C TYR A 262 -5.18 7.20 -19.43
N PHE A 263 -6.04 7.99 -18.80
CA PHE A 263 -5.63 9.26 -18.21
C PHE A 263 -5.70 9.31 -16.70
N GLY A 264 -6.09 8.23 -16.03
CA GLY A 264 -6.10 8.20 -14.59
C GLY A 264 -7.44 8.59 -13.99
N PRO A 265 -7.47 8.75 -12.65
CA PRO A 265 -8.75 8.90 -11.94
C PRO A 265 -9.44 10.25 -12.08
N GLU A 266 -8.68 11.34 -12.22
CA GLU A 266 -9.30 12.66 -12.28
C GLU A 266 -9.99 12.87 -13.62
N ALA A 267 -11.27 13.22 -13.58
CA ALA A 267 -12.04 13.55 -14.78
C ALA A 267 -12.60 14.96 -14.61
N SER A 268 -11.81 15.96 -15.00
CA SER A 268 -12.26 17.35 -14.93
C SER A 268 -11.70 18.11 -16.13
N ALA A 269 -12.27 19.30 -16.36
CA ALA A 269 -11.79 20.13 -17.45
C ALA A 269 -10.41 20.72 -17.15
N SER A 270 -9.98 20.70 -15.89
CA SER A 270 -8.64 21.11 -15.53
C SER A 270 -7.58 20.13 -16.00
N LYS A 271 -7.99 18.91 -16.37
CA LYS A 271 -7.06 17.85 -16.76
C LYS A 271 -6.82 17.77 -18.26
N PHE A 272 -7.80 18.18 -19.07
CA PHE A 272 -7.78 17.91 -20.51
C PHE A 272 -7.98 19.20 -21.27
N LYS A 273 -7.11 19.46 -22.24
CA LYS A 273 -7.13 20.69 -23.03
C LYS A 273 -7.09 20.33 -24.51
N LEU A 274 -7.45 21.31 -25.34
CA LEU A 274 -7.65 21.09 -26.77
C LEU A 274 -6.92 22.18 -27.54
N LEU A 275 -5.97 21.77 -28.38
CA LEU A 275 -5.23 22.71 -29.21
C LEU A 275 -6.15 23.37 -30.23
N HIS A 276 -6.03 24.68 -30.37
CA HIS A 276 -6.92 25.43 -31.25
C HIS A 276 -6.61 25.13 -32.72
N PRO A 277 -7.61 24.75 -33.53
CA PRO A 277 -7.35 24.59 -34.97
C PRO A 277 -6.77 25.81 -35.64
N ASP A 278 -7.12 27.02 -35.20
CA ASP A 278 -6.54 28.20 -35.84
C ASP A 278 -5.08 28.37 -35.44
N PHE A 279 -4.69 27.83 -34.27
CA PHE A 279 -3.28 27.85 -33.90
C PHE A 279 -2.48 26.95 -34.82
N ILE A 280 -3.02 25.78 -35.17
CA ILE A 280 -2.34 24.87 -36.06
C ILE A 280 -2.24 25.46 -37.47
N SER A 281 -3.31 26.10 -37.96
CA SER A 281 -3.23 26.76 -39.26
C SER A 281 -2.16 27.85 -39.25
N TYR A 282 -2.13 28.66 -38.18
CA TYR A 282 -1.15 29.73 -38.10
C TYR A 282 0.27 29.19 -38.03
N LEU A 283 0.47 28.04 -37.35
CA LEU A 283 1.79 27.43 -37.31
C LEU A 283 2.23 26.96 -38.70
N THR A 284 1.34 26.27 -39.41
CA THR A 284 1.65 25.82 -40.76
C THR A 284 1.96 26.99 -41.67
N GLU A 285 1.10 28.01 -41.65
CA GLU A 285 1.22 29.11 -42.61
C GLU A 285 2.48 29.93 -42.37
N ARG A 286 2.88 30.12 -41.11
CA ARG A 286 3.95 31.06 -40.80
C ARG A 286 5.30 30.42 -40.57
N PHE A 287 5.34 29.18 -40.06
CA PHE A 287 6.58 28.52 -39.70
C PHE A 287 6.89 27.28 -40.53
N LEU A 288 5.88 26.55 -40.99
CA LEU A 288 6.11 25.25 -41.62
C LEU A 288 5.22 25.06 -42.84
N LYS A 289 5.13 26.06 -43.72
CA LYS A 289 4.32 25.92 -44.93
C LYS A 289 5.16 25.18 -45.96
N SER A 290 5.17 23.85 -45.83
CA SER A 290 5.95 23.00 -46.70
C SER A 290 5.39 22.98 -48.11
N LYS A 291 6.29 22.78 -49.09
CA LYS A 291 5.87 22.64 -50.48
C LYS A 291 5.12 21.35 -50.74
N LEU A 292 4.93 20.50 -49.73
CA LEU A 292 4.13 19.29 -49.86
C LEU A 292 2.64 19.57 -49.94
N ILE A 293 2.22 20.82 -49.73
CA ILE A 293 0.82 21.20 -49.82
C ILE A 293 0.37 21.22 -51.28
N LEU A 300 -3.44 14.99 -46.45
CA LEU A 300 -3.21 16.42 -46.23
C LEU A 300 -1.96 16.62 -45.39
N TYR A 301 -1.20 17.66 -45.72
CA TYR A 301 0.00 17.99 -44.98
C TYR A 301 -0.33 18.61 -43.63
N PRO A 303 2.15 19.55 -39.69
CA PRO A 303 3.39 19.35 -38.94
C PRO A 303 3.31 18.10 -38.07
N SER A 304 4.48 17.64 -37.64
CA SER A 304 4.54 16.53 -36.70
C SER A 304 3.98 16.96 -35.35
N THR A 305 3.49 15.97 -34.58
CA THR A 305 2.99 16.27 -33.24
C THR A 305 4.07 16.93 -32.40
N GLY A 306 5.33 16.47 -32.52
CA GLY A 306 6.43 17.11 -31.82
C GLY A 306 6.56 18.57 -32.17
N ALA A 307 6.64 18.86 -33.48
CA ALA A 307 6.65 20.25 -33.95
C ALA A 307 5.51 21.06 -33.34
N LEU A 308 4.27 20.56 -33.44
CA LEU A 308 3.13 21.23 -32.83
C LEU A 308 3.39 21.53 -31.36
N LEU A 310 6.34 21.47 -29.67
CA LEU A 310 7.46 22.39 -29.49
C LEU A 310 7.03 23.83 -29.73
N LEU A 311 6.30 24.06 -30.82
CA LEU A 311 5.81 25.41 -31.13
C LEU A 311 4.78 25.86 -30.13
N THR A 312 3.97 24.95 -29.58
CA THR A 312 3.07 25.33 -28.49
C THR A 312 3.85 25.88 -27.31
N ALA A 313 4.97 25.23 -26.97
CA ALA A 313 5.82 25.69 -25.87
C ALA A 313 6.46 27.04 -26.21
N LEU A 314 6.93 27.20 -27.45
CA LEU A 314 7.53 28.46 -27.86
C LEU A 314 6.58 29.63 -27.66
N HIS A 315 5.27 29.39 -27.71
CA HIS A 315 4.28 30.45 -27.60
C HIS A 315 3.75 30.64 -26.17
N THR A 316 4.02 29.71 -25.26
CA THR A 316 3.50 29.79 -23.90
C THR A 316 4.58 29.84 -22.83
N CYS A 317 5.83 29.53 -23.14
CA CYS A 317 6.91 29.50 -22.17
C CYS A 317 7.85 30.67 -22.37
N ASP A 318 8.60 30.99 -21.31
CA ASP A 318 9.61 32.04 -21.37
C ASP A 318 10.95 31.52 -21.88
N GLN A 319 11.19 30.22 -21.84
CA GLN A 319 12.39 29.62 -22.42
C GLN A 319 12.10 28.14 -22.54
N VAL A 320 12.47 27.56 -23.68
CA VAL A 320 12.18 26.15 -23.94
C VAL A 320 13.44 25.48 -24.48
N SER A 321 13.75 24.31 -23.95
CA SER A 321 14.78 23.43 -24.46
C SER A 321 14.12 22.28 -25.19
N ALA A 322 14.65 21.94 -26.35
CA ALA A 322 14.14 20.83 -27.15
C ALA A 322 15.12 19.66 -27.09
N TYR A 323 14.61 18.49 -26.73
CA TYR A 323 15.38 17.26 -26.66
C TYR A 323 14.70 16.19 -27.53
N GLY A 324 15.50 15.46 -28.28
CA GLY A 324 14.96 14.36 -29.06
C GLY A 324 14.33 14.75 -30.37
N PHE A 325 14.62 15.94 -30.87
CA PHE A 325 14.07 16.40 -32.12
C PHE A 325 15.07 16.21 -33.25
N ILE A 326 14.55 16.08 -34.46
CA ILE A 326 15.37 15.69 -35.60
C ILE A 326 16.43 16.75 -35.84
N THR A 327 17.66 16.31 -36.08
CA THR A 327 18.79 17.19 -36.35
C THR A 327 19.51 16.70 -37.61
N SER A 328 20.51 17.47 -38.04
CA SER A 328 21.16 17.17 -39.31
C SER A 328 21.88 15.83 -39.27
N ASN A 329 22.50 15.50 -38.14
CA ASN A 329 23.14 14.19 -37.98
C ASN A 329 22.17 13.15 -37.44
N TYR A 330 20.89 13.28 -37.76
CA TYR A 330 19.89 12.29 -37.36
C TYR A 330 20.33 10.88 -37.73
N TRP A 331 20.99 10.73 -38.88
CA TRP A 331 21.33 9.43 -39.42
C TRP A 331 22.25 8.64 -38.50
N LYS A 332 22.90 9.31 -37.55
CA LYS A 332 23.78 8.62 -36.62
C LYS A 332 23.04 7.87 -35.53
N PHE A 333 21.72 8.08 -35.39
CA PHE A 333 20.97 7.52 -34.27
C PHE A 333 19.79 6.72 -34.80
N SER A 334 19.30 5.81 -33.95
CA SER A 334 18.11 5.03 -34.29
C SER A 334 16.90 5.97 -34.43
N ASP A 335 15.84 5.43 -35.01
CA ASP A 335 14.62 6.22 -35.26
C ASP A 335 14.08 6.83 -33.98
N HIS A 336 13.98 6.02 -32.93
CA HIS A 336 13.54 6.46 -31.62
C HIS A 336 14.55 6.04 -30.57
N TYR A 337 14.58 6.79 -29.47
CA TYR A 337 15.51 6.49 -28.39
C TYR A 337 15.22 5.16 -27.72
N PHE A 338 14.00 4.64 -27.88
CA PHE A 338 13.55 3.47 -27.15
C PHE A 338 13.47 2.23 -28.03
N GLU A 339 13.88 2.31 -29.29
CA GLU A 339 13.82 1.16 -30.18
C GLU A 339 14.60 -0.01 -29.57
N ARG A 340 14.37 -1.20 -30.13
CA ARG A 340 15.12 -2.38 -29.70
C ARG A 340 16.53 -2.36 -30.28
N LYS A 341 16.64 -2.24 -31.59
CA LYS A 341 17.91 -1.96 -32.25
C LYS A 341 17.76 -0.73 -33.13
N LYS A 343 16.54 1.41 -35.73
CA LYS A 343 15.41 1.48 -36.63
C LYS A 343 15.51 2.73 -37.51
N PRO A 344 15.02 2.67 -38.76
CA PRO A 344 15.12 3.82 -39.68
C PRO A 344 14.16 4.96 -39.31
N ALA A 349 1.83 9.23 -42.14
CA ALA A 349 1.27 10.56 -42.32
C ALA A 349 2.21 11.43 -43.15
N ASN A 350 1.75 12.63 -43.50
CA ASN A 350 2.47 13.52 -44.42
C ASN A 350 3.10 14.67 -43.63
N HIS A 351 4.41 14.60 -43.42
CA HIS A 351 5.16 15.64 -42.74
C HIS A 351 6.37 16.05 -43.57
N ASP A 352 6.96 17.18 -43.21
CA ASP A 352 8.20 17.66 -43.81
C ASP A 352 9.24 17.72 -42.70
N LEU A 353 9.87 16.57 -42.41
CA LEU A 353 10.85 16.52 -41.35
C LEU A 353 12.04 17.42 -41.64
N SER A 354 12.42 17.54 -42.92
CA SER A 354 13.53 18.41 -43.29
C SER A 354 13.21 19.87 -42.98
N LEU A 355 11.98 20.29 -43.27
CA LEU A 355 11.59 21.66 -42.92
C LEU A 355 11.63 21.85 -41.41
N GLU A 356 11.07 20.90 -40.65
CA GLU A 356 11.06 21.04 -39.20
C GLU A 356 12.47 21.12 -38.64
N ALA A 357 13.37 20.27 -39.14
CA ALA A 357 14.76 20.31 -38.70
C ALA A 357 15.39 21.66 -39.01
N ALA A 358 15.08 22.25 -40.17
CA ALA A 358 15.65 23.53 -40.51
C ALA A 358 15.07 24.63 -39.63
N LEU A 359 13.80 24.50 -39.26
CA LEU A 359 13.18 25.43 -38.32
C LEU A 359 13.92 25.40 -36.97
N TRP A 360 14.15 24.21 -36.41
CA TRP A 360 14.81 24.16 -35.11
C TRP A 360 16.24 24.68 -35.20
N ARG A 361 16.89 24.49 -36.35
CA ARG A 361 18.23 25.05 -36.53
C ARG A 361 18.18 26.58 -36.51
N ASP A 362 17.26 27.17 -37.28
CA ASP A 362 17.19 28.63 -37.31
C ASP A 362 16.77 29.19 -35.96
N LEU A 363 15.85 28.52 -35.27
CA LEU A 363 15.48 28.96 -33.93
C LEU A 363 16.68 28.88 -32.98
N HIS A 364 17.49 27.84 -33.11
CA HIS A 364 18.68 27.70 -32.26
C HIS A 364 19.66 28.84 -32.51
N LYS A 365 19.98 29.08 -33.79
CA LYS A 365 20.94 30.13 -34.13
C LYS A 365 20.46 31.51 -33.68
N ALA A 366 19.17 31.77 -33.80
CA ALA A 366 18.63 33.05 -33.34
C ALA A 366 18.57 33.15 -31.82
N GLY A 367 19.01 32.13 -31.09
CA GLY A 367 18.97 32.15 -29.65
C GLY A 367 17.58 32.01 -29.05
N ILE A 368 16.57 31.73 -29.87
CA ILE A 368 15.21 31.61 -29.38
C ILE A 368 14.99 30.25 -28.75
N LEU A 369 15.73 29.25 -29.20
CA LEU A 369 15.51 27.87 -28.81
C LEU A 369 16.84 27.25 -28.42
N GLN A 370 16.86 26.57 -27.28
CA GLN A 370 17.98 25.70 -26.91
C GLN A 370 17.70 24.31 -27.47
N LEU A 371 18.51 23.89 -28.44
CA LEU A 371 18.33 22.62 -29.13
C LEU A 371 19.44 21.66 -28.71
N TYR A 372 19.06 20.50 -28.18
CA TYR A 372 20.06 19.53 -27.75
C TYR A 372 20.65 18.83 -28.95
N GLN A 373 21.96 18.90 -29.08
CA GLN A 373 22.66 18.31 -30.22
C GLN A 373 23.84 17.50 -29.71
N ARG A 374 24.31 16.59 -30.57
CA ARG A 374 25.59 15.94 -30.33
C ARG A 374 26.07 15.20 -31.57
N CYS B 66 1.98 1.67 36.97
CA CYS B 66 0.72 1.25 36.39
C CYS B 66 0.58 -0.26 36.50
N ARG B 67 0.91 -0.81 37.66
CA ARG B 67 0.75 -2.24 37.88
C ARG B 67 -0.67 -2.63 38.25
N HIS B 68 -1.66 -2.03 37.58
CA HIS B 68 -3.07 -2.37 37.72
C HIS B 68 -3.39 -3.76 37.17
N LEU B 69 -2.38 -4.55 36.84
CA LEU B 69 -2.57 -5.85 36.20
C LEU B 69 -1.69 -6.90 36.84
N LEU B 70 -0.37 -6.79 36.64
CA LEU B 70 0.56 -7.82 37.07
C LEU B 70 0.61 -7.92 38.60
N HIS B 71 0.94 -6.82 39.26
CA HIS B 71 1.15 -6.85 40.71
C HIS B 71 -0.13 -7.23 41.45
N LEU B 72 -1.28 -6.77 40.96
CA LEU B 72 -2.55 -7.11 41.60
C LEU B 72 -2.79 -8.60 41.59
N ALA B 73 -2.52 -9.27 40.47
CA ALA B 73 -2.62 -10.72 40.43
C ALA B 73 -1.53 -11.38 41.27
N ILE B 74 -0.35 -10.76 41.33
CA ILE B 74 0.74 -11.30 42.16
C ILE B 74 0.37 -11.26 43.62
N GLN B 75 -0.06 -10.08 44.12
CA GLN B 75 -0.42 -9.97 45.53
C GLN B 75 -1.64 -10.80 45.87
N ARG B 76 -2.51 -11.05 44.89
CA ARG B 76 -3.71 -11.85 45.13
C ARG B 76 -3.35 -13.29 45.46
N HIS B 77 -2.60 -13.95 44.59
CA HIS B 77 -2.30 -15.37 44.77
C HIS B 77 -1.21 -15.56 45.81
N PRO B 78 -1.41 -16.45 46.79
CA PRO B 78 -0.41 -16.58 47.87
C PRO B 78 0.86 -17.32 47.47
N HIS B 79 0.83 -18.15 46.42
CA HIS B 79 2.02 -18.93 46.09
C HIS B 79 3.14 -18.03 45.57
N PHE B 80 2.85 -17.22 44.56
CA PHE B 80 3.84 -16.27 44.05
C PHE B 80 3.90 -14.99 44.86
N ARG B 81 3.07 -14.86 45.89
CA ARG B 81 3.11 -13.68 46.75
C ARG B 81 4.48 -13.51 47.38
N GLY B 82 5.04 -14.60 47.91
CA GLY B 82 6.35 -14.59 48.53
C GLY B 82 7.48 -15.04 47.63
N LEU B 83 7.17 -15.44 46.40
CA LEU B 83 8.20 -15.91 45.48
C LEU B 83 8.81 -14.77 44.68
N PHE B 84 8.01 -13.79 44.28
CA PHE B 84 8.52 -12.64 43.56
C PHE B 84 9.24 -11.68 44.50
N ASN B 85 10.32 -11.08 43.98
CA ASN B 85 11.11 -10.07 44.70
C ASN B 85 11.45 -8.98 43.70
N LEU B 86 10.61 -7.94 43.65
CA LEU B 86 10.83 -6.82 42.75
C LEU B 86 11.88 -5.83 43.27
N SER B 87 12.71 -6.24 44.24
CA SER B 87 13.76 -5.38 44.76
C SER B 87 15.14 -5.75 44.25
N ILE B 88 15.31 -6.96 43.73
CA ILE B 88 16.62 -7.43 43.28
C ILE B 88 16.92 -6.77 41.94
N PRO B 89 18.15 -6.32 41.70
CA PRO B 89 18.46 -5.69 40.41
C PRO B 89 18.38 -6.70 39.27
N VAL B 90 17.73 -6.30 38.18
CA VAL B 90 17.66 -7.15 37.00
C VAL B 90 18.93 -7.01 36.17
N LEU B 91 19.49 -5.82 36.11
CA LEU B 91 20.69 -5.55 35.33
C LEU B 91 21.87 -5.30 36.25
N LEU B 92 23.06 -5.65 35.76
CA LEU B 92 24.31 -5.34 36.42
C LEU B 92 24.94 -4.12 35.76
N TRP B 93 25.45 -3.20 36.57
CA TRP B 93 26.07 -1.98 36.05
C TRP B 93 27.16 -1.51 37.02
N GLY B 94 27.77 -0.36 36.72
CA GLY B 94 29.03 0.01 37.38
C GLY B 94 28.90 0.24 38.88
N ASP B 95 27.86 0.96 39.31
CA ASP B 95 27.72 1.28 40.73
C ASP B 95 27.55 0.03 41.59
N LEU B 96 27.23 -1.11 41.00
CA LEU B 96 27.09 -2.34 41.76
C LEU B 96 28.38 -3.14 41.82
N PHE B 97 29.39 -2.79 41.03
CA PHE B 97 30.66 -3.50 41.02
C PHE B 97 31.49 -3.04 42.21
N THR B 98 31.49 -3.83 43.29
CA THR B 98 32.26 -3.59 44.50
C THR B 98 33.14 -4.80 44.80
N PRO B 99 34.26 -4.62 45.50
CA PRO B 99 35.07 -5.80 45.87
C PRO B 99 34.29 -6.82 46.66
N ALA B 100 33.23 -6.43 47.38
CA ALA B 100 32.36 -7.40 48.03
C ALA B 100 31.67 -8.29 47.00
N LEU B 101 31.03 -7.68 46.00
CA LEU B 101 30.40 -8.46 44.94
C LEU B 101 31.44 -9.32 44.22
N TRP B 102 32.64 -8.78 44.00
CA TRP B 102 33.67 -9.53 43.31
C TRP B 102 34.02 -10.82 44.06
N ASP B 103 34.15 -10.74 45.38
CA ASP B 103 34.44 -11.94 46.16
C ASP B 103 33.30 -12.94 46.08
N ARG B 104 32.08 -12.51 46.41
CA ARG B 104 30.93 -13.41 46.44
C ARG B 104 30.74 -14.07 45.08
N LEU B 105 30.64 -13.27 44.02
CA LEU B 105 30.42 -13.80 42.68
C LEU B 105 31.59 -14.63 42.18
N SER B 106 32.77 -14.51 42.78
CA SER B 106 33.93 -15.29 42.38
C SER B 106 33.85 -16.75 42.81
N GLN B 107 32.85 -17.11 43.61
CA GLN B 107 32.68 -18.49 44.06
C GLN B 107 31.64 -19.25 43.24
N HIS B 108 31.19 -18.68 42.13
CA HIS B 108 30.19 -19.31 41.28
C HIS B 108 30.59 -19.11 39.82
N LYS B 109 30.55 -20.18 39.04
CA LYS B 109 30.87 -20.07 37.63
C LYS B 109 29.57 -19.78 36.87
N ALA B 110 29.48 -20.18 35.60
CA ALA B 110 28.22 -20.17 34.86
C ALA B 110 27.69 -18.73 34.76
N PRO B 111 26.43 -18.51 34.36
CA PRO B 111 25.87 -17.15 34.49
C PRO B 111 25.60 -16.71 35.92
N TYR B 112 25.90 -17.55 36.92
CA TYR B 112 25.58 -17.18 38.30
C TYR B 112 26.68 -16.35 38.95
N GLY B 113 27.90 -16.40 38.42
CA GLY B 113 28.98 -15.64 38.98
C GLY B 113 30.08 -15.48 37.96
N TRP B 114 31.31 -15.32 38.45
CA TRP B 114 32.46 -15.23 37.56
C TRP B 114 33.68 -15.87 38.22
N ARG B 115 33.57 -17.16 38.51
CA ARG B 115 34.70 -17.92 39.04
C ARG B 115 35.70 -18.22 37.93
N GLY B 116 36.97 -17.95 38.19
CA GLY B 116 38.00 -18.19 37.20
C GLY B 116 37.98 -17.23 36.03
N LEU B 117 37.24 -16.12 36.12
CA LEU B 117 37.18 -15.13 35.07
C LEU B 117 38.11 -13.96 35.38
N SER B 118 38.57 -13.30 34.31
CA SER B 118 39.61 -12.28 34.43
C SER B 118 39.08 -11.01 35.07
N HIS B 119 39.75 -10.56 36.13
CA HIS B 119 39.41 -9.26 36.74
C HIS B 119 39.67 -8.12 35.76
N GLN B 120 40.77 -8.21 35.00
CA GLN B 120 41.00 -7.21 33.97
C GLN B 120 39.84 -7.15 32.98
N VAL B 121 39.34 -8.30 32.54
CA VAL B 121 38.25 -8.30 31.56
C VAL B 121 36.96 -7.79 32.18
N ILE B 122 36.61 -8.28 33.37
CA ILE B 122 35.34 -7.90 33.99
C ILE B 122 35.34 -6.43 34.38
N ALA B 123 36.45 -5.95 34.98
CA ALA B 123 36.49 -4.57 35.44
C ALA B 123 36.48 -3.58 34.27
N SER B 124 37.14 -3.93 33.16
CA SER B 124 37.14 -3.01 32.01
C SER B 124 35.78 -2.97 31.30
N THR B 125 34.99 -4.04 31.39
CA THR B 125 33.65 -3.98 30.82
C THR B 125 32.70 -3.21 31.72
N LEU B 126 32.69 -3.57 33.01
CA LEU B 126 31.75 -2.93 33.94
C LEU B 126 32.01 -1.42 34.06
N SER B 127 33.26 -0.98 33.92
CA SER B 127 33.52 0.46 34.01
C SER B 127 32.99 1.21 32.80
N LEU B 128 32.63 0.53 31.73
CA LEU B 128 31.91 1.16 30.63
C LEU B 128 30.42 1.32 30.93
N LEU B 129 29.87 0.54 31.86
CA LEU B 129 28.45 0.62 32.23
C LEU B 129 28.24 1.57 33.39
N ASN B 130 28.94 2.70 33.39
CA ASN B 130 28.98 3.60 34.53
C ASN B 130 27.77 4.50 34.61
N GLY B 131 27.08 4.75 33.50
CA GLY B 131 25.94 5.63 33.51
C GLY B 131 24.70 4.95 34.07
N SER B 132 23.80 5.78 34.59
CA SER B 132 22.58 5.26 35.21
C SER B 132 21.64 4.60 34.20
N GLU B 133 21.74 4.97 32.92
CA GLU B 133 20.95 4.31 31.91
C GLU B 133 21.28 2.83 31.80
N SER B 134 22.47 2.43 32.22
CA SER B 134 22.87 1.02 32.21
C SER B 134 22.17 0.21 33.29
N ALA B 135 21.52 0.87 34.25
CA ALA B 135 20.95 0.18 35.40
C ALA B 135 19.56 -0.38 35.15
N LYS B 136 18.80 0.17 34.20
CA LYS B 136 17.41 -0.20 34.00
C LYS B 136 17.12 -0.40 32.51
N LEU B 137 16.08 -1.18 32.22
CA LEU B 137 15.66 -1.40 30.84
C LEU B 137 14.74 -0.28 30.34
N PHE B 138 13.91 0.28 31.22
CA PHE B 138 13.00 1.34 30.85
C PHE B 138 13.39 2.62 31.59
N ALA B 139 13.25 3.76 30.92
CA ALA B 139 13.51 5.04 31.55
C ALA B 139 12.30 5.46 32.39
N PRO B 140 12.44 5.62 33.72
CA PRO B 140 11.33 6.00 34.59
C PRO B 140 10.81 7.41 34.32
N PRO B 145 0.59 11.06 34.65
CA PRO B 145 1.53 10.51 35.63
C PRO B 145 2.47 9.46 35.03
N PRO B 146 2.20 8.18 35.29
CA PRO B 146 3.01 7.08 34.81
C PRO B 146 2.27 6.30 33.73
N LYS B 147 3.03 5.59 32.91
CA LYS B 147 2.51 4.82 31.79
C LYS B 147 2.49 3.34 32.12
N CYS B 148 1.66 2.60 31.38
CA CYS B 148 1.51 1.16 31.54
C CYS B 148 2.43 0.44 30.56
N ILE B 149 3.32 -0.40 31.09
CA ILE B 149 4.33 -1.09 30.30
C ILE B 149 3.79 -2.46 29.92
N ARG B 150 3.37 -2.61 28.66
CA ARG B 150 2.82 -3.86 28.15
C ARG B 150 3.86 -4.54 27.26
N CYS B 151 4.17 -5.79 27.58
CA CYS B 151 5.30 -6.47 26.94
C CYS B 151 4.85 -7.79 26.32
N ALA B 152 5.42 -8.10 25.17
CA ALA B 152 5.32 -9.41 24.54
C ALA B 152 6.70 -10.04 24.49
N VAL B 153 6.77 -11.32 24.84
CA VAL B 153 8.01 -12.09 24.77
C VAL B 153 7.78 -13.19 23.75
N VAL B 154 8.57 -13.19 22.70
CA VAL B 154 8.41 -14.13 21.60
C VAL B 154 9.47 -15.20 21.75
N GLY B 155 9.06 -16.39 22.17
CA GLY B 155 9.87 -17.57 22.00
C GLY B 155 9.85 -18.04 20.56
N ASN B 156 10.71 -19.03 20.29
CA ASN B 156 10.90 -19.52 18.93
C ASN B 156 10.23 -20.87 18.71
N GLY B 157 9.21 -21.19 19.50
CA GLY B 157 8.57 -22.49 19.40
C GLY B 157 7.73 -22.64 18.14
N GLY B 158 7.60 -23.88 17.69
CA GLY B 158 6.85 -24.19 16.49
C GLY B 158 5.38 -23.83 16.55
N ILE B 159 4.84 -23.68 17.76
CA ILE B 159 3.43 -23.31 17.92
C ILE B 159 3.08 -22.01 17.16
N LEU B 160 4.04 -21.10 16.96
CA LEU B 160 3.76 -19.86 16.27
C LEU B 160 3.59 -20.03 14.77
N ASN B 161 4.06 -21.13 14.20
CA ASN B 161 3.99 -21.31 12.75
C ASN B 161 2.55 -21.56 12.33
N GLY B 162 2.02 -20.68 11.48
CA GLY B 162 0.61 -20.72 11.15
C GLY B 162 -0.29 -20.10 12.20
N SER B 163 0.28 -19.48 13.24
CA SER B 163 -0.53 -18.89 14.29
C SER B 163 -1.10 -17.53 13.90
N ARG B 164 -0.43 -16.84 12.97
CA ARG B 164 -0.88 -15.53 12.51
C ARG B 164 -1.03 -14.57 13.69
N GLN B 165 -0.13 -14.69 14.67
CA GLN B 165 -0.13 -13.85 15.86
C GLN B 165 0.62 -12.54 15.67
N GLY B 166 1.09 -12.24 14.46
CA GLY B 166 1.84 -11.03 14.20
C GLY B 166 1.18 -9.75 14.68
N PRO B 167 -0.10 -9.55 14.31
CA PRO B 167 -0.81 -8.35 14.80
C PRO B 167 -0.91 -8.27 16.31
N ASN B 168 -1.18 -9.39 16.99
CA ASN B 168 -1.22 -9.36 18.45
C ASN B 168 0.16 -9.07 19.03
N ILE B 169 1.21 -9.69 18.49
CA ILE B 169 2.55 -9.45 19.03
C ILE B 169 2.93 -7.99 18.87
N ASP B 170 2.78 -7.44 17.67
CA ASP B 170 3.21 -6.07 17.40
C ASP B 170 2.33 -5.03 18.07
N ALA B 171 1.14 -5.39 18.53
CA ALA B 171 0.28 -4.44 19.22
C ALA B 171 0.82 -4.04 20.59
N HIS B 172 1.75 -4.79 21.15
CA HIS B 172 2.37 -4.40 22.41
C HIS B 172 3.38 -3.28 22.17
N ASP B 173 3.57 -2.44 23.19
CA ASP B 173 4.52 -1.36 23.01
C ASP B 173 5.98 -1.80 23.21
N TYR B 174 6.21 -2.98 23.78
CA TYR B 174 7.56 -3.53 23.92
C TYR B 174 7.53 -5.01 23.58
N VAL B 175 8.48 -5.45 22.75
CA VAL B 175 8.57 -6.83 22.28
C VAL B 175 9.95 -7.37 22.64
N PHE B 176 9.97 -8.55 23.26
CA PHE B 176 11.19 -9.28 23.57
C PHE B 176 11.34 -10.43 22.59
N ARG B 177 12.52 -10.54 21.97
CA ARG B 177 12.90 -11.65 21.13
C ARG B 177 14.26 -12.13 21.59
N LEU B 178 14.68 -13.31 21.12
CA LEU B 178 15.95 -13.86 21.56
C LEU B 178 16.40 -15.00 20.65
N ASN B 179 17.71 -15.24 20.67
CA ASN B 179 18.35 -16.40 20.02
C ASN B 179 17.98 -16.40 18.54
N GLY B 180 17.43 -17.48 18.00
CA GLY B 180 17.07 -17.53 16.59
C GLY B 180 15.81 -16.78 16.25
N ALA B 181 15.84 -15.45 16.33
CA ALA B 181 14.64 -14.64 16.12
C ALA B 181 14.48 -14.35 14.63
N VAL B 182 14.03 -15.37 13.90
CA VAL B 182 13.86 -15.23 12.45
C VAL B 182 12.59 -14.44 12.18
N ILE B 183 12.73 -13.36 11.39
CA ILE B 183 11.63 -12.46 11.11
C ILE B 183 11.25 -12.46 9.63
N LYS B 184 12.23 -12.46 8.74
CA LYS B 184 11.95 -12.55 7.31
C LYS B 184 11.30 -13.89 6.99
N GLY B 185 10.17 -13.86 6.28
CA GLY B 185 9.41 -15.05 5.95
C GLY B 185 8.32 -15.42 6.95
N PHE B 186 8.31 -14.82 8.15
CA PHE B 186 7.42 -15.20 9.23
C PHE B 186 6.83 -13.98 9.95
N GLU B 187 6.88 -12.82 9.31
CA GLU B 187 6.34 -11.59 9.89
C GLU B 187 4.89 -11.77 10.28
N ARG B 188 4.11 -12.42 9.43
CA ARG B 188 2.69 -12.59 9.71
C ARG B 188 2.48 -13.48 10.93
N ASP B 189 3.42 -14.37 11.23
CA ASP B 189 3.26 -15.25 12.39
C ASP B 189 3.85 -14.67 13.66
N VAL B 190 5.00 -14.01 13.60
CA VAL B 190 5.72 -13.59 14.80
C VAL B 190 5.90 -12.09 14.89
N GLY B 191 5.48 -11.33 13.87
CA GLY B 191 5.57 -9.88 13.93
C GLY B 191 6.90 -9.38 13.42
N THR B 192 7.06 -8.05 13.48
CA THR B 192 8.30 -7.41 13.06
C THR B 192 8.87 -6.49 14.12
N LYS B 193 8.13 -6.18 15.19
CA LYS B 193 8.60 -5.28 16.22
C LYS B 193 9.59 -5.97 17.14
N THR B 194 10.69 -5.28 17.46
CA THR B 194 11.63 -5.72 18.48
C THR B 194 12.09 -4.52 19.30
N SER B 195 11.95 -4.62 20.61
CA SER B 195 12.47 -3.63 21.55
C SER B 195 13.68 -4.14 22.32
N PHE B 196 13.77 -5.45 22.55
CA PHE B 196 14.88 -6.05 23.24
C PHE B 196 15.25 -7.35 22.55
N TYR B 197 16.54 -7.61 22.43
CA TYR B 197 17.03 -8.87 21.92
C TYR B 197 18.02 -9.45 22.92
N GLY B 198 17.63 -10.55 23.59
CA GLY B 198 18.50 -11.24 24.52
C GLY B 198 19.22 -12.39 23.86
N PHE B 199 20.36 -12.76 24.44
CA PHE B 199 21.24 -13.75 23.83
C PHE B 199 22.48 -13.99 24.67
N THR B 200 23.06 -15.18 24.59
CA THR B 200 24.48 -15.34 24.84
C THR B 200 25.19 -15.23 23.50
N VAL B 201 26.47 -14.85 23.55
CA VAL B 201 27.25 -14.78 22.33
C VAL B 201 27.30 -16.14 21.66
N ASN B 202 27.39 -17.21 22.46
CA ASN B 202 27.43 -18.55 21.92
C ASN B 202 26.18 -18.85 21.11
N THR B 203 25.00 -18.55 21.65
CA THR B 203 23.76 -18.87 20.95
C THR B 203 23.51 -17.97 19.75
N LYS B 205 25.78 -16.53 17.66
CA LYS B 205 26.58 -16.98 16.52
C LYS B 205 26.14 -18.36 16.04
N ASN B 206 25.73 -19.24 16.95
CA ASN B 206 25.20 -20.55 16.54
C ASN B 206 23.93 -20.40 15.71
N SER B 207 23.07 -19.44 16.05
CA SER B 207 21.87 -19.22 15.25
C SER B 207 22.20 -18.69 13.87
N LEU B 208 23.18 -17.78 13.78
CA LEU B 208 23.58 -17.25 12.48
C LEU B 208 24.17 -18.33 11.59
N VAL B 209 24.77 -19.36 12.20
CA VAL B 209 25.28 -20.49 11.41
C VAL B 209 24.14 -21.41 10.99
N SER B 210 23.32 -21.83 11.96
CA SER B 210 22.31 -22.86 11.72
C SER B 210 21.15 -22.35 10.90
N TYR B 211 20.72 -21.12 11.12
CA TYR B 211 19.48 -20.61 10.55
C TYR B 211 19.71 -19.58 9.47
N TRP B 212 20.94 -19.50 8.95
CA TRP B 212 21.26 -18.53 7.91
C TRP B 212 20.37 -18.74 6.68
N ASN B 213 20.25 -19.99 6.23
CA ASN B 213 19.47 -20.28 5.03
C ASN B 213 17.98 -20.09 5.27
N LEU B 214 17.53 -20.23 6.52
CA LEU B 214 16.12 -20.01 6.84
C LEU B 214 15.75 -18.54 6.90
N GLY B 215 16.73 -17.63 6.78
CA GLY B 215 16.44 -16.21 6.77
C GLY B 215 17.23 -15.38 7.77
N PHE B 216 17.73 -16.02 8.83
CA PHE B 216 18.41 -15.34 9.93
C PHE B 216 19.83 -14.94 9.51
N THR B 217 19.92 -13.84 8.79
CA THR B 217 21.20 -13.34 8.32
C THR B 217 21.75 -12.23 9.20
N SER B 218 21.00 -11.79 10.21
CA SER B 218 21.42 -10.80 11.18
C SER B 218 20.45 -10.85 12.35
N VAL B 219 20.90 -10.35 13.50
CA VAL B 219 20.02 -10.23 14.66
C VAL B 219 19.11 -9.05 14.41
N PRO B 220 17.96 -8.93 15.09
CA PRO B 220 17.07 -7.79 14.82
C PRO B 220 17.76 -6.47 15.14
N GLN B 221 17.47 -5.46 14.32
CA GLN B 221 18.04 -4.13 14.44
C GLN B 221 16.93 -3.11 14.64
N GLY B 222 17.32 -1.95 15.17
CA GLY B 222 16.36 -0.92 15.52
C GLY B 222 17.04 0.24 16.22
N GLN B 223 16.59 1.47 15.94
CA GLN B 223 17.24 2.62 16.54
C GLN B 223 17.01 2.66 18.04
N ASP B 224 15.84 2.22 18.51
CA ASP B 224 15.53 2.22 19.94
C ASP B 224 15.57 0.82 20.54
N LEU B 225 16.27 -0.10 19.88
CA LEU B 225 16.36 -1.48 20.33
C LEU B 225 17.57 -1.64 21.24
N GLN B 226 17.36 -2.25 22.40
CA GLN B 226 18.45 -2.55 23.33
C GLN B 226 18.81 -4.03 23.23
N TYR B 227 20.11 -4.31 23.32
CA TYR B 227 20.62 -5.68 23.33
C TYR B 227 20.93 -6.08 24.77
N ILE B 228 20.39 -7.21 25.20
CA ILE B 228 20.55 -7.68 26.58
C ILE B 228 21.50 -8.86 26.57
N PHE B 229 22.69 -8.67 27.14
CA PHE B 229 23.68 -9.73 27.21
C PHE B 229 23.39 -10.65 28.39
N ILE B 230 23.47 -11.95 28.16
CA ILE B 230 23.41 -12.94 29.22
C ILE B 230 24.85 -13.28 29.60
N PRO B 231 25.24 -13.12 30.86
CA PRO B 231 26.66 -13.32 31.21
C PRO B 231 27.03 -14.79 31.35
N SER B 232 26.96 -15.53 30.24
CA SER B 232 27.21 -16.97 30.30
C SER B 232 28.71 -17.29 30.43
N ASP B 233 29.58 -16.56 29.74
CA ASP B 233 31.01 -16.77 29.88
C ASP B 233 31.74 -15.50 29.42
N ILE B 234 33.07 -15.54 29.49
CA ILE B 234 33.87 -14.34 29.22
C ILE B 234 33.58 -13.76 27.84
N ARG B 235 33.29 -14.63 26.86
CA ARG B 235 32.93 -14.14 25.53
C ARG B 235 31.85 -13.07 25.60
N ASP B 236 30.95 -13.16 26.57
CA ASP B 236 29.87 -12.18 26.66
C ASP B 236 30.39 -10.82 27.11
N TYR B 237 31.22 -10.80 28.17
CA TYR B 237 31.81 -9.54 28.62
C TYR B 237 32.69 -8.94 27.52
N VAL B 238 33.50 -9.77 26.85
CA VAL B 238 34.37 -9.28 25.78
C VAL B 238 33.56 -8.61 24.68
N LEU B 240 30.33 -7.51 24.83
CA LEU B 240 29.72 -6.31 25.39
C LEU B 240 30.69 -5.14 25.39
N ARG B 241 31.93 -5.37 25.85
CA ARG B 241 32.91 -4.29 25.90
C ARG B 241 33.23 -3.76 24.51
N SER B 242 33.49 -4.66 23.56
CA SER B 242 33.83 -4.23 22.20
C SER B 242 32.66 -3.50 21.54
N ALA B 243 31.43 -3.94 21.84
CA ALA B 243 30.27 -3.31 21.22
C ALA B 243 30.07 -1.89 21.72
N ILE B 244 30.29 -1.65 23.01
CA ILE B 244 30.16 -0.30 23.54
C ILE B 244 31.30 0.58 23.05
N LEU B 245 32.52 0.03 22.96
CA LEU B 245 33.65 0.81 22.47
C LEU B 245 33.58 1.04 20.96
N GLY B 246 32.87 0.19 20.22
CA GLY B 246 32.87 0.30 18.78
C GLY B 246 34.11 -0.23 18.10
N VAL B 247 34.78 -1.20 18.73
CA VAL B 247 36.05 -1.74 18.24
C VAL B 247 35.82 -3.22 17.91
N PRO B 248 36.54 -3.78 16.94
CA PRO B 248 36.50 -5.23 16.77
C PRO B 248 37.00 -5.93 18.03
N VAL B 249 36.47 -7.12 18.28
CA VAL B 249 36.80 -7.79 19.54
C VAL B 249 38.27 -8.22 19.50
N PRO B 250 39.07 -7.88 20.53
CA PRO B 250 40.52 -8.03 20.40
C PRO B 250 41.07 -9.35 20.93
N GLU B 251 40.30 -10.05 21.77
CA GLU B 251 40.82 -11.23 22.44
C GLU B 251 39.72 -12.29 22.50
N GLY B 252 40.09 -13.46 23.02
CA GLY B 252 39.13 -14.52 23.26
C GLY B 252 38.77 -15.30 22.01
N LEU B 253 37.75 -16.15 22.19
CA LEU B 253 37.35 -17.07 21.12
C LEU B 253 36.74 -16.33 19.93
N ASP B 254 36.18 -15.14 20.16
CA ASP B 254 35.52 -14.38 19.10
C ASP B 254 36.42 -13.29 18.52
N LYS B 255 37.73 -13.39 18.73
CA LYS B 255 38.66 -12.36 18.27
C LYS B 255 38.50 -12.11 16.77
N GLY B 256 38.31 -10.85 16.41
CA GLY B 256 38.18 -10.43 15.02
C GLY B 256 36.79 -10.00 14.61
N ASP B 257 35.75 -10.34 15.37
CA ASP B 257 34.40 -9.98 14.94
C ASP B 257 34.19 -8.47 15.00
N ARG B 258 33.30 -7.98 14.15
CA ARG B 258 32.95 -6.57 14.16
C ARG B 258 31.60 -6.43 14.86
N PRO B 259 31.55 -5.82 16.04
CA PRO B 259 30.24 -5.66 16.72
C PRO B 259 29.26 -4.85 15.90
N HIS B 260 29.73 -3.88 15.12
CA HIS B 260 28.83 -3.12 14.25
C HIS B 260 28.05 -4.02 13.30
N ALA B 261 28.69 -5.08 12.79
CA ALA B 261 27.99 -5.97 11.87
C ALA B 261 26.90 -6.75 12.57
N TYR B 262 27.07 -7.04 13.86
CA TYR B 262 26.00 -7.65 14.64
C TYR B 262 24.93 -6.63 15.04
N PHE B 263 25.35 -5.48 15.57
CA PHE B 263 24.43 -4.64 16.32
C PHE B 263 24.10 -3.31 15.65
N GLY B 264 24.74 -2.97 14.54
CA GLY B 264 24.45 -1.74 13.86
C GLY B 264 25.41 -0.61 14.20
N PRO B 265 25.11 0.59 13.70
CA PRO B 265 26.10 1.68 13.77
C PRO B 265 26.31 2.25 15.17
N GLU B 266 25.31 2.19 16.05
CA GLU B 266 25.41 2.85 17.35
C GLU B 266 26.26 2.03 18.31
N ALA B 267 27.27 2.68 18.91
CA ALA B 267 28.18 2.06 19.86
C ALA B 267 28.17 2.92 21.14
N SER B 268 27.11 2.79 21.94
CA SER B 268 26.97 3.51 23.19
C SER B 268 26.51 2.54 24.27
N ALA B 269 26.52 3.01 25.52
CA ALA B 269 26.04 2.18 26.61
C ALA B 269 24.53 2.22 26.75
N SER B 270 23.84 3.09 26.01
CA SER B 270 22.38 3.10 26.00
C SER B 270 21.83 1.90 25.25
N LYS B 271 22.62 1.31 24.36
CA LYS B 271 22.14 0.26 23.48
C LYS B 271 22.44 -1.14 24.00
N PHE B 272 23.36 -1.30 24.95
CA PHE B 272 23.81 -2.62 25.38
C PHE B 272 23.66 -2.74 26.89
N LYS B 273 22.92 -3.75 27.33
CA LYS B 273 22.69 -3.99 28.74
C LYS B 273 23.15 -5.40 29.13
N LEU B 274 23.34 -5.60 30.44
CA LEU B 274 23.92 -6.83 30.97
C LEU B 274 23.03 -7.36 32.09
N LEU B 275 22.49 -8.56 31.91
CA LEU B 275 21.64 -9.17 32.93
C LEU B 275 22.48 -9.56 34.14
N HIS B 276 21.94 -9.31 35.32
CA HIS B 276 22.68 -9.47 36.57
C HIS B 276 22.78 -10.94 36.94
N PRO B 277 23.99 -11.45 37.20
CA PRO B 277 24.11 -12.85 37.68
C PRO B 277 23.30 -13.13 38.95
N ASP B 278 23.20 -12.16 39.87
CA ASP B 278 22.36 -12.41 41.05
C ASP B 278 20.89 -12.48 40.69
N PHE B 279 20.47 -11.83 39.60
CA PHE B 279 19.09 -11.97 39.16
C PHE B 279 18.86 -13.37 38.59
N ILE B 280 19.86 -13.89 37.87
CA ILE B 280 19.77 -15.24 37.33
C ILE B 280 19.77 -16.28 38.45
N SER B 281 20.63 -16.11 39.45
CA SER B 281 20.60 -17.02 40.60
C SER B 281 19.24 -16.99 41.28
N TYR B 282 18.71 -15.78 41.52
CA TYR B 282 17.40 -15.63 42.14
C TYR B 282 16.33 -16.34 41.33
N LEU B 283 16.37 -16.21 40.00
CA LEU B 283 15.39 -16.87 39.16
C LEU B 283 15.48 -18.38 39.31
N THR B 284 16.70 -18.92 39.24
CA THR B 284 16.87 -20.37 39.35
C THR B 284 16.41 -20.87 40.70
N GLU B 285 16.75 -20.15 41.78
CA GLU B 285 16.46 -20.65 43.12
C GLU B 285 14.99 -20.56 43.46
N ARG B 286 14.29 -19.55 42.94
CA ARG B 286 12.90 -19.30 43.35
C ARG B 286 11.87 -19.85 42.39
N PHE B 287 12.14 -19.83 41.08
CA PHE B 287 11.15 -20.18 40.09
C PHE B 287 11.47 -21.46 39.31
N LEU B 288 12.74 -21.76 39.09
CA LEU B 288 13.11 -22.89 38.25
C LEU B 288 14.14 -23.78 38.94
N LYS B 289 13.97 -23.99 40.24
CA LYS B 289 14.90 -24.85 40.97
C LYS B 289 14.69 -26.30 40.56
N SER B 290 15.35 -26.71 39.49
CA SER B 290 15.15 -28.03 38.94
C SER B 290 15.91 -29.08 39.74
N LYS B 291 15.42 -30.33 39.68
CA LYS B 291 16.12 -31.46 40.26
C LYS B 291 17.31 -31.89 39.42
N LEU B 292 17.52 -31.27 38.25
CA LEU B 292 18.71 -31.49 37.46
C LEU B 292 19.96 -30.87 38.09
N ILE B 293 19.79 -30.11 39.17
CA ILE B 293 20.91 -29.48 39.86
C ILE B 293 21.72 -30.55 40.59
N ASN B 294 22.78 -31.04 39.94
CA ASN B 294 23.61 -32.12 40.45
C ASN B 294 24.84 -32.34 39.57
N THR B 295 25.42 -33.54 39.65
CA THR B 295 26.59 -33.95 38.89
C THR B 295 27.76 -33.00 39.10
N HIS B 296 28.56 -33.25 40.13
CA HIS B 296 29.69 -32.39 40.46
C HIS B 296 30.98 -33.18 40.58
N ASP B 299 27.46 -31.56 35.31
CA ASP B 299 26.35 -30.93 34.61
C ASP B 299 26.00 -29.58 35.22
N LEU B 300 25.91 -28.55 34.37
CA LEU B 300 25.63 -27.18 34.80
C LEU B 300 24.23 -26.79 34.33
N TYR B 301 23.30 -26.78 35.27
CA TYR B 301 21.91 -26.44 34.98
C TYR B 301 21.71 -24.93 34.96
N PRO B 303 18.28 -21.99 33.44
CA PRO B 303 17.10 -21.79 32.60
C PRO B 303 17.48 -21.53 31.15
N SER B 304 16.55 -21.82 30.26
CA SER B 304 16.72 -21.44 28.87
C SER B 304 16.76 -19.93 28.76
N THR B 305 17.34 -19.44 27.65
CA THR B 305 17.38 -18.00 27.45
C THR B 305 15.98 -17.41 27.36
N GLY B 306 15.05 -18.13 26.72
CA GLY B 306 13.68 -17.65 26.67
C GLY B 306 13.06 -17.50 28.05
N ALA B 307 13.29 -18.47 28.93
CA ALA B 307 12.81 -18.36 30.31
C ALA B 307 13.43 -17.15 31.01
N LEU B 308 14.73 -16.94 30.84
CA LEU B 308 15.37 -15.76 31.42
C LEU B 308 14.72 -14.49 30.90
N LEU B 310 11.69 -14.20 29.53
CA LEU B 310 10.30 -14.10 29.96
C LEU B 310 10.21 -13.59 31.39
N LEU B 311 11.00 -14.19 32.28
CA LEU B 311 11.02 -13.76 33.68
C LEU B 311 11.58 -12.34 33.83
N THR B 312 12.53 -11.94 32.99
CA THR B 312 12.97 -10.54 33.04
C THR B 312 11.81 -9.60 32.72
N ALA B 313 10.98 -9.96 31.74
CA ALA B 313 9.82 -9.13 31.44
C ALA B 313 8.85 -9.11 32.62
N LEU B 314 8.64 -10.27 33.25
CA LEU B 314 7.74 -10.33 34.40
C LEU B 314 8.18 -9.40 35.52
N HIS B 315 9.47 -9.14 35.64
CA HIS B 315 9.99 -8.29 36.72
C HIS B 315 10.15 -6.83 36.31
N THR B 316 9.88 -6.48 35.04
CA THR B 316 10.04 -5.12 34.55
C THR B 316 8.83 -4.55 33.83
N CYS B 317 7.80 -5.33 33.57
CA CYS B 317 6.63 -4.88 32.82
C CYS B 317 5.38 -4.94 33.69
N ASP B 318 4.32 -4.29 33.21
CA ASP B 318 3.03 -4.35 33.88
C ASP B 318 2.12 -5.42 33.32
N GLN B 319 2.30 -5.81 32.07
CA GLN B 319 1.56 -6.92 31.49
C GLN B 319 2.51 -7.65 30.57
N VAL B 320 2.48 -8.98 30.60
CA VAL B 320 3.40 -9.80 29.83
C VAL B 320 2.59 -10.87 29.10
N SER B 321 2.71 -10.89 27.78
CA SER B 321 2.15 -11.93 26.93
C SER B 321 3.29 -12.77 26.39
N ALA B 322 3.20 -14.08 26.54
CA ALA B 322 4.23 -15.01 26.09
C ALA B 322 3.74 -15.76 24.87
N TYR B 323 4.51 -15.70 23.79
CA TYR B 323 4.23 -16.34 22.51
C TYR B 323 5.39 -17.26 22.15
N GLY B 324 5.07 -18.47 21.71
CA GLY B 324 6.13 -19.33 21.22
C GLY B 324 6.90 -20.08 22.28
N PHE B 325 6.37 -20.14 23.50
CA PHE B 325 6.99 -20.90 24.56
C PHE B 325 6.41 -22.30 24.65
N ILE B 326 7.16 -23.19 25.32
CA ILE B 326 6.81 -24.60 25.34
C ILE B 326 5.49 -24.79 26.09
N THR B 327 4.57 -25.50 25.45
CA THR B 327 3.27 -25.82 26.03
C THR B 327 3.12 -27.33 26.15
N SER B 328 2.04 -27.77 26.79
CA SER B 328 1.85 -29.19 27.01
C SER B 328 1.63 -29.94 25.70
N ASN B 329 0.97 -29.30 24.73
CA ASN B 329 0.79 -29.89 23.40
C ASN B 329 1.90 -29.49 22.43
N TYR B 330 3.10 -29.24 22.94
CA TYR B 330 4.25 -28.89 22.10
C TYR B 330 4.44 -29.89 20.97
N TRP B 331 4.12 -31.16 21.21
CA TRP B 331 4.42 -32.22 20.26
C TRP B 331 3.66 -32.07 18.95
N LYS B 332 2.58 -31.29 18.92
CA LYS B 332 1.86 -31.10 17.67
C LYS B 332 2.59 -30.17 16.72
N PHE B 333 3.67 -29.54 17.15
CA PHE B 333 4.32 -28.48 16.38
C PHE B 333 5.80 -28.81 16.18
N SER B 334 6.40 -28.14 15.20
CA SER B 334 7.83 -28.27 14.98
C SER B 334 8.62 -27.71 16.16
N ASP B 335 9.90 -28.08 16.22
CA ASP B 335 10.79 -27.53 17.23
C ASP B 335 10.75 -26.01 17.24
N HIS B 336 10.86 -25.40 16.05
CA HIS B 336 10.81 -23.96 15.89
C HIS B 336 9.82 -23.59 14.82
N TYR B 337 9.29 -22.37 14.92
CA TYR B 337 8.33 -21.90 13.92
C TYR B 337 8.99 -21.75 12.55
N PHE B 338 10.29 -21.49 12.50
CA PHE B 338 10.97 -21.26 11.23
C PHE B 338 11.56 -22.52 10.61
N GLU B 339 11.59 -23.62 11.36
CA GLU B 339 12.11 -24.87 10.81
C GLU B 339 11.44 -25.20 9.48
N ARG B 340 12.25 -25.55 8.49
CA ARG B 340 11.76 -25.79 7.14
C ARG B 340 10.75 -26.93 7.13
N LYS B 341 11.15 -28.09 7.63
CA LYS B 341 10.23 -29.17 7.92
C LYS B 341 10.03 -29.28 9.43
N LYS B 343 10.91 -30.07 12.36
CA LYS B 343 12.12 -30.57 13.03
C LYS B 343 11.81 -30.90 14.49
N PRO B 344 12.46 -31.93 15.05
CA PRO B 344 12.21 -32.36 16.44
C PRO B 344 12.76 -31.39 17.48
N TYR B 348 22.73 -29.13 23.72
CA TYR B 348 24.02 -28.76 24.28
C TYR B 348 23.93 -28.36 25.75
N ALA B 349 22.94 -27.52 26.06
CA ALA B 349 22.79 -26.95 27.38
C ALA B 349 21.90 -27.83 28.26
N ASN B 350 21.96 -27.60 29.56
CA ASN B 350 21.19 -28.36 30.55
C ASN B 350 20.02 -27.50 31.01
N HIS B 351 18.82 -27.81 30.51
CA HIS B 351 17.61 -27.11 30.88
C HIS B 351 16.55 -28.10 31.34
N ASP B 352 15.57 -27.60 32.08
CA ASP B 352 14.41 -28.38 32.51
C ASP B 352 13.19 -27.78 31.84
N LEU B 353 12.94 -28.21 30.59
CA LEU B 353 11.86 -27.64 29.81
C LEU B 353 10.49 -28.00 30.40
N SER B 354 10.34 -29.23 30.89
CA SER B 354 9.08 -29.60 31.53
C SER B 354 8.80 -28.69 32.73
N LEU B 355 9.83 -28.36 33.51
CA LEU B 355 9.66 -27.43 34.62
C LEU B 355 9.26 -26.05 34.11
N GLU B 356 9.94 -25.57 33.07
CA GLU B 356 9.61 -24.28 32.49
C GLU B 356 8.18 -24.27 31.97
N ALA B 357 7.78 -25.32 31.25
CA ALA B 357 6.40 -25.42 30.78
C ALA B 357 5.42 -25.39 31.94
N ALA B 358 5.74 -26.06 33.05
CA ALA B 358 4.87 -26.06 34.21
C ALA B 358 4.79 -24.68 34.83
N LEU B 359 5.91 -23.97 34.88
CA LEU B 359 5.92 -22.59 35.38
C LEU B 359 4.99 -21.71 34.56
N TRP B 360 5.12 -21.75 33.23
CA TRP B 360 4.27 -20.90 32.39
C TRP B 360 2.80 -21.26 32.57
N ARG B 361 2.49 -22.55 32.75
CA ARG B 361 1.11 -22.94 33.04
C ARG B 361 0.65 -22.33 34.36
N ASP B 362 1.45 -22.48 35.42
CA ASP B 362 1.04 -21.97 36.72
C ASP B 362 0.96 -20.44 36.71
N LEU B 363 1.93 -19.78 36.08
CA LEU B 363 1.85 -18.32 35.96
C LEU B 363 0.58 -17.91 35.22
N HIS B 364 0.10 -18.75 34.31
CA HIS B 364 -1.06 -18.42 33.50
C HIS B 364 -2.35 -18.61 34.28
N LYS B 365 -2.51 -19.73 34.98
CA LYS B 365 -3.73 -19.97 35.74
C LYS B 365 -3.92 -18.94 36.84
N ALA B 366 -2.84 -18.31 37.31
CA ALA B 366 -2.95 -17.29 38.34
C ALA B 366 -3.08 -15.88 37.76
N GLY B 367 -3.28 -15.76 36.45
CA GLY B 367 -3.39 -14.44 35.85
C GLY B 367 -2.11 -13.62 35.83
N ILE B 368 -1.00 -14.19 36.26
CA ILE B 368 0.27 -13.45 36.23
C ILE B 368 0.71 -13.24 34.79
N LEU B 369 0.44 -14.22 33.93
CA LEU B 369 0.98 -14.29 32.59
C LEU B 369 -0.12 -14.63 31.62
N GLN B 370 -0.17 -13.91 30.50
CA GLN B 370 -1.01 -14.30 29.36
C GLN B 370 -0.16 -15.18 28.44
N LEU B 371 -0.52 -16.45 28.31
CA LEU B 371 0.26 -17.43 27.57
C LEU B 371 -0.50 -17.86 26.32
N TYR B 372 0.15 -17.78 25.17
CA TYR B 372 -0.50 -18.13 23.91
C TYR B 372 -0.55 -19.65 23.78
N GLN B 373 -1.74 -20.16 23.54
CA GLN B 373 -1.97 -21.59 23.47
C GLN B 373 -2.88 -21.87 22.28
N ARG B 374 -2.81 -23.09 21.77
CA ARG B 374 -3.79 -23.57 20.79
C ARG B 374 -3.70 -25.06 20.59
N CYS C 66 -66.98 21.66 -23.45
CA CYS C 66 -66.43 23.01 -23.37
C CYS C 66 -66.05 23.51 -24.77
N ARG C 67 -65.96 22.59 -25.72
CA ARG C 67 -65.59 22.94 -27.09
C ARG C 67 -66.53 23.97 -27.69
N HIS C 68 -67.74 24.11 -27.15
CA HIS C 68 -68.71 25.07 -27.65
C HIS C 68 -68.16 26.49 -27.68
N LEU C 69 -67.11 26.76 -26.91
CA LEU C 69 -66.46 28.07 -26.94
C LEU C 69 -65.88 28.36 -28.32
N LEU C 70 -65.08 27.44 -28.85
CA LEU C 70 -64.47 27.63 -30.17
C LEU C 70 -65.45 27.33 -31.29
N HIS C 71 -66.32 26.35 -31.10
CA HIS C 71 -67.23 25.94 -32.17
C HIS C 71 -68.24 27.04 -32.51
N LEU C 72 -68.73 27.76 -31.50
CA LEU C 72 -69.68 28.84 -31.78
C LEU C 72 -69.07 29.88 -32.70
N ALA C 73 -67.82 30.29 -32.43
CA ALA C 73 -67.19 31.33 -33.24
C ALA C 73 -66.99 30.89 -34.68
N ILE C 74 -66.70 29.61 -34.90
CA ILE C 74 -66.47 29.12 -36.26
C ILE C 74 -67.77 29.13 -37.07
N GLN C 75 -68.91 28.84 -36.43
CA GLN C 75 -70.18 28.86 -37.13
C GLN C 75 -70.77 30.26 -37.23
N ARG C 76 -70.42 31.16 -36.32
CA ARG C 76 -70.88 32.54 -36.40
C ARG C 76 -70.47 33.19 -37.71
N HIS C 77 -69.40 32.71 -38.34
CA HIS C 77 -68.91 33.27 -39.60
C HIS C 77 -69.06 32.24 -40.71
N PRO C 78 -69.67 32.59 -41.84
CA PRO C 78 -69.81 31.60 -42.92
C PRO C 78 -68.50 31.27 -43.61
N HIS C 79 -67.56 32.21 -43.68
CA HIS C 79 -66.33 31.98 -44.44
C HIS C 79 -65.51 30.83 -43.87
N PHE C 80 -65.20 30.89 -42.57
CA PHE C 80 -64.43 29.81 -41.96
C PHE C 80 -65.28 28.59 -41.62
N ARG C 81 -66.61 28.71 -41.65
CA ARG C 81 -67.46 27.55 -41.44
C ARG C 81 -67.34 26.56 -42.59
N GLY C 82 -67.31 27.06 -43.83
CA GLY C 82 -67.15 26.21 -44.99
C GLY C 82 -65.71 25.82 -45.31
N LEU C 83 -64.73 26.40 -44.63
CA LEU C 83 -63.34 26.04 -44.83
C LEU C 83 -62.88 24.98 -43.84
N PHE C 84 -63.28 25.10 -42.58
CA PHE C 84 -62.84 24.17 -41.56
C PHE C 84 -63.43 22.79 -41.79
N ASN C 85 -62.71 21.77 -41.30
CA ASN C 85 -63.17 20.39 -41.36
C ASN C 85 -62.50 19.63 -40.22
N LEU C 86 -63.19 19.52 -39.10
CA LEU C 86 -62.64 18.84 -37.93
C LEU C 86 -62.64 17.32 -38.06
N SER C 87 -62.84 16.78 -39.25
CA SER C 87 -62.93 15.33 -39.44
C SER C 87 -61.63 14.70 -39.92
N ILE C 88 -60.77 15.45 -40.60
CA ILE C 88 -59.57 14.88 -41.20
C ILE C 88 -58.57 14.53 -40.11
N PRO C 89 -57.75 13.49 -40.30
CA PRO C 89 -56.79 13.11 -39.27
C PRO C 89 -55.63 14.11 -39.19
N VAL C 90 -55.34 14.57 -37.97
CA VAL C 90 -54.25 15.51 -37.76
C VAL C 90 -52.91 14.78 -37.73
N LEU C 91 -52.91 13.56 -37.19
CA LEU C 91 -51.71 12.75 -37.03
C LEU C 91 -51.72 11.58 -38.01
N LEU C 92 -50.54 11.03 -38.26
CA LEU C 92 -50.37 9.85 -39.09
C LEU C 92 -49.87 8.69 -38.23
N TRP C 93 -50.53 7.54 -38.34
CA TRP C 93 -50.18 6.35 -37.57
C TRP C 93 -50.43 5.11 -38.42
N GLY C 94 -50.02 3.95 -37.90
CA GLY C 94 -49.94 2.74 -38.71
C GLY C 94 -51.30 2.23 -39.17
N ASP C 95 -52.34 2.49 -38.38
CA ASP C 95 -53.67 2.02 -38.76
C ASP C 95 -54.22 2.74 -39.99
N LEU C 96 -53.62 3.86 -40.39
CA LEU C 96 -54.01 4.57 -41.59
C LEU C 96 -53.11 4.27 -42.77
N PHE C 97 -52.02 3.52 -42.56
CA PHE C 97 -51.02 3.27 -43.61
C PHE C 97 -51.45 2.04 -44.41
N THR C 98 -52.42 2.27 -45.31
CA THR C 98 -52.96 1.23 -46.17
C THR C 98 -52.34 1.32 -47.56
N PRO C 99 -52.43 0.25 -48.35
CA PRO C 99 -51.96 0.35 -49.75
C PRO C 99 -52.66 1.44 -50.53
N ALA C 100 -53.95 1.68 -50.27
CA ALA C 100 -54.64 2.75 -50.97
C ALA C 100 -54.09 4.12 -50.60
N LEU C 101 -53.64 4.29 -49.37
CA LEU C 101 -53.02 5.56 -48.99
C LEU C 101 -51.66 5.72 -49.67
N TRP C 102 -50.91 4.63 -49.81
CA TRP C 102 -49.58 4.71 -50.39
C TRP C 102 -49.63 5.14 -51.84
N ASP C 103 -50.47 4.50 -52.65
CA ASP C 103 -50.50 4.80 -54.07
C ASP C 103 -50.95 6.24 -54.33
N ARG C 104 -51.73 6.81 -53.42
CA ARG C 104 -52.22 8.17 -53.61
C ARG C 104 -51.19 9.20 -53.19
N LEU C 105 -50.52 8.98 -52.06
CA LEU C 105 -49.50 9.93 -51.59
C LEU C 105 -48.20 9.81 -52.37
N SER C 106 -47.99 8.70 -53.09
CA SER C 106 -46.83 8.58 -53.97
C SER C 106 -46.95 9.47 -55.20
N GLN C 107 -48.01 10.26 -55.31
CA GLN C 107 -48.22 11.16 -56.43
C GLN C 107 -47.94 12.61 -56.06
N HIS C 108 -47.38 12.86 -54.88
CA HIS C 108 -47.05 14.21 -54.44
C HIS C 108 -45.79 14.17 -53.60
N LYS C 109 -44.82 15.02 -53.95
CA LYS C 109 -43.56 15.12 -53.22
C LYS C 109 -43.76 15.97 -51.97
N ALA C 110 -42.67 16.56 -51.45
CA ALA C 110 -42.78 17.59 -50.43
C ALA C 110 -43.42 17.01 -49.16
N PRO C 111 -43.89 17.81 -48.20
CA PRO C 111 -44.68 17.24 -47.10
C PRO C 111 -46.09 16.83 -47.48
N TYR C 112 -46.48 16.90 -48.74
CA TYR C 112 -47.85 16.60 -49.13
C TYR C 112 -48.05 15.13 -49.48
N GLY C 113 -46.97 14.35 -49.49
CA GLY C 113 -47.03 12.92 -49.74
C GLY C 113 -45.68 12.29 -49.53
N TRP C 114 -45.29 11.36 -50.40
CA TRP C 114 -43.96 10.75 -50.32
C TRP C 114 -43.50 10.21 -51.67
N ARG C 115 -43.58 11.03 -52.71
CA ARG C 115 -43.13 10.64 -54.04
C ARG C 115 -41.60 10.52 -54.06
N GLY C 116 -41.10 9.40 -54.57
CA GLY C 116 -39.68 9.17 -54.68
C GLY C 116 -39.00 8.64 -53.44
N LEU C 117 -39.74 8.48 -52.34
CA LEU C 117 -39.15 8.05 -51.07
C LEU C 117 -39.27 6.55 -50.91
N SER C 118 -38.28 5.97 -50.24
CA SER C 118 -38.16 4.51 -50.13
C SER C 118 -39.32 3.93 -49.33
N HIS C 119 -40.01 2.94 -49.91
CA HIS C 119 -41.09 2.27 -49.19
C HIS C 119 -40.58 1.60 -47.93
N GLN C 120 -39.35 1.06 -47.98
CA GLN C 120 -38.78 0.39 -46.81
C GLN C 120 -38.71 1.35 -45.62
N VAL C 121 -38.27 2.58 -45.87
CA VAL C 121 -38.06 3.53 -44.77
C VAL C 121 -39.41 3.98 -44.19
N ILE C 122 -40.37 4.31 -45.06
CA ILE C 122 -41.65 4.79 -44.58
C ILE C 122 -42.43 3.68 -43.88
N ALA C 123 -42.37 2.46 -44.41
CA ALA C 123 -43.08 1.36 -43.78
C ALA C 123 -42.48 1.01 -42.42
N SER C 124 -41.15 0.97 -42.33
CA SER C 124 -40.51 0.64 -41.07
C SER C 124 -40.69 1.73 -40.02
N THR C 125 -41.05 2.95 -40.43
CA THR C 125 -41.38 3.98 -39.46
C THR C 125 -42.82 3.84 -38.99
N LEU C 126 -43.77 3.75 -39.93
CA LEU C 126 -45.17 3.62 -39.57
C LEU C 126 -45.44 2.37 -38.74
N SER C 127 -44.70 1.27 -39.01
CA SER C 127 -44.89 0.04 -38.25
C SER C 127 -44.61 0.23 -36.77
N LEU C 128 -43.87 1.28 -36.40
CA LEU C 128 -43.68 1.63 -35.00
C LEU C 128 -44.84 2.46 -34.46
N LEU C 129 -45.61 3.09 -35.33
CA LEU C 129 -46.77 3.87 -34.94
C LEU C 129 -48.07 3.07 -35.01
N ASN C 130 -47.98 1.75 -35.21
CA ASN C 130 -49.17 0.90 -35.25
C ASN C 130 -49.89 0.86 -33.91
N GLY C 131 -49.23 1.23 -32.82
CA GLY C 131 -49.86 1.31 -31.52
C GLY C 131 -51.05 2.24 -31.52
N SER C 132 -52.16 1.78 -30.95
CA SER C 132 -53.44 2.49 -31.00
C SER C 132 -53.44 3.62 -29.97
N GLU C 133 -52.59 4.62 -30.24
CA GLU C 133 -52.44 5.78 -29.36
C GLU C 133 -51.56 6.85 -30.00
N SER C 134 -51.03 6.56 -31.19
CA SER C 134 -50.28 7.53 -31.97
C SER C 134 -51.17 8.38 -32.86
N ALA C 135 -52.49 8.20 -32.79
CA ALA C 135 -53.40 8.95 -33.65
C ALA C 135 -53.83 10.27 -33.04
N LYS C 136 -53.65 10.45 -31.74
CA LYS C 136 -54.11 11.64 -31.05
C LYS C 136 -52.98 12.23 -30.23
N LEU C 137 -53.09 13.54 -29.98
CA LEU C 137 -52.18 14.24 -29.09
C LEU C 137 -52.66 14.21 -27.64
N PHE C 138 -53.96 14.34 -27.41
CA PHE C 138 -54.55 14.34 -26.08
C PHE C 138 -55.27 13.02 -25.81
N ALA C 139 -55.38 12.67 -24.53
CA ALA C 139 -56.09 11.46 -24.14
C ALA C 139 -57.47 11.79 -23.57
N PRO C 140 -58.51 11.02 -23.94
CA PRO C 140 -59.87 11.22 -23.45
C PRO C 140 -60.10 10.69 -22.04
N THR C 144 -63.51 10.58 -16.34
CA THR C 144 -64.27 11.83 -16.41
C THR C 144 -64.13 12.50 -17.78
N PRO C 145 -65.21 12.50 -18.55
CA PRO C 145 -65.19 13.13 -19.88
C PRO C 145 -65.04 14.64 -19.81
N PRO C 146 -65.87 15.37 -19.04
CA PRO C 146 -65.84 16.84 -19.15
C PRO C 146 -64.52 17.44 -18.68
N LYS C 147 -63.93 18.29 -19.53
CA LYS C 147 -62.69 19.01 -19.25
C LYS C 147 -62.35 19.95 -20.41
N CYS C 148 -62.08 21.22 -20.13
CA CYS C 148 -61.77 22.19 -21.17
C CYS C 148 -60.28 22.16 -21.52
N ILE C 149 -59.98 22.45 -22.78
CA ILE C 149 -58.63 22.42 -23.33
C ILE C 149 -58.26 23.82 -23.80
N ARG C 150 -57.43 24.51 -23.04
CA ARG C 150 -56.95 25.85 -23.39
C ARG C 150 -55.48 25.74 -23.80
N CYS C 151 -55.16 26.19 -25.00
CA CYS C 151 -53.85 25.97 -25.61
C CYS C 151 -53.20 27.30 -25.98
N ALA C 152 -51.88 27.37 -25.79
CA ALA C 152 -51.08 28.49 -26.23
C ALA C 152 -50.09 28.02 -27.28
N VAL C 153 -49.98 28.76 -28.38
CA VAL C 153 -49.01 28.47 -29.43
C VAL C 153 -48.03 29.63 -29.51
N VAL C 154 -46.74 29.32 -29.33
CA VAL C 154 -45.69 30.32 -29.23
C VAL C 154 -44.84 30.25 -30.49
N GLY C 155 -45.02 31.24 -31.39
CA GLY C 155 -44.04 31.50 -32.42
C GLY C 155 -42.87 32.29 -31.86
N ASN C 156 -41.79 32.38 -32.63
CA ASN C 156 -40.53 32.93 -32.13
C ASN C 156 -40.29 34.38 -32.53
N GLY C 157 -41.36 35.12 -32.82
CA GLY C 157 -41.22 36.47 -33.32
C GLY C 157 -40.75 37.46 -32.28
N GLY C 158 -40.04 38.49 -32.76
CA GLY C 158 -39.45 39.51 -31.90
C GLY C 158 -40.45 40.27 -31.06
N ILE C 159 -41.74 40.20 -31.41
CA ILE C 159 -42.76 40.90 -30.64
C ILE C 159 -42.80 40.41 -29.19
N LEU C 160 -42.39 39.16 -28.93
CA LEU C 160 -42.42 38.65 -27.57
C LEU C 160 -41.30 39.18 -26.70
N ASN C 161 -40.27 39.76 -27.31
CA ASN C 161 -39.16 40.29 -26.52
C ASN C 161 -39.63 41.52 -25.75
N GLY C 162 -39.54 41.44 -24.43
CA GLY C 162 -40.03 42.51 -23.58
C GLY C 162 -41.53 42.54 -23.40
N SER C 163 -42.23 41.51 -23.87
CA SER C 163 -43.69 41.47 -23.79
C SER C 163 -44.17 41.03 -22.42
N ARG C 164 -43.36 40.29 -21.67
CA ARG C 164 -43.73 39.79 -20.34
C ARG C 164 -44.98 38.90 -20.41
N GLN C 165 -45.11 38.12 -21.48
CA GLN C 165 -46.27 37.28 -21.68
C GLN C 165 -46.14 35.91 -21.06
N GLY C 166 -45.02 35.63 -20.38
CA GLY C 166 -44.80 34.38 -19.70
C GLY C 166 -45.99 33.90 -18.89
N PRO C 167 -46.41 34.71 -17.90
CA PRO C 167 -47.60 34.32 -17.12
C PRO C 167 -48.82 33.99 -17.98
N ASN C 168 -49.14 34.82 -18.97
CA ASN C 168 -50.30 34.53 -19.81
C ASN C 168 -50.10 33.24 -20.61
N ILE C 169 -48.88 32.99 -21.05
CA ILE C 169 -48.61 31.79 -21.84
C ILE C 169 -48.67 30.55 -20.95
N ASP C 170 -47.96 30.57 -19.83
CA ASP C 170 -47.93 29.40 -18.97
C ASP C 170 -49.27 29.14 -18.29
N ALA C 171 -50.17 30.12 -18.24
CA ALA C 171 -51.45 29.86 -17.60
C ALA C 171 -52.31 28.87 -18.39
N HIS C 172 -51.96 28.61 -19.65
CA HIS C 172 -52.70 27.64 -20.45
C HIS C 172 -52.39 26.21 -19.99
N ASP C 173 -53.32 25.30 -20.30
CA ASP C 173 -53.12 23.89 -19.97
C ASP C 173 -52.02 23.28 -20.80
N TYR C 174 -51.99 23.58 -22.10
CA TYR C 174 -50.98 23.08 -23.02
C TYR C 174 -50.34 24.23 -23.78
N VAL C 175 -49.04 24.11 -24.02
CA VAL C 175 -48.25 25.11 -24.73
C VAL C 175 -47.53 24.42 -25.89
N PHE C 176 -47.74 24.95 -27.11
CA PHE C 176 -47.01 24.52 -28.31
C PHE C 176 -45.82 25.45 -28.54
N ARG C 177 -44.68 24.87 -28.86
CA ARG C 177 -43.48 25.62 -29.25
C ARG C 177 -42.86 24.91 -30.45
N LEU C 178 -41.95 25.61 -31.14
CA LEU C 178 -41.40 25.07 -32.37
C LEU C 178 -40.12 25.80 -32.75
N ASN C 179 -39.33 25.15 -33.61
CA ASN C 179 -38.15 25.75 -34.27
C ASN C 179 -37.20 26.30 -33.21
N GLY C 180 -36.82 27.56 -33.27
CA GLY C 180 -35.83 28.12 -32.37
C GLY C 180 -36.42 28.58 -31.05
N ALA C 181 -37.07 27.64 -30.35
CA ALA C 181 -37.77 27.94 -29.10
C ALA C 181 -36.76 28.12 -27.97
N VAL C 182 -36.09 29.27 -27.98
CA VAL C 182 -35.19 29.61 -26.89
C VAL C 182 -36.01 29.93 -25.64
N ILE C 183 -35.66 29.30 -24.53
CA ILE C 183 -36.32 29.54 -23.25
C ILE C 183 -35.39 30.19 -22.23
N LYS C 184 -34.15 29.70 -22.13
CA LYS C 184 -33.21 30.26 -21.16
C LYS C 184 -32.96 31.73 -21.44
N GLY C 185 -33.13 32.57 -20.41
CA GLY C 185 -32.99 34.01 -20.55
C GLY C 185 -34.22 34.75 -21.02
N PHE C 186 -35.26 34.04 -21.49
CA PHE C 186 -36.45 34.72 -21.97
C PHE C 186 -37.72 34.16 -21.31
N GLU C 187 -37.56 33.39 -20.24
CA GLU C 187 -38.68 32.74 -19.59
C GLU C 187 -39.74 33.75 -19.19
N ARG C 188 -39.33 34.94 -18.76
CA ARG C 188 -40.29 35.96 -18.36
C ARG C 188 -41.11 36.46 -19.55
N ASP C 189 -40.57 36.41 -20.78
CA ASP C 189 -41.34 36.86 -21.93
C ASP C 189 -42.15 35.75 -22.60
N VAL C 190 -41.66 34.51 -22.57
CA VAL C 190 -42.25 33.42 -23.35
C VAL C 190 -42.67 32.23 -22.49
N GLY C 191 -42.43 32.27 -21.18
CA GLY C 191 -42.81 31.16 -20.33
C GLY C 191 -41.83 29.99 -20.43
N THR C 192 -42.10 28.97 -19.60
CA THR C 192 -41.27 27.78 -19.59
C THR C 192 -42.04 26.49 -19.83
N LYS C 193 -43.36 26.52 -19.84
CA LYS C 193 -44.12 25.29 -20.02
C LYS C 193 -44.12 24.90 -21.49
N THR C 194 -43.86 23.62 -21.76
CA THR C 194 -43.90 23.09 -23.12
C THR C 194 -44.56 21.72 -23.09
N SER C 195 -45.72 21.60 -23.74
CA SER C 195 -46.41 20.33 -23.87
C SER C 195 -46.05 19.63 -25.18
N PHE C 196 -45.88 20.40 -26.26
CA PHE C 196 -45.49 19.88 -27.55
C PHE C 196 -44.43 20.77 -28.16
N TYR C 197 -43.53 20.16 -28.93
CA TYR C 197 -42.53 20.88 -29.69
C TYR C 197 -42.56 20.37 -31.13
N GLY C 198 -42.90 21.24 -32.07
CA GLY C 198 -42.93 20.90 -33.49
C GLY C 198 -41.70 21.37 -34.22
N PHE C 199 -41.37 20.68 -35.32
CA PHE C 199 -40.13 20.92 -36.03
C PHE C 199 -39.98 20.06 -37.28
N THR C 200 -39.25 20.55 -38.28
CA THR C 200 -38.57 19.67 -39.22
C THR C 200 -37.16 19.43 -38.72
N VAL C 201 -36.60 18.28 -39.07
CA VAL C 201 -35.23 17.96 -38.65
C VAL C 201 -34.26 18.98 -39.22
N ASN C 202 -34.55 19.48 -40.42
CA ASN C 202 -33.68 20.48 -41.04
C ASN C 202 -33.68 21.77 -40.24
N THR C 203 -34.87 22.29 -39.95
CA THR C 203 -34.95 23.55 -39.21
C THR C 203 -34.43 23.39 -37.79
N LYS C 205 -32.00 21.36 -36.63
CA LYS C 205 -30.55 21.38 -36.60
C LYS C 205 -29.97 22.71 -37.08
N ASN C 206 -30.66 23.41 -37.99
CA ASN C 206 -30.19 24.72 -38.41
C ASN C 206 -30.30 25.73 -37.27
N SER C 207 -31.37 25.62 -36.48
CA SER C 207 -31.55 26.49 -35.33
C SER C 207 -30.46 26.25 -34.29
N LEU C 208 -30.14 24.98 -34.01
CA LEU C 208 -29.09 24.66 -33.06
C LEU C 208 -27.75 25.24 -33.48
N VAL C 209 -27.50 25.32 -34.78
CA VAL C 209 -26.26 25.91 -35.26
C VAL C 209 -26.32 27.43 -35.14
N SER C 210 -27.42 28.03 -35.59
CA SER C 210 -27.46 29.47 -35.75
C SER C 210 -27.66 30.21 -34.43
N TYR C 211 -28.42 29.64 -33.50
CA TYR C 211 -28.81 30.32 -32.27
C TYR C 211 -28.18 29.70 -31.03
N TRP C 212 -27.10 28.92 -31.22
CA TRP C 212 -26.43 28.29 -30.09
C TRP C 212 -25.99 29.32 -29.05
N ASN C 213 -25.37 30.41 -29.49
CA ASN C 213 -24.91 31.42 -28.55
C ASN C 213 -26.01 32.38 -28.13
N LEU C 214 -27.13 32.41 -28.86
CA LEU C 214 -28.29 33.15 -28.40
C LEU C 214 -29.13 32.36 -27.41
N GLY C 215 -28.74 31.12 -27.09
CA GLY C 215 -29.38 30.33 -26.05
C GLY C 215 -29.95 28.99 -26.49
N PHE C 216 -30.16 28.74 -27.78
CA PHE C 216 -30.74 27.47 -28.24
C PHE C 216 -29.67 26.39 -28.26
N THR C 217 -29.42 25.81 -27.10
CA THR C 217 -28.46 24.73 -26.95
C THR C 217 -29.13 23.36 -26.87
N SER C 218 -30.45 23.32 -26.76
CA SER C 218 -31.19 22.07 -26.78
C SER C 218 -32.66 22.39 -27.02
N VAL C 219 -33.38 21.42 -27.56
CA VAL C 219 -34.81 21.59 -27.78
C VAL C 219 -35.50 21.46 -26.42
N PRO C 220 -36.76 21.89 -26.30
CA PRO C 220 -37.43 21.80 -24.99
C PRO C 220 -37.56 20.35 -24.52
N GLN C 221 -37.31 20.16 -23.22
CA GLN C 221 -37.33 18.86 -22.58
C GLN C 221 -38.46 18.83 -21.55
N GLY C 222 -39.14 17.70 -21.47
CA GLY C 222 -40.26 17.58 -20.55
C GLY C 222 -40.64 16.14 -20.32
N GLN C 223 -41.10 15.84 -19.11
CA GLN C 223 -41.55 14.50 -18.78
C GLN C 223 -42.76 14.10 -19.60
N ASP C 224 -43.79 14.96 -19.62
CA ASP C 224 -45.00 14.72 -20.38
C ASP C 224 -44.98 15.44 -21.72
N LEU C 225 -43.81 15.85 -22.18
CA LEU C 225 -43.69 16.55 -23.45
C LEU C 225 -43.71 15.56 -24.61
N GLN C 226 -44.39 15.94 -25.68
CA GLN C 226 -44.45 15.15 -26.90
C GLN C 226 -43.78 15.91 -28.04
N TYR C 227 -42.88 15.23 -28.76
CA TYR C 227 -42.26 15.79 -29.96
C TYR C 227 -43.09 15.35 -31.17
N ILE C 228 -43.56 16.32 -31.95
CA ILE C 228 -44.34 16.03 -33.15
C ILE C 228 -43.48 16.30 -34.37
N PHE C 229 -43.34 15.29 -35.22
CA PHE C 229 -42.50 15.38 -36.41
C PHE C 229 -43.33 15.91 -37.59
N ILE C 230 -42.63 16.56 -38.53
CA ILE C 230 -43.25 17.10 -39.73
C ILE C 230 -42.67 16.33 -40.92
N PRO C 231 -43.47 15.58 -41.67
CA PRO C 231 -42.93 14.74 -42.76
C PRO C 231 -42.57 15.53 -44.01
N SER C 232 -41.60 16.44 -43.87
CA SER C 232 -41.17 17.28 -44.98
C SER C 232 -40.05 16.64 -45.80
N ASP C 233 -39.34 15.65 -45.25
CA ASP C 233 -38.18 15.07 -45.90
C ASP C 233 -37.95 13.69 -45.31
N ILE C 234 -37.24 12.84 -46.06
CA ILE C 234 -36.98 11.49 -45.57
C ILE C 234 -36.20 11.51 -44.26
N ARG C 235 -35.41 12.57 -44.00
CA ARG C 235 -34.71 12.69 -42.73
C ARG C 235 -35.67 12.66 -41.55
N ASP C 236 -36.86 13.24 -41.71
CA ASP C 236 -37.82 13.26 -40.62
C ASP C 236 -38.29 11.85 -40.28
N TYR C 237 -38.60 11.03 -41.29
CA TYR C 237 -38.99 9.65 -41.02
C TYR C 237 -37.86 8.88 -40.36
N VAL C 238 -36.64 9.02 -40.88
CA VAL C 238 -35.50 8.28 -40.36
C VAL C 238 -35.23 8.66 -38.91
N LEU C 240 -37.49 9.99 -36.79
CA LEU C 240 -38.61 9.51 -36.00
C LEU C 240 -38.45 8.05 -35.62
N ARG C 241 -38.11 7.21 -36.61
CA ARG C 241 -37.92 5.79 -36.34
C ARG C 241 -36.78 5.57 -35.36
N SER C 242 -35.65 6.23 -35.58
CA SER C 242 -34.50 6.09 -34.69
C SER C 242 -34.81 6.55 -33.28
N ALA C 243 -35.63 7.60 -33.13
CA ALA C 243 -35.95 8.11 -31.81
C ALA C 243 -36.80 7.13 -31.02
N ILE C 244 -37.80 6.53 -31.66
CA ILE C 244 -38.66 5.58 -30.96
C ILE C 244 -37.88 4.31 -30.61
N LEU C 245 -37.05 3.83 -31.54
CA LEU C 245 -36.20 2.68 -31.26
C LEU C 245 -35.14 2.99 -30.22
N GLY C 246 -34.76 4.26 -30.07
CA GLY C 246 -33.68 4.61 -29.17
C GLY C 246 -32.32 4.20 -29.70
N VAL C 247 -32.11 4.32 -31.01
CA VAL C 247 -30.91 3.85 -31.69
C VAL C 247 -30.29 5.04 -32.41
N PRO C 248 -28.96 5.10 -32.57
CA PRO C 248 -28.37 6.13 -33.43
C PRO C 248 -28.91 6.01 -34.85
N VAL C 249 -29.17 7.17 -35.46
CA VAL C 249 -29.69 7.21 -36.83
C VAL C 249 -28.70 6.52 -37.76
N PRO C 250 -29.10 5.47 -38.46
CA PRO C 250 -28.12 4.60 -39.12
C PRO C 250 -27.78 5.01 -40.55
N GLU C 251 -28.61 5.83 -41.19
CA GLU C 251 -28.47 6.14 -42.60
C GLU C 251 -28.87 7.58 -42.85
N GLY C 252 -28.77 8.00 -44.11
CA GLY C 252 -29.23 9.31 -44.50
C GLY C 252 -28.29 10.43 -44.10
N LEU C 253 -28.76 11.65 -44.31
CA LEU C 253 -27.94 12.83 -44.12
C LEU C 253 -27.55 13.03 -42.66
N ASP C 254 -28.39 12.60 -41.73
CA ASP C 254 -28.17 12.78 -40.30
C ASP C 254 -27.48 11.59 -39.64
N LYS C 255 -27.01 10.62 -40.42
CA LYS C 255 -26.39 9.42 -39.86
C LYS C 255 -25.34 9.77 -38.82
N GLY C 256 -25.46 9.18 -37.65
CA GLY C 256 -24.55 9.48 -36.56
C GLY C 256 -25.21 10.14 -35.37
N ASP C 257 -26.20 11.00 -35.61
CA ASP C 257 -26.81 11.73 -34.51
C ASP C 257 -27.37 10.77 -33.46
N ARG C 258 -27.48 11.27 -32.23
CA ARG C 258 -28.05 10.48 -31.15
C ARG C 258 -29.41 11.07 -30.78
N PRO C 259 -30.51 10.39 -31.08
CA PRO C 259 -31.84 10.92 -30.74
C PRO C 259 -32.02 11.20 -29.25
N HIS C 260 -31.39 10.40 -28.38
CA HIS C 260 -31.47 10.68 -26.95
C HIS C 260 -30.86 12.03 -26.62
N ALA C 261 -29.80 12.41 -27.33
CA ALA C 261 -29.19 13.71 -27.09
C ALA C 261 -30.12 14.85 -27.47
N TYR C 262 -31.03 14.62 -28.42
CA TYR C 262 -32.02 15.65 -28.76
C TYR C 262 -33.23 15.59 -27.83
N PHE C 263 -33.85 14.41 -27.72
CA PHE C 263 -35.20 14.28 -27.19
C PHE C 263 -35.27 13.68 -25.80
N GLY C 264 -34.14 13.33 -25.20
CA GLY C 264 -34.12 12.86 -23.84
C GLY C 264 -34.09 11.36 -23.72
N PRO C 265 -34.13 10.86 -22.48
CA PRO C 265 -33.94 9.42 -22.26
C PRO C 265 -35.12 8.58 -22.72
N GLU C 266 -36.34 9.10 -22.70
CA GLU C 266 -37.49 8.29 -23.09
C GLU C 266 -37.50 8.05 -24.59
N ALA C 267 -37.78 6.79 -24.98
CA ALA C 267 -37.81 6.38 -26.38
C ALA C 267 -38.94 5.38 -26.58
N SER C 268 -40.17 5.88 -26.59
CA SER C 268 -41.36 5.07 -26.81
C SER C 268 -42.20 5.69 -27.93
N ALA C 269 -43.25 4.97 -28.32
CA ALA C 269 -44.17 5.51 -29.30
C ALA C 269 -45.06 6.59 -28.72
N SER C 270 -45.17 6.66 -27.39
CA SER C 270 -46.02 7.63 -26.72
C SER C 270 -45.39 9.02 -26.65
N LYS C 271 -44.11 9.16 -26.98
CA LYS C 271 -43.42 10.44 -26.89
C LYS C 271 -43.21 11.11 -28.25
N PHE C 272 -43.32 10.36 -29.35
CA PHE C 272 -43.08 10.90 -30.68
C PHE C 272 -44.30 10.67 -31.56
N LYS C 273 -44.77 11.74 -32.20
CA LYS C 273 -45.92 11.70 -33.09
C LYS C 273 -45.54 12.28 -34.45
N LEU C 274 -46.45 12.17 -35.41
CA LEU C 274 -46.18 12.50 -36.79
C LEU C 274 -47.38 13.20 -37.41
N LEU C 275 -47.18 14.40 -37.93
CA LEU C 275 -48.25 15.13 -38.60
C LEU C 275 -48.61 14.47 -39.92
N HIS C 276 -49.91 14.41 -40.21
CA HIS C 276 -50.41 13.70 -41.37
C HIS C 276 -50.19 14.52 -42.64
N PRO C 277 -49.54 13.96 -43.67
CA PRO C 277 -49.35 14.71 -44.92
C PRO C 277 -50.63 15.26 -45.52
N ASP C 278 -51.73 14.51 -45.45
CA ASP C 278 -52.99 15.05 -45.97
C ASP C 278 -53.50 16.20 -45.13
N PHE C 279 -53.27 16.16 -43.81
CA PHE C 279 -53.64 17.30 -42.98
C PHE C 279 -52.88 18.55 -43.42
N ILE C 280 -51.60 18.40 -43.77
CA ILE C 280 -50.84 19.54 -44.28
C ILE C 280 -51.37 19.96 -45.64
N SER C 281 -51.73 18.99 -46.48
CA SER C 281 -52.31 19.31 -47.79
C SER C 281 -53.62 20.06 -47.63
N TYR C 282 -54.41 19.69 -46.61
CA TYR C 282 -55.69 20.38 -46.40
C TYR C 282 -55.47 21.78 -45.85
N LEU C 283 -54.48 21.96 -44.98
CA LEU C 283 -54.17 23.29 -44.48
C LEU C 283 -53.65 24.19 -45.60
N THR C 284 -52.77 23.66 -46.45
CA THR C 284 -52.24 24.44 -47.55
C THR C 284 -53.34 24.82 -48.53
N GLU C 285 -54.28 23.91 -48.77
CA GLU C 285 -55.32 24.12 -49.78
C GLU C 285 -56.42 25.06 -49.27
N ARG C 286 -56.82 24.93 -48.01
CA ARG C 286 -58.01 25.63 -47.53
C ARG C 286 -57.70 26.94 -46.82
N PHE C 287 -56.49 27.12 -46.29
CA PHE C 287 -56.16 28.28 -45.47
C PHE C 287 -55.00 29.12 -45.99
N LEU C 288 -54.00 28.51 -46.63
CA LEU C 288 -52.79 29.22 -47.01
C LEU C 288 -52.28 28.72 -48.36
N LYS C 289 -53.07 28.89 -49.42
CA LYS C 289 -52.63 28.50 -50.75
C LYS C 289 -51.94 29.69 -51.38
N SER C 290 -50.61 29.63 -51.46
CA SER C 290 -49.80 30.74 -51.89
C SER C 290 -49.47 30.62 -53.37
N LYS C 291 -49.20 31.76 -54.01
CA LYS C 291 -48.71 31.74 -55.39
C LYS C 291 -47.38 31.02 -55.49
N LEU C 292 -46.63 30.96 -54.39
CA LEU C 292 -45.33 30.29 -54.35
C LEU C 292 -45.43 28.79 -54.54
N ILE C 293 -46.63 28.21 -54.49
CA ILE C 293 -46.81 26.79 -54.76
C ILE C 293 -46.19 26.43 -56.10
N ASN C 294 -46.54 27.18 -57.14
CA ASN C 294 -46.04 26.94 -58.49
C ASN C 294 -44.81 27.79 -58.80
N THR C 295 -43.82 27.76 -57.91
CA THR C 295 -42.53 28.41 -58.16
C THR C 295 -41.52 27.43 -58.76
N HIS C 296 -41.41 26.23 -58.16
CA HIS C 296 -40.56 25.15 -58.64
C HIS C 296 -39.09 25.60 -58.72
N PHE C 297 -38.53 25.82 -57.53
CA PHE C 297 -37.16 26.30 -57.38
C PHE C 297 -36.43 25.32 -56.48
N GLY C 298 -36.09 25.72 -55.25
CA GLY C 298 -35.47 24.81 -54.31
C GLY C 298 -36.48 24.09 -53.45
N ASP C 299 -36.52 24.41 -52.15
CA ASP C 299 -37.48 23.76 -51.27
C ASP C 299 -38.90 24.09 -51.70
N LEU C 300 -39.74 23.06 -51.75
CA LEU C 300 -41.12 23.25 -52.17
C LEU C 300 -41.87 24.07 -51.13
N TYR C 301 -42.89 24.80 -51.59
CA TYR C 301 -43.64 25.66 -50.70
C TYR C 301 -44.42 24.86 -49.67
N PRO C 303 -46.54 25.74 -45.53
CA PRO C 303 -46.74 26.68 -44.42
C PRO C 303 -45.61 26.57 -43.42
N SER C 304 -45.34 27.68 -42.73
CA SER C 304 -44.30 27.68 -41.71
C SER C 304 -44.67 26.70 -40.60
N THR C 305 -43.64 26.19 -39.90
CA THR C 305 -43.91 25.24 -38.82
C THR C 305 -44.77 25.90 -37.74
N GLY C 306 -44.56 27.19 -37.49
CA GLY C 306 -45.44 27.91 -36.59
C GLY C 306 -46.87 27.94 -37.06
N ALA C 307 -47.09 28.13 -38.36
CA ALA C 307 -48.43 28.01 -38.94
C ALA C 307 -48.98 26.59 -38.77
N LEU C 308 -48.13 25.57 -38.93
CA LEU C 308 -48.58 24.20 -38.77
C LEU C 308 -49.07 23.94 -37.35
N LEU C 310 -49.96 26.14 -34.95
CA LEU C 310 -51.11 26.98 -34.62
C LEU C 310 -52.40 26.34 -35.13
N LEU C 311 -52.44 25.99 -36.42
CA LEU C 311 -53.61 25.36 -36.99
C LEU C 311 -53.88 24.00 -36.38
N THR C 312 -52.82 23.26 -36.05
CA THR C 312 -53.01 22.00 -35.33
C THR C 312 -53.72 22.25 -34.00
N ALA C 313 -53.32 23.30 -33.28
CA ALA C 313 -53.98 23.65 -32.03
C ALA C 313 -55.44 24.04 -32.27
N LEU C 314 -55.70 24.74 -33.37
CA LEU C 314 -57.06 25.12 -33.69
C LEU C 314 -57.93 23.92 -34.02
N HIS C 315 -57.34 22.80 -34.42
CA HIS C 315 -58.09 21.60 -34.77
C HIS C 315 -58.17 20.61 -33.62
N THR C 316 -57.55 20.90 -32.48
CA THR C 316 -57.55 19.96 -31.36
C THR C 316 -57.90 20.58 -30.01
N CYS C 317 -57.97 21.89 -29.89
CA CYS C 317 -58.17 22.56 -28.62
C CYS C 317 -59.53 23.24 -28.58
N ASP C 318 -60.01 23.51 -27.35
CA ASP C 318 -61.26 24.25 -27.20
C ASP C 318 -61.07 25.74 -27.38
N GLN C 319 -59.84 26.24 -27.30
CA GLN C 319 -59.49 27.62 -27.61
C GLN C 319 -57.98 27.73 -27.65
N VAL C 320 -57.48 28.56 -28.55
CA VAL C 320 -56.04 28.71 -28.73
C VAL C 320 -55.68 30.18 -28.64
N SER C 321 -54.48 30.45 -28.12
CA SER C 321 -53.92 31.78 -28.05
C SER C 321 -52.59 31.78 -28.79
N ALA C 322 -52.38 32.80 -29.63
CA ALA C 322 -51.18 32.89 -30.45
C ALA C 322 -50.28 33.99 -29.89
N TYR C 323 -49.03 33.62 -29.60
CA TYR C 323 -48.01 34.52 -29.10
C TYR C 323 -46.79 34.44 -30.02
N GLY C 324 -46.29 35.59 -30.46
CA GLY C 324 -45.07 35.60 -31.25
C GLY C 324 -45.23 35.26 -32.71
N PHE C 325 -46.41 35.48 -33.29
CA PHE C 325 -46.63 35.34 -34.72
C PHE C 325 -46.65 36.71 -35.38
N ILE C 326 -46.44 36.71 -36.69
CA ILE C 326 -46.28 37.97 -37.41
C ILE C 326 -47.58 38.76 -37.38
N THR C 327 -47.47 40.04 -37.02
CA THR C 327 -48.60 40.96 -36.99
C THR C 327 -48.34 42.09 -37.98
N SER C 328 -49.30 43.01 -38.07
CA SER C 328 -49.20 44.07 -39.06
C SER C 328 -48.01 44.99 -38.79
N ASN C 329 -47.56 45.09 -37.55
CA ASN C 329 -46.43 45.94 -37.17
C ASN C 329 -45.23 45.11 -36.71
N TYR C 330 -45.06 43.92 -37.30
CA TYR C 330 -43.91 43.07 -37.00
C TYR C 330 -42.58 43.82 -37.20
N TRP C 331 -42.52 44.71 -38.18
CA TRP C 331 -41.28 45.42 -38.50
C TRP C 331 -40.79 46.30 -37.35
N LYS C 332 -41.66 46.62 -36.39
CA LYS C 332 -41.23 47.38 -35.22
C LYS C 332 -40.31 46.56 -34.32
N PHE C 333 -40.27 45.25 -34.48
CA PHE C 333 -39.48 44.37 -33.65
C PHE C 333 -38.51 43.58 -34.51
N SER C 334 -37.57 42.92 -33.84
CA SER C 334 -36.56 42.15 -34.54
C SER C 334 -37.19 40.86 -35.10
N ASP C 335 -36.38 40.10 -35.85
CA ASP C 335 -36.86 38.84 -36.41
C ASP C 335 -37.31 37.90 -35.30
N HIS C 336 -36.43 37.62 -34.35
CA HIS C 336 -36.70 36.68 -33.28
C HIS C 336 -36.61 37.38 -31.93
N TYR C 337 -37.40 36.89 -30.97
CA TYR C 337 -37.40 37.49 -29.64
C TYR C 337 -36.07 37.29 -28.91
N PHE C 338 -35.25 36.33 -29.35
CA PHE C 338 -34.01 36.05 -28.67
C PHE C 338 -32.80 36.76 -29.28
N GLU C 339 -33.00 37.57 -30.32
CA GLU C 339 -31.88 38.24 -30.98
C GLU C 339 -31.46 39.47 -30.18
N ARG C 340 -30.16 39.56 -29.90
CA ARG C 340 -29.65 40.71 -29.14
C ARG C 340 -29.66 41.97 -30.00
N LYS C 341 -29.28 41.85 -31.26
CA LYS C 341 -29.26 42.95 -32.20
C LYS C 341 -30.40 42.77 -33.20
N LYS C 343 -32.59 42.33 -36.36
CA LYS C 343 -32.47 41.65 -37.64
C LYS C 343 -33.78 41.77 -38.40
N PRO C 344 -33.72 41.95 -39.72
CA PRO C 344 -34.95 42.04 -40.51
C PRO C 344 -35.61 40.68 -40.66
N LEU C 345 -36.95 40.68 -40.61
CA LEU C 345 -37.71 39.47 -40.95
C LEU C 345 -37.64 39.25 -42.45
N ILE C 346 -36.88 38.25 -42.87
CA ILE C 346 -36.66 37.99 -44.29
C ILE C 346 -37.71 37.01 -44.80
N PHE C 347 -38.41 37.41 -45.86
CA PHE C 347 -39.51 36.64 -46.44
C PHE C 347 -38.94 35.66 -47.47
N TYR C 348 -38.51 34.49 -46.99
CA TYR C 348 -37.99 33.47 -47.88
C TYR C 348 -39.13 32.78 -48.63
N ALA C 349 -38.86 32.44 -49.90
CA ALA C 349 -39.83 31.76 -50.75
C ALA C 349 -40.32 30.45 -50.16
N ASN C 350 -39.64 29.92 -49.14
CA ASN C 350 -40.07 28.71 -48.45
C ASN C 350 -41.54 28.79 -48.03
N HIS C 351 -41.92 29.89 -47.38
CA HIS C 351 -43.28 30.07 -46.88
C HIS C 351 -43.81 31.40 -47.40
N ASP C 352 -45.02 31.75 -46.96
CA ASP C 352 -45.69 33.00 -47.36
C ASP C 352 -46.19 33.65 -46.08
N LEU C 353 -45.32 34.43 -45.43
CA LEU C 353 -45.67 35.01 -44.14
C LEU C 353 -46.71 36.12 -44.26
N SER C 354 -46.83 36.75 -45.43
CA SER C 354 -47.89 37.74 -45.64
C SER C 354 -49.26 37.09 -45.63
N LEU C 355 -49.39 35.91 -46.24
CA LEU C 355 -50.62 35.14 -46.16
C LEU C 355 -50.94 34.76 -44.73
N GLU C 356 -49.94 34.24 -44.02
CA GLU C 356 -50.17 33.76 -42.66
C GLU C 356 -50.61 34.90 -41.75
N ALA C 357 -49.95 36.05 -41.84
CA ALA C 357 -50.37 37.21 -41.06
C ALA C 357 -51.82 37.57 -41.33
N ALA C 358 -52.22 37.51 -42.60
CA ALA C 358 -53.62 37.75 -42.94
C ALA C 358 -54.52 36.69 -42.31
N LEU C 359 -54.11 35.43 -42.35
CA LEU C 359 -54.90 34.37 -41.72
C LEU C 359 -55.08 34.64 -40.24
N TRP C 360 -54.02 35.08 -39.55
CA TRP C 360 -54.13 35.29 -38.11
C TRP C 360 -55.05 36.46 -37.80
N ARG C 361 -55.03 37.50 -38.63
CA ARG C 361 -55.95 38.61 -38.43
C ARG C 361 -57.39 38.21 -38.68
N ASP C 362 -57.64 37.42 -39.73
CA ASP C 362 -58.99 36.98 -40.01
C ASP C 362 -59.48 35.98 -38.97
N LEU C 363 -58.59 35.14 -38.44
CA LEU C 363 -58.98 34.25 -37.34
C LEU C 363 -59.27 35.05 -36.07
N HIS C 364 -58.54 36.13 -35.84
CA HIS C 364 -58.74 36.92 -34.63
C HIS C 364 -60.03 37.72 -34.68
N LYS C 365 -60.33 38.33 -35.84
CA LYS C 365 -61.53 39.17 -35.94
C LYS C 365 -62.81 38.34 -35.80
N ALA C 366 -62.76 37.05 -36.15
CA ALA C 366 -63.91 36.17 -36.02
C ALA C 366 -63.99 35.51 -34.64
N GLY C 367 -63.08 35.81 -33.74
CA GLY C 367 -63.12 35.22 -32.41
C GLY C 367 -62.75 33.76 -32.35
N ILE C 368 -62.13 33.24 -33.41
CA ILE C 368 -61.65 31.85 -33.42
C ILE C 368 -60.31 31.71 -32.73
N LEU C 369 -59.50 32.77 -32.68
CA LEU C 369 -58.15 32.71 -32.16
C LEU C 369 -57.81 34.04 -31.49
N GLN C 370 -57.23 33.98 -30.29
CA GLN C 370 -56.74 35.17 -29.61
C GLN C 370 -55.26 35.37 -29.98
N LEU C 371 -54.98 36.48 -30.66
CA LEU C 371 -53.66 36.78 -31.20
C LEU C 371 -53.01 37.90 -30.39
N TYR C 372 -51.77 37.69 -29.99
CA TYR C 372 -51.07 38.69 -29.17
C TYR C 372 -50.59 39.84 -30.05
N GLN C 373 -51.08 41.04 -29.79
CA GLN C 373 -50.63 42.21 -30.50
C GLN C 373 -50.20 43.27 -29.49
N ARG C 374 -49.38 44.22 -29.92
CA ARG C 374 -49.07 45.35 -29.06
C ARG C 374 -48.47 46.52 -29.83
N CYS D 66 30.27 -34.71 26.59
CA CYS D 66 30.23 -35.86 25.68
C CYS D 66 30.88 -37.07 26.32
N ARG D 67 31.75 -37.77 25.58
CA ARG D 67 32.51 -38.87 26.17
C ARG D 67 33.31 -38.38 27.37
N HIS D 68 33.59 -37.09 27.44
CA HIS D 68 34.21 -36.45 28.59
C HIS D 68 33.19 -36.09 29.66
N LEU D 69 32.10 -36.86 29.74
CA LEU D 69 31.08 -36.66 30.76
C LEU D 69 30.72 -37.98 31.42
N LEU D 70 30.38 -38.99 30.61
CA LEU D 70 29.94 -40.28 31.15
C LEU D 70 31.11 -41.07 31.71
N HIS D 71 32.14 -41.29 30.89
CA HIS D 71 33.30 -42.07 31.33
C HIS D 71 34.00 -41.43 32.51
N LEU D 72 33.98 -40.09 32.60
CA LEU D 72 34.55 -39.42 33.76
C LEU D 72 33.82 -39.83 35.04
N ALA D 73 32.48 -39.77 35.01
CA ALA D 73 31.71 -40.22 36.17
C ALA D 73 31.97 -41.69 36.46
N ILE D 74 32.06 -42.51 35.42
CA ILE D 74 32.43 -43.91 35.59
C ILE D 74 33.80 -44.03 36.24
N GLN D 75 34.73 -43.16 35.86
CA GLN D 75 36.08 -43.21 36.43
C GLN D 75 36.13 -42.70 37.85
N ARG D 76 35.14 -41.90 38.27
CA ARG D 76 35.10 -41.36 39.62
C ARG D 76 35.05 -42.47 40.66
N HIS D 77 33.91 -43.17 40.74
CA HIS D 77 33.76 -44.22 41.73
C HIS D 77 34.69 -45.39 41.44
N PRO D 78 35.18 -46.07 42.47
CA PRO D 78 36.14 -47.16 42.26
C PRO D 78 35.58 -48.34 41.47
N HIS D 79 34.54 -49.02 42.00
CA HIS D 79 34.17 -50.31 41.42
C HIS D 79 33.51 -50.14 40.05
N PHE D 80 32.69 -49.10 39.87
CA PHE D 80 32.07 -48.88 38.57
C PHE D 80 33.08 -48.57 37.48
N ARG D 81 34.32 -48.22 37.86
CA ARG D 81 35.37 -48.03 36.87
C ARG D 81 35.69 -49.33 36.14
N GLY D 82 36.13 -50.34 36.90
CA GLY D 82 36.48 -51.61 36.28
C GLY D 82 35.30 -52.52 36.01
N LEU D 83 34.25 -52.41 36.82
CA LEU D 83 33.02 -53.19 36.62
C LEU D 83 32.18 -52.55 35.52
N PHE D 84 32.80 -52.30 34.37
CA PHE D 84 32.17 -51.55 33.29
C PHE D 84 33.03 -51.60 32.04
N ASN D 85 32.93 -52.69 31.27
CA ASN D 85 33.77 -52.88 30.09
C ASN D 85 33.09 -52.21 28.90
N LEU D 86 33.57 -51.02 28.54
CA LEU D 86 33.06 -50.26 27.41
C LEU D 86 33.63 -50.75 26.07
N SER D 87 34.15 -51.96 26.00
CA SER D 87 34.73 -52.51 24.77
C SER D 87 33.91 -53.64 24.15
N ILE D 88 33.13 -54.35 24.94
CA ILE D 88 32.38 -55.52 24.44
C ILE D 88 31.32 -55.05 23.46
N PRO D 89 31.12 -55.74 22.34
CA PRO D 89 30.16 -55.25 21.33
C PRO D 89 28.74 -55.37 21.82
N VAL D 90 27.94 -54.34 21.50
CA VAL D 90 26.54 -54.34 21.90
C VAL D 90 25.72 -55.21 20.98
N LEU D 91 26.04 -55.21 19.70
CA LEU D 91 25.25 -55.86 18.66
C LEU D 91 25.97 -57.09 18.10
N LEU D 92 25.18 -57.95 17.47
CA LEU D 92 25.66 -59.14 16.79
C LEU D 92 25.41 -59.00 15.29
N TRP D 93 26.41 -59.37 14.48
CA TRP D 93 26.30 -59.25 13.03
C TRP D 93 27.11 -60.36 12.38
N GLY D 94 27.20 -60.32 11.05
CA GLY D 94 27.76 -61.44 10.31
C GLY D 94 29.25 -61.62 10.50
N ASP D 95 30.02 -60.51 10.45
CA ASP D 95 31.47 -60.59 10.64
C ASP D 95 31.88 -61.07 12.04
N LEU D 96 30.93 -61.55 12.86
CA LEU D 96 31.20 -62.15 14.16
C LEU D 96 30.72 -63.58 14.25
N PHE D 97 30.01 -64.10 13.24
CA PHE D 97 29.45 -65.45 13.27
C PHE D 97 30.47 -66.45 12.72
N THR D 98 31.54 -66.62 13.49
CA THR D 98 32.55 -67.63 13.23
C THR D 98 32.13 -68.96 13.85
N PRO D 99 32.51 -70.09 13.25
CA PRO D 99 32.17 -71.39 13.87
C PRO D 99 32.68 -71.53 15.29
N ALA D 100 33.71 -70.78 15.68
CA ALA D 100 34.17 -70.81 17.06
C ALA D 100 33.13 -70.20 17.99
N LEU D 101 32.55 -69.05 17.61
CA LEU D 101 31.48 -68.46 18.41
C LEU D 101 30.32 -69.43 18.58
N TRP D 102 29.99 -70.18 17.54
CA TRP D 102 28.88 -71.13 17.63
C TRP D 102 29.17 -72.21 18.66
N ASP D 103 30.39 -72.73 18.69
CA ASP D 103 30.70 -73.85 19.58
C ASP D 103 30.53 -73.46 21.04
N ARG D 104 31.04 -72.29 21.43
CA ARG D 104 30.90 -71.87 22.82
C ARG D 104 29.48 -71.41 23.12
N LEU D 105 28.88 -70.62 22.21
CA LEU D 105 27.54 -70.11 22.45
C LEU D 105 26.47 -71.19 22.35
N SER D 106 26.76 -72.33 21.71
CA SER D 106 25.81 -73.43 21.66
C SER D 106 25.73 -74.20 22.97
N GLN D 107 26.39 -73.73 24.02
CA GLN D 107 26.36 -74.38 25.32
C GLN D 107 25.56 -73.60 26.36
N HIS D 108 25.17 -72.37 26.06
CA HIS D 108 24.34 -71.57 26.95
C HIS D 108 22.98 -71.36 26.30
N LYS D 109 21.92 -71.53 27.08
CA LYS D 109 20.56 -71.42 26.58
C LYS D 109 20.10 -69.97 26.68
N ALA D 110 18.78 -69.73 26.56
CA ALA D 110 18.19 -68.43 26.89
C ALA D 110 18.76 -67.36 25.96
N PRO D 111 18.67 -66.07 26.25
CA PRO D 111 19.38 -65.08 25.42
C PRO D 111 20.89 -65.02 25.62
N TYR D 112 21.49 -65.97 26.36
CA TYR D 112 22.93 -65.98 26.55
C TYR D 112 23.65 -66.81 25.50
N GLY D 113 22.91 -67.53 24.66
CA GLY D 113 23.49 -68.34 23.61
C GLY D 113 22.38 -69.09 22.90
N TRP D 114 22.76 -69.80 21.84
CA TRP D 114 21.78 -70.55 21.06
C TRP D 114 21.93 -72.05 21.26
N ARG D 115 21.73 -72.52 22.50
CA ARG D 115 21.82 -73.94 22.81
C ARG D 115 20.54 -74.65 22.40
N GLY D 116 20.67 -75.68 21.55
CA GLY D 116 19.53 -76.44 21.10
C GLY D 116 18.74 -75.80 19.99
N LEU D 117 19.19 -74.69 19.44
CA LEU D 117 18.49 -73.96 18.39
C LEU D 117 18.99 -74.40 17.02
N SER D 118 18.07 -74.35 16.05
CA SER D 118 18.36 -74.75 14.68
C SER D 118 19.47 -73.90 14.07
N HIS D 119 20.62 -74.52 13.80
CA HIS D 119 21.72 -73.80 13.18
C HIS D 119 21.33 -73.22 11.83
N GLN D 120 20.45 -73.90 11.10
CA GLN D 120 19.99 -73.38 9.82
C GLN D 120 19.32 -72.02 10.01
N VAL D 121 18.43 -71.92 11.00
CA VAL D 121 17.71 -70.66 11.23
C VAL D 121 18.66 -69.57 11.71
N ILE D 122 19.53 -69.90 12.67
CA ILE D 122 20.48 -68.91 13.17
C ILE D 122 21.37 -68.40 12.04
N ALA D 123 21.85 -69.30 11.20
CA ALA D 123 22.73 -68.88 10.11
C ALA D 123 21.97 -68.14 9.02
N SER D 124 20.75 -68.61 8.69
CA SER D 124 19.94 -67.94 7.69
C SER D 124 19.46 -66.57 8.15
N THR D 125 19.61 -66.23 9.44
CA THR D 125 19.35 -64.88 9.90
C THR D 125 20.61 -64.03 9.89
N LEU D 126 21.69 -64.55 10.47
CA LEU D 126 22.92 -63.76 10.58
C LEU D 126 23.55 -63.49 9.22
N SER D 127 23.36 -64.39 8.25
CA SER D 127 23.91 -64.14 6.92
C SER D 127 23.31 -62.90 6.28
N LEU D 128 22.15 -62.44 6.75
CA LEU D 128 21.57 -61.19 6.32
C LEU D 128 22.15 -59.98 7.04
N LEU D 129 23.03 -60.20 8.01
CA LEU D 129 23.49 -59.15 8.90
C LEU D 129 24.98 -58.83 8.76
N ASN D 130 25.68 -59.42 7.78
CA ASN D 130 27.10 -59.08 7.67
C ASN D 130 27.35 -57.79 6.90
N GLY D 131 26.33 -56.97 6.68
CA GLY D 131 26.57 -55.62 6.20
C GLY D 131 27.10 -54.72 7.31
N SER D 132 27.91 -53.74 6.91
CA SER D 132 28.57 -52.87 7.89
C SER D 132 27.56 -52.17 8.80
N GLU D 133 26.42 -51.76 8.24
CA GLU D 133 25.45 -50.99 9.01
C GLU D 133 24.89 -51.79 10.18
N SER D 134 24.89 -53.12 10.08
CA SER D 134 24.31 -53.99 11.10
C SER D 134 25.22 -54.22 12.29
N ALA D 135 26.36 -53.54 12.36
CA ALA D 135 27.33 -53.78 13.41
C ALA D 135 27.14 -52.88 14.63
N LYS D 136 26.62 -51.67 14.42
CA LYS D 136 26.49 -50.70 15.50
C LYS D 136 25.15 -49.99 15.39
N LEU D 137 24.81 -49.26 16.45
CA LEU D 137 23.55 -48.53 16.50
C LEU D 137 23.68 -47.13 15.92
N PHE D 138 24.83 -46.49 16.06
CA PHE D 138 25.08 -45.15 15.57
C PHE D 138 26.14 -45.17 14.47
N ALA D 139 25.99 -44.29 13.50
CA ALA D 139 26.95 -44.18 12.41
C ALA D 139 28.01 -43.13 12.75
N PRO D 140 29.24 -43.30 12.22
CA PRO D 140 30.31 -42.31 12.42
C PRO D 140 30.12 -41.04 11.60
N CYS D 148 28.55 -35.39 20.18
CA CYS D 148 27.90 -35.53 21.48
C CYS D 148 26.55 -36.25 21.36
N ILE D 149 26.37 -37.31 22.15
CA ILE D 149 25.21 -38.20 22.04
C ILE D 149 24.44 -38.14 23.35
N ARG D 150 23.23 -37.59 23.32
CA ARG D 150 22.38 -37.46 24.51
C ARG D 150 21.13 -38.32 24.29
N CYS D 151 20.99 -39.36 25.12
CA CYS D 151 19.95 -40.36 24.94
C CYS D 151 18.99 -40.38 26.13
N ALA D 152 17.72 -40.68 25.83
CA ALA D 152 16.67 -40.86 26.83
C ALA D 152 16.13 -42.28 26.70
N VAL D 153 15.97 -42.96 27.83
CA VAL D 153 15.44 -44.32 27.87
C VAL D 153 14.14 -44.30 28.66
N VAL D 154 13.04 -44.63 28.00
CA VAL D 154 11.70 -44.50 28.55
C VAL D 154 11.21 -45.90 28.88
N GLY D 155 11.21 -46.24 30.18
CA GLY D 155 10.44 -47.36 30.66
C GLY D 155 8.97 -46.99 30.77
N ASN D 156 8.14 -47.99 30.99
CA ASN D 156 6.69 -47.81 30.92
C ASN D 156 6.02 -47.76 32.30
N GLY D 157 6.78 -47.44 33.34
CA GLY D 157 6.24 -47.43 34.69
C GLY D 157 5.24 -46.30 34.90
N GLY D 158 4.34 -46.55 35.86
CA GLY D 158 3.30 -45.59 36.17
C GLY D 158 3.80 -44.25 36.70
N ILE D 159 5.08 -44.16 37.06
CA ILE D 159 5.62 -42.89 37.55
C ILE D 159 5.49 -41.79 36.51
N LEU D 160 5.42 -42.16 35.22
CA LEU D 160 5.33 -41.17 34.14
C LEU D 160 3.94 -40.61 33.94
N ASN D 161 2.88 -41.30 34.37
CA ASN D 161 1.56 -40.72 34.21
C ASN D 161 1.46 -39.44 35.02
N GLY D 162 1.05 -38.35 34.36
CA GLY D 162 0.93 -37.06 35.02
C GLY D 162 2.25 -36.36 35.28
N SER D 163 3.35 -36.92 34.81
CA SER D 163 4.68 -36.36 35.04
C SER D 163 5.00 -35.22 34.08
N ARG D 164 4.38 -35.21 32.90
CA ARG D 164 4.53 -34.12 31.93
C ARG D 164 5.98 -33.98 31.47
N GLN D 165 6.68 -35.11 31.41
CA GLN D 165 8.10 -35.16 31.05
C GLN D 165 8.32 -35.19 29.54
N GLY D 166 7.27 -34.97 28.75
CA GLY D 166 7.38 -34.98 27.31
C GLY D 166 8.48 -34.06 26.80
N PRO D 167 8.41 -32.76 27.14
CA PRO D 167 9.48 -31.85 26.72
C PRO D 167 10.88 -32.35 27.06
N ASN D 168 11.09 -32.81 28.30
CA ASN D 168 12.42 -33.28 28.70
C ASN D 168 12.83 -34.51 27.90
N ILE D 169 11.90 -35.44 27.69
CA ILE D 169 12.21 -36.66 26.95
C ILE D 169 12.57 -36.34 25.50
N ASP D 170 11.74 -35.51 24.84
CA ASP D 170 11.95 -35.26 23.43
C ASP D 170 13.11 -34.30 23.15
N ALA D 171 13.68 -33.66 24.19
CA ALA D 171 14.80 -32.76 23.96
C ALA D 171 16.09 -33.52 23.69
N HIS D 172 16.16 -34.80 24.04
CA HIS D 172 17.34 -35.59 23.79
C HIS D 172 17.50 -35.90 22.31
N ASP D 173 18.74 -36.18 21.90
CA ASP D 173 19.02 -36.48 20.51
C ASP D 173 18.37 -37.80 20.08
N TYR D 174 18.37 -38.80 20.96
CA TYR D 174 17.81 -40.11 20.68
C TYR D 174 16.97 -40.57 21.87
N VAL D 175 15.91 -41.32 21.57
CA VAL D 175 15.01 -41.84 22.58
C VAL D 175 14.88 -43.33 22.40
N PHE D 176 15.11 -44.08 23.48
CA PHE D 176 14.86 -45.53 23.53
C PHE D 176 13.49 -45.78 24.13
N ARG D 177 12.70 -46.62 23.46
CA ARG D 177 11.41 -47.08 23.98
C ARG D 177 11.35 -48.60 23.83
N LEU D 178 10.41 -49.23 24.53
CA LEU D 178 10.37 -50.69 24.54
C LEU D 178 9.00 -51.19 24.98
N ASN D 179 8.76 -52.48 24.68
CA ASN D 179 7.59 -53.27 25.13
C ASN D 179 6.31 -52.46 24.89
N GLY D 180 5.49 -52.23 25.92
CA GLY D 180 4.22 -51.53 25.79
C GLY D 180 4.39 -50.03 25.77
N ALA D 181 5.02 -49.52 24.71
CA ALA D 181 5.29 -48.09 24.57
C ALA D 181 4.05 -47.42 24.01
N VAL D 182 3.07 -47.17 24.88
CA VAL D 182 1.91 -46.39 24.47
C VAL D 182 2.33 -44.94 24.34
N ILE D 183 2.00 -44.33 23.19
CA ILE D 183 2.30 -42.94 22.93
C ILE D 183 1.02 -42.11 22.80
N LYS D 184 0.08 -42.59 21.99
CA LYS D 184 -1.19 -41.91 21.81
C LYS D 184 -1.89 -41.73 23.16
N GLY D 185 -2.32 -40.51 23.43
CA GLY D 185 -2.92 -40.16 24.70
C GLY D 185 -1.95 -39.82 25.81
N PHE D 186 -0.67 -40.15 25.66
CA PHE D 186 0.27 -39.94 26.75
C PHE D 186 1.50 -39.18 26.31
N GLU D 187 1.45 -38.55 25.14
CA GLU D 187 2.64 -37.90 24.61
C GLU D 187 3.01 -36.68 25.45
N ARG D 188 2.01 -36.09 26.10
CA ARG D 188 2.26 -35.04 27.08
C ARG D 188 3.21 -35.52 28.19
N ASP D 189 3.11 -36.78 28.61
CA ASP D 189 3.95 -37.30 29.68
C ASP D 189 5.19 -38.05 29.20
N VAL D 190 5.17 -38.64 28.01
CA VAL D 190 6.26 -39.51 27.57
C VAL D 190 6.86 -39.08 26.24
N GLY D 191 6.30 -38.07 25.57
CA GLY D 191 6.88 -37.57 24.35
C GLY D 191 6.49 -38.44 23.16
N THR D 192 6.97 -38.03 21.99
CA THR D 192 6.66 -38.74 20.75
C THR D 192 7.89 -39.19 19.99
N LYS D 193 9.08 -38.70 20.32
CA LYS D 193 10.26 -39.10 19.58
C LYS D 193 10.63 -40.53 19.94
N THR D 194 10.93 -41.33 18.92
CA THR D 194 11.44 -42.69 19.09
C THR D 194 12.52 -42.91 18.05
N SER D 195 13.74 -43.16 18.51
CA SER D 195 14.87 -43.52 17.64
C SER D 195 15.13 -45.02 17.62
N PHE D 196 14.97 -45.69 18.76
CA PHE D 196 15.12 -47.13 18.87
C PHE D 196 13.93 -47.70 19.64
N TYR D 197 13.50 -48.90 19.25
CA TYR D 197 12.46 -49.64 19.96
C TYR D 197 12.96 -51.04 20.23
N GLY D 198 13.01 -51.43 21.51
CA GLY D 198 13.51 -52.73 21.91
C GLY D 198 12.38 -53.63 22.36
N PHE D 199 12.54 -54.93 22.14
CA PHE D 199 11.46 -55.88 22.40
C PHE D 199 11.90 -57.32 22.20
N THR D 200 11.24 -58.25 22.87
CA THR D 200 11.17 -59.63 22.43
C THR D 200 9.87 -59.81 21.66
N VAL D 201 9.88 -60.71 20.67
CA VAL D 201 8.68 -60.99 19.90
C VAL D 201 7.54 -61.37 20.84
N ASN D 202 7.86 -62.10 21.91
CA ASN D 202 6.81 -62.54 22.83
C ASN D 202 6.16 -61.35 23.53
N THR D 203 6.97 -60.48 24.13
CA THR D 203 6.43 -59.36 24.89
C THR D 203 5.72 -58.35 23.99
N LYS D 205 4.03 -58.94 21.08
CA LYS D 205 2.71 -59.45 20.74
C LYS D 205 1.81 -59.59 21.97
N ASN D 206 2.37 -59.89 23.15
CA ASN D 206 1.55 -59.85 24.36
C ASN D 206 1.05 -58.44 24.64
N SER D 207 1.91 -57.44 24.45
CA SER D 207 1.51 -56.06 24.70
C SER D 207 0.37 -55.64 23.79
N LEU D 208 0.51 -55.91 22.48
CA LEU D 208 -0.57 -55.61 21.54
C LEU D 208 -1.89 -56.24 21.98
N VAL D 209 -1.84 -57.35 22.71
CA VAL D 209 -3.09 -58.00 23.12
C VAL D 209 -3.66 -57.33 24.36
N SER D 210 -2.82 -57.16 25.39
CA SER D 210 -3.32 -56.69 26.68
C SER D 210 -3.62 -55.20 26.68
N TYR D 211 -2.79 -54.42 25.99
CA TYR D 211 -2.90 -52.96 26.05
C TYR D 211 -3.53 -52.37 24.79
N TRP D 212 -4.25 -53.20 24.02
CA TRP D 212 -4.88 -52.71 22.78
C TRP D 212 -5.82 -51.55 23.06
N ASN D 213 -6.77 -51.73 23.97
CA ASN D 213 -7.75 -50.69 24.26
C ASN D 213 -7.19 -49.57 25.11
N LEU D 214 -6.00 -49.74 25.67
CA LEU D 214 -5.33 -48.66 26.39
C LEU D 214 -4.50 -47.78 25.47
N GLY D 215 -4.36 -48.14 24.20
CA GLY D 215 -3.63 -47.31 23.25
C GLY D 215 -2.64 -48.04 22.37
N PHE D 216 -2.03 -49.12 22.88
CA PHE D 216 -1.00 -49.84 22.15
C PHE D 216 -1.62 -50.66 21.02
N THR D 217 -1.91 -49.99 19.93
CA THR D 217 -2.43 -50.65 18.74
C THR D 217 -1.36 -50.87 17.68
N SER D 218 -0.13 -50.44 17.93
CA SER D 218 1.01 -50.63 17.05
C SER D 218 2.26 -50.17 17.79
N VAL D 219 3.39 -50.72 17.40
CA VAL D 219 4.68 -50.31 17.96
C VAL D 219 5.07 -48.98 17.34
N PRO D 220 6.02 -48.24 17.91
CA PRO D 220 6.41 -46.96 17.33
C PRO D 220 6.92 -47.11 15.90
N GLN D 221 6.50 -46.17 15.06
CA GLN D 221 6.91 -46.08 13.66
C GLN D 221 7.78 -44.85 13.47
N GLY D 222 8.74 -44.97 12.55
CA GLY D 222 9.64 -43.87 12.26
C GLY D 222 10.46 -44.11 11.02
N GLN D 223 10.78 -43.03 10.30
CA GLN D 223 11.61 -43.16 9.10
C GLN D 223 13.03 -43.55 9.45
N ASP D 224 13.58 -42.98 10.52
CA ASP D 224 14.91 -43.31 11.01
C ASP D 224 14.89 -44.22 12.22
N LEU D 225 13.70 -44.62 12.68
CA LEU D 225 13.60 -45.53 13.81
C LEU D 225 14.24 -46.87 13.46
N GLN D 226 15.06 -47.39 14.38
CA GLN D 226 15.63 -48.72 14.26
C GLN D 226 14.98 -49.64 15.30
N TYR D 227 14.56 -50.81 14.84
CA TYR D 227 14.01 -51.85 15.72
C TYR D 227 15.15 -52.77 16.15
N ILE D 228 15.32 -52.94 17.46
CA ILE D 228 16.40 -53.74 18.01
C ILE D 228 15.78 -54.99 18.61
N PHE D 229 16.09 -56.15 18.01
CA PHE D 229 15.56 -57.43 18.49
C PHE D 229 16.38 -57.96 19.66
N ILE D 230 15.72 -58.69 20.54
CA ILE D 230 16.35 -59.35 21.67
C ILE D 230 16.34 -60.85 21.40
N PRO D 231 17.50 -61.51 21.33
CA PRO D 231 17.54 -62.96 20.99
C PRO D 231 17.17 -63.86 22.17
N SER D 232 15.90 -63.78 22.60
CA SER D 232 15.44 -64.57 23.73
C SER D 232 14.85 -65.91 23.33
N ASP D 233 14.51 -66.10 22.05
CA ASP D 233 13.84 -67.30 21.59
C ASP D 233 13.98 -67.38 20.07
N ILE D 234 13.70 -68.56 19.52
CA ILE D 234 13.82 -68.76 18.07
C ILE D 234 12.93 -67.78 17.32
N ARG D 235 11.76 -67.45 17.87
CA ARG D 235 10.82 -66.56 17.21
C ARG D 235 11.46 -65.22 16.89
N ASP D 236 12.37 -64.76 17.74
CA ASP D 236 13.07 -63.51 17.50
C ASP D 236 13.94 -63.58 16.25
N TYR D 237 14.67 -64.69 16.08
CA TYR D 237 15.45 -64.88 14.87
C TYR D 237 14.56 -64.98 13.64
N VAL D 238 13.49 -65.77 13.73
CA VAL D 238 12.59 -65.96 12.59
C VAL D 238 11.91 -64.64 12.23
N LEU D 240 13.13 -61.66 12.90
CA LEU D 240 14.19 -60.81 12.36
C LEU D 240 14.48 -61.15 10.89
N ARG D 241 14.58 -62.44 10.57
CA ARG D 241 14.81 -62.84 9.19
C ARG D 241 13.65 -62.41 8.30
N SER D 242 12.42 -62.69 8.73
CA SER D 242 11.26 -62.33 7.91
C SER D 242 11.12 -60.82 7.76
N ALA D 243 11.51 -60.06 8.78
CA ALA D 243 11.41 -58.60 8.68
C ALA D 243 12.38 -58.05 7.64
N ILE D 244 13.63 -58.53 7.65
CA ILE D 244 14.62 -58.02 6.72
C ILE D 244 14.30 -58.46 5.29
N LEU D 245 13.78 -59.68 5.14
CA LEU D 245 13.36 -60.17 3.83
C LEU D 245 12.05 -59.56 3.36
N GLY D 246 11.25 -59.02 4.27
CA GLY D 246 9.93 -58.55 3.91
C GLY D 246 8.95 -59.64 3.56
N VAL D 247 9.15 -60.85 4.09
CA VAL D 247 8.29 -61.99 3.80
C VAL D 247 7.53 -62.35 5.07
N PRO D 248 6.28 -62.80 4.97
CA PRO D 248 5.59 -63.32 6.16
C PRO D 248 6.34 -64.49 6.75
N VAL D 249 6.34 -64.56 8.08
CA VAL D 249 7.10 -65.59 8.81
C VAL D 249 6.52 -66.96 8.47
N PRO D 250 7.34 -67.88 7.97
CA PRO D 250 6.81 -69.15 7.43
C PRO D 250 6.92 -70.35 8.38
N GLU D 251 7.29 -70.15 9.65
CA GLU D 251 7.41 -71.27 10.58
C GLU D 251 7.32 -70.73 12.01
N GLY D 252 7.30 -71.65 12.96
CA GLY D 252 7.28 -71.29 14.37
C GLY D 252 5.93 -70.85 14.86
N LEU D 253 5.91 -70.34 16.09
CA LEU D 253 4.65 -69.96 16.72
C LEU D 253 4.05 -68.72 16.06
N ASP D 254 4.89 -67.85 15.51
CA ASP D 254 4.41 -66.63 14.86
C ASP D 254 4.14 -66.83 13.38
N LYS D 255 4.19 -68.07 12.90
CA LYS D 255 3.90 -68.36 11.50
C LYS D 255 2.59 -67.73 11.07
N GLY D 256 2.65 -66.86 10.07
CA GLY D 256 1.45 -66.20 9.61
C GLY D 256 1.54 -64.70 9.47
N ASP D 257 1.75 -63.99 10.58
CA ASP D 257 1.62 -62.54 10.56
C ASP D 257 2.76 -61.90 9.77
N ARG D 258 2.51 -60.68 9.27
CA ARG D 258 3.48 -60.07 8.39
C ARG D 258 4.26 -58.99 9.11
N PRO D 259 5.58 -58.94 8.89
CA PRO D 259 6.40 -57.96 9.60
C PRO D 259 6.12 -56.52 9.18
N HIS D 260 5.70 -56.29 7.93
CA HIS D 260 5.39 -54.93 7.51
C HIS D 260 4.26 -54.33 8.32
N ALA D 261 3.35 -55.17 8.83
CA ALA D 261 2.29 -54.67 9.68
C ALA D 261 2.79 -54.27 11.06
N TYR D 262 3.91 -54.85 11.50
CA TYR D 262 4.54 -54.44 12.75
C TYR D 262 5.47 -53.25 12.54
N PHE D 263 6.38 -53.36 11.57
CA PHE D 263 7.52 -52.45 11.47
C PHE D 263 7.47 -51.52 10.27
N GLY D 264 6.50 -51.68 9.37
CA GLY D 264 6.30 -50.74 8.30
C GLY D 264 6.86 -51.17 6.98
N PRO D 265 6.86 -50.25 6.01
CA PRO D 265 7.22 -50.63 4.63
C PRO D 265 8.69 -50.92 4.43
N GLU D 266 9.59 -50.25 5.15
CA GLU D 266 11.02 -50.47 4.93
C GLU D 266 11.45 -51.80 5.52
N ALA D 267 12.09 -52.63 4.69
CA ALA D 267 12.58 -53.95 5.09
C ALA D 267 14.05 -54.10 4.66
N SER D 268 14.92 -53.34 5.31
CA SER D 268 16.35 -53.36 5.03
C SER D 268 17.10 -53.91 6.23
N ALA D 269 18.41 -54.06 6.09
CA ALA D 269 19.25 -54.40 7.23
C ALA D 269 19.56 -53.19 8.09
N SER D 270 19.37 -51.98 7.56
CA SER D 270 19.56 -50.75 8.30
C SER D 270 18.37 -50.43 9.20
N LYS D 271 17.29 -51.19 9.08
CA LYS D 271 16.09 -51.01 9.89
C LYS D 271 16.03 -51.94 11.09
N PHE D 272 16.61 -53.13 11.00
CA PHE D 272 16.51 -54.15 12.03
C PHE D 272 17.90 -54.55 12.50
N LYS D 273 18.14 -54.42 13.81
CA LYS D 273 19.38 -54.83 14.46
C LYS D 273 19.10 -55.94 15.46
N LEU D 274 20.16 -56.46 16.07
CA LEU D 274 20.05 -57.61 16.95
C LEU D 274 21.05 -57.49 18.10
N LEU D 275 20.56 -57.64 19.32
CA LEU D 275 21.40 -57.50 20.50
C LEU D 275 22.30 -58.72 20.66
N HIS D 276 23.57 -58.48 20.96
CA HIS D 276 24.54 -59.57 21.04
C HIS D 276 24.31 -60.38 22.31
N PRO D 277 24.20 -61.72 22.21
CA PRO D 277 24.04 -62.52 23.44
C PRO D 277 25.18 -62.35 24.43
N ASP D 278 26.42 -62.22 23.95
CA ASP D 278 27.52 -61.95 24.88
C ASP D 278 27.32 -60.64 25.61
N PHE D 279 26.80 -59.62 24.93
CA PHE D 279 26.53 -58.35 25.60
C PHE D 279 25.46 -58.51 26.67
N ILE D 280 24.49 -59.38 26.42
CA ILE D 280 23.48 -59.69 27.44
C ILE D 280 24.12 -60.47 28.59
N SER D 281 24.94 -61.49 28.26
CA SER D 281 25.61 -62.26 29.29
C SER D 281 26.52 -61.37 30.13
N TYR D 282 27.22 -60.43 29.49
CA TYR D 282 28.05 -59.49 30.23
C TYR D 282 27.22 -58.65 31.17
N LEU D 283 26.09 -58.13 30.68
CA LEU D 283 25.22 -57.32 31.53
C LEU D 283 24.69 -58.12 32.70
N THR D 284 24.32 -59.38 32.47
CA THR D 284 23.77 -60.20 33.54
C THR D 284 24.82 -60.48 34.61
N GLU D 285 26.06 -60.80 34.21
CA GLU D 285 27.09 -61.18 35.17
C GLU D 285 27.63 -59.96 35.91
N ARG D 286 28.00 -58.92 35.18
CA ARG D 286 28.68 -57.77 35.77
C ARG D 286 27.75 -56.74 36.38
N PHE D 287 26.44 -56.84 36.15
CA PHE D 287 25.54 -55.80 36.63
C PHE D 287 24.31 -56.34 37.36
N LEU D 288 23.66 -57.37 36.84
CA LEU D 288 22.38 -57.85 37.37
C LEU D 288 22.38 -59.38 37.48
N LYS D 289 23.24 -59.90 38.34
CA LYS D 289 23.25 -61.33 38.65
C LYS D 289 22.42 -61.53 39.92
N SER D 290 21.15 -61.89 39.74
CA SER D 290 20.21 -62.00 40.84
C SER D 290 20.24 -63.40 41.45
N LYS D 291 19.68 -63.51 42.65
CA LYS D 291 19.61 -64.80 43.33
C LYS D 291 18.76 -65.80 42.55
N LEU D 292 17.88 -65.32 41.67
CA LEU D 292 17.01 -66.20 40.89
C LEU D 292 17.80 -67.15 40.00
N ILE D 293 19.02 -66.79 39.63
CA ILE D 293 19.83 -67.66 38.76
C ILE D 293 20.05 -69.01 39.42
N ASN D 294 20.39 -69.02 40.72
CA ASN D 294 20.65 -70.26 41.44
C ASN D 294 19.38 -71.05 41.75
N THR D 295 18.21 -70.56 41.39
CA THR D 295 16.94 -71.23 41.70
C THR D 295 16.58 -72.23 40.61
N HIS D 296 15.52 -73.00 40.86
CA HIS D 296 15.12 -74.04 39.91
C HIS D 296 14.70 -73.44 38.58
N PHE D 297 13.91 -72.37 38.60
CA PHE D 297 13.49 -71.70 37.39
C PHE D 297 14.41 -70.56 36.98
N GLY D 298 15.66 -70.58 37.44
CA GLY D 298 16.65 -69.66 36.92
C GLY D 298 16.92 -69.84 35.44
N ASP D 299 16.46 -70.94 34.86
CA ASP D 299 16.50 -71.14 33.42
C ASP D 299 15.90 -69.94 32.70
N LEU D 300 14.79 -69.41 33.24
CA LEU D 300 14.03 -68.35 32.59
C LEU D 300 14.51 -66.95 32.93
N TYR D 301 15.48 -66.81 33.83
CA TYR D 301 15.86 -65.47 34.27
C TYR D 301 16.60 -64.71 33.19
N PRO D 303 17.54 -60.06 32.49
CA PRO D 303 17.16 -58.69 32.83
C PRO D 303 15.97 -58.23 32.01
N SER D 304 15.19 -57.32 32.58
CA SER D 304 14.03 -56.79 31.87
C SER D 304 14.48 -56.08 30.60
N THR D 305 13.61 -56.10 29.59
CA THR D 305 13.96 -55.44 28.33
C THR D 305 14.24 -53.95 28.58
N GLY D 306 13.50 -53.34 29.50
CA GLY D 306 13.82 -51.98 29.90
C GLY D 306 15.23 -51.86 30.45
N ALA D 307 15.63 -52.82 31.31
CA ALA D 307 17.00 -52.83 31.78
C ALA D 307 17.98 -53.07 30.64
N LEU D 308 17.60 -53.85 29.62
CA LEU D 308 18.47 -54.08 28.49
C LEU D 308 18.72 -52.79 27.70
N LEU D 310 18.33 -49.65 28.74
CA LEU D 310 19.00 -48.65 29.55
C LEU D 310 20.51 -48.87 29.53
N LEU D 311 20.95 -50.10 29.80
CA LEU D 311 22.37 -50.43 29.77
C LEU D 311 22.97 -50.28 28.38
N THR D 312 22.21 -50.61 27.33
CA THR D 312 22.67 -50.36 25.97
C THR D 312 22.98 -48.87 25.78
N ALA D 313 22.13 -48.00 26.31
CA ALA D 313 22.37 -46.56 26.21
C ALA D 313 23.60 -46.14 27.01
N LEU D 314 23.83 -46.79 28.16
CA LEU D 314 25.03 -46.49 28.94
C LEU D 314 26.30 -46.76 28.14
N HIS D 315 26.30 -47.81 27.31
CA HIS D 315 27.50 -48.21 26.60
C HIS D 315 27.65 -47.57 25.22
N THR D 316 26.65 -46.83 24.75
CA THR D 316 26.71 -46.23 23.43
C THR D 316 26.52 -44.73 23.40
N CYS D 317 26.05 -44.12 24.49
CA CYS D 317 25.74 -42.70 24.52
C CYS D 317 26.74 -41.96 25.39
N ASP D 318 26.69 -40.62 25.30
CA ASP D 318 27.56 -39.78 26.12
C ASP D 318 26.90 -39.37 27.42
N GLN D 319 25.58 -39.27 27.45
CA GLN D 319 24.83 -39.06 28.68
C GLN D 319 23.45 -39.66 28.48
N VAL D 320 22.93 -40.31 29.51
CA VAL D 320 21.68 -41.04 29.44
C VAL D 320 20.75 -40.55 30.54
N SER D 321 19.48 -40.41 30.20
CA SER D 321 18.43 -40.04 31.15
C SER D 321 17.38 -41.14 31.13
N ALA D 322 17.03 -41.64 32.31
CA ALA D 322 16.08 -42.73 32.45
C ALA D 322 14.76 -42.19 32.99
N TYR D 323 13.66 -42.53 32.31
CA TYR D 323 12.31 -42.15 32.68
C TYR D 323 11.43 -43.39 32.72
N GLY D 324 10.52 -43.44 33.69
CA GLY D 324 9.60 -44.55 33.77
C GLY D 324 10.18 -45.87 34.23
N PHE D 325 11.32 -45.85 34.91
CA PHE D 325 11.92 -47.04 35.50
C PHE D 325 11.58 -47.13 36.99
N ILE D 326 11.66 -48.35 37.52
CA ILE D 326 11.22 -48.58 38.89
C ILE D 326 12.08 -47.76 39.85
N THR D 327 11.42 -47.09 40.81
CA THR D 327 12.08 -46.32 41.85
C THR D 327 11.58 -46.80 43.21
N SER D 328 12.01 -46.11 44.27
CA SER D 328 11.62 -46.52 45.63
C SER D 328 10.12 -46.38 45.84
N ASN D 329 9.54 -45.27 45.39
CA ASN D 329 8.10 -45.04 45.56
C ASN D 329 7.28 -45.54 44.37
N TYR D 330 7.73 -46.61 43.71
CA TYR D 330 6.99 -47.16 42.58
C TYR D 330 5.55 -47.48 42.97
N TRP D 331 5.35 -48.00 44.19
CA TRP D 331 4.04 -48.44 44.66
C TRP D 331 3.04 -47.29 44.76
N LYS D 332 3.50 -46.04 44.81
CA LYS D 332 2.60 -44.91 44.81
C LYS D 332 1.91 -44.70 43.47
N PHE D 333 2.38 -45.36 42.41
CA PHE D 333 1.85 -45.23 41.06
C PHE D 333 1.38 -46.59 40.55
N SER D 334 0.55 -46.55 39.51
CA SER D 334 0.09 -47.80 38.93
C SER D 334 1.26 -48.52 38.23
N ASP D 335 0.98 -49.74 37.76
CA ASP D 335 1.99 -50.55 37.09
C ASP D 335 2.58 -49.79 35.91
N HIS D 336 1.73 -49.32 35.01
CA HIS D 336 2.15 -48.64 33.80
C HIS D 336 1.52 -47.25 33.75
N TYR D 337 2.19 -46.36 32.99
CA TYR D 337 1.70 -44.99 32.89
C TYR D 337 0.43 -44.91 32.07
N PHE D 338 0.15 -45.89 31.23
CA PHE D 338 -1.04 -45.89 30.39
C PHE D 338 -2.22 -46.61 31.02
N GLU D 339 -2.04 -47.22 32.19
CA GLU D 339 -3.17 -47.77 32.92
C GLU D 339 -4.13 -46.65 33.27
N ARG D 340 -5.41 -46.84 32.98
CA ARG D 340 -6.42 -45.86 33.38
C ARG D 340 -6.96 -46.12 34.78
N LYS D 341 -6.50 -47.18 35.45
CA LYS D 341 -6.93 -47.53 36.78
C LYS D 341 -5.73 -48.05 37.56
N LYS D 343 -3.34 -50.29 39.22
CA LYS D 343 -2.98 -51.70 39.19
C LYS D 343 -1.59 -51.89 39.78
N PRO D 344 -1.40 -52.91 40.60
CA PRO D 344 -0.10 -53.08 41.27
C PRO D 344 0.98 -53.60 40.32
N LEU D 345 2.21 -53.18 40.58
CA LEU D 345 3.35 -53.78 39.91
C LEU D 345 3.50 -55.22 40.36
N ILE D 346 3.49 -56.16 39.41
CA ILE D 346 3.60 -57.58 39.68
C ILE D 346 5.01 -58.03 39.35
N PHE D 347 5.65 -58.75 40.28
CA PHE D 347 7.04 -59.18 40.14
C PHE D 347 7.04 -60.62 39.65
N TYR D 348 7.34 -60.82 38.38
CA TYR D 348 7.40 -62.14 37.78
C TYR D 348 8.79 -62.77 38.03
N ALA D 349 8.90 -64.06 37.71
CA ALA D 349 10.09 -64.82 38.05
C ALA D 349 11.21 -64.63 37.04
N ASN D 350 10.89 -64.32 35.78
CA ASN D 350 11.93 -64.17 34.76
C ASN D 350 12.80 -62.93 34.98
N HIS D 351 12.32 -61.94 35.71
CA HIS D 351 13.14 -60.79 36.07
C HIS D 351 13.09 -60.60 37.58
N ASP D 352 13.94 -59.73 38.10
CA ASP D 352 13.72 -59.21 39.45
C ASP D 352 14.00 -57.71 39.41
N LEU D 353 12.93 -56.94 39.54
CA LEU D 353 13.01 -55.50 39.37
C LEU D 353 13.53 -54.79 40.61
N SER D 354 13.67 -55.49 41.74
CA SER D 354 14.27 -54.88 42.93
C SER D 354 15.77 -54.73 42.78
N LEU D 355 16.43 -55.66 42.08
CA LEU D 355 17.84 -55.50 41.77
C LEU D 355 18.04 -54.37 40.76
N GLU D 356 17.20 -54.30 39.74
CA GLU D 356 17.30 -53.22 38.76
C GLU D 356 17.07 -51.87 39.40
N ALA D 357 16.09 -51.78 40.32
CA ALA D 357 15.85 -50.54 41.03
C ALA D 357 17.09 -50.11 41.80
N ALA D 358 17.79 -51.08 42.40
CA ALA D 358 19.03 -50.77 43.10
C ALA D 358 20.11 -50.33 42.12
N LEU D 359 20.17 -50.96 40.94
CA LEU D 359 21.15 -50.55 39.93
C LEU D 359 20.95 -49.09 39.54
N TRP D 360 19.71 -48.69 39.25
CA TRP D 360 19.46 -47.32 38.83
C TRP D 360 19.74 -46.35 39.96
N ARG D 361 19.46 -46.76 41.20
CA ARG D 361 19.78 -45.91 42.34
C ARG D 361 21.29 -45.69 42.47
N ASP D 362 22.08 -46.74 42.21
CA ASP D 362 23.53 -46.61 42.33
C ASP D 362 24.12 -45.85 41.15
N LEU D 363 23.66 -46.14 39.93
CA LEU D 363 24.11 -45.36 38.79
C LEU D 363 23.80 -43.88 38.97
N HIS D 364 22.69 -43.56 39.63
CA HIS D 364 22.31 -42.16 39.83
C HIS D 364 23.24 -41.47 40.84
N LYS D 365 23.50 -42.13 41.97
CA LYS D 365 24.34 -41.53 43.01
C LYS D 365 25.76 -41.30 42.53
N ALA D 366 26.19 -42.04 41.51
CA ALA D 366 27.51 -41.87 40.90
C ALA D 366 27.51 -40.90 39.73
N GLY D 367 26.36 -40.31 39.41
CA GLY D 367 26.30 -39.41 38.27
C GLY D 367 26.53 -40.07 36.93
N ILE D 368 26.42 -41.39 36.86
CA ILE D 368 26.53 -42.07 35.58
C ILE D 368 25.21 -42.00 34.82
N LEU D 369 24.09 -41.90 35.53
CA LEU D 369 22.77 -41.92 34.92
C LEU D 369 21.88 -40.90 35.59
N GLN D 370 21.06 -40.21 34.79
CA GLN D 370 20.06 -39.27 35.29
C GLN D 370 18.72 -40.00 35.40
N LEU D 371 18.30 -40.29 36.63
CA LEU D 371 17.11 -41.09 36.88
C LEU D 371 15.94 -40.19 37.27
N TYR D 372 14.82 -40.32 36.56
CA TYR D 372 13.68 -39.50 36.89
C TYR D 372 12.99 -40.01 38.14
N GLN D 373 12.77 -39.13 39.11
CA GLN D 373 12.19 -39.49 40.38
C GLN D 373 11.18 -38.45 40.79
N ARG D 374 10.24 -38.85 41.64
CA ARG D 374 9.33 -37.90 42.27
C ARG D 374 8.59 -38.52 43.44
N CYS E 66 -31.83 -9.08 -4.88
CA CYS E 66 -30.53 -8.44 -4.69
C CYS E 66 -30.01 -8.64 -3.27
N ARG E 67 -30.94 -8.57 -2.30
CA ARG E 67 -30.58 -8.91 -0.92
C ARG E 67 -30.33 -10.41 -0.78
N HIS E 68 -31.00 -11.24 -1.58
CA HIS E 68 -30.81 -12.67 -1.56
C HIS E 68 -29.40 -13.11 -1.99
N LEU E 69 -28.53 -12.17 -2.36
CA LEU E 69 -27.15 -12.51 -2.69
C LEU E 69 -26.41 -13.07 -1.49
N LEU E 70 -26.31 -12.28 -0.42
CA LEU E 70 -25.52 -12.67 0.74
C LEU E 70 -26.16 -13.82 1.51
N HIS E 71 -27.49 -13.96 1.43
CA HIS E 71 -28.17 -14.98 2.22
C HIS E 71 -27.71 -16.39 1.86
N LEU E 72 -27.55 -16.67 0.56
CA LEU E 72 -27.07 -18.00 0.15
C LEU E 72 -25.64 -18.25 0.63
N ALA E 73 -24.82 -17.19 0.68
CA ALA E 73 -23.46 -17.35 1.17
C ALA E 73 -23.43 -17.85 2.62
N ILE E 74 -24.37 -17.37 3.44
CA ILE E 74 -24.49 -17.88 4.80
C ILE E 74 -25.18 -19.24 4.81
N GLN E 75 -26.07 -19.51 3.84
CA GLN E 75 -26.75 -20.78 3.78
C GLN E 75 -25.85 -21.89 3.23
N ARG E 76 -24.83 -21.54 2.44
CA ARG E 76 -23.90 -22.51 1.87
C ARG E 76 -23.10 -23.21 2.95
N HIS E 77 -22.12 -22.51 3.52
CA HIS E 77 -21.28 -23.09 4.55
C HIS E 77 -22.03 -23.14 5.88
N PRO E 78 -22.23 -24.31 6.48
CA PRO E 78 -23.03 -24.38 7.71
C PRO E 78 -22.35 -23.78 8.93
N HIS E 79 -21.03 -23.62 8.93
CA HIS E 79 -20.35 -23.07 10.10
C HIS E 79 -20.81 -21.65 10.40
N PHE E 80 -21.10 -20.87 9.36
CA PHE E 80 -21.60 -19.52 9.55
C PHE E 80 -23.12 -19.41 9.49
N ARG E 81 -23.80 -20.44 8.99
CA ARG E 81 -25.26 -20.46 9.08
C ARG E 81 -25.70 -20.62 10.53
N GLY E 82 -25.07 -21.54 11.27
CA GLY E 82 -25.37 -21.74 12.67
C GLY E 82 -24.75 -20.70 13.58
N LEU E 83 -24.32 -19.58 13.00
CA LEU E 83 -23.78 -18.45 13.75
C LEU E 83 -24.58 -17.17 13.53
N PHE E 84 -24.86 -16.81 12.27
CA PHE E 84 -25.64 -15.61 12.00
C PHE E 84 -27.08 -15.74 12.46
N ASN E 85 -27.55 -14.77 13.23
CA ASN E 85 -28.94 -14.66 13.67
C ASN E 85 -29.41 -13.24 13.32
N LEU E 86 -30.08 -13.11 12.17
CA LEU E 86 -30.58 -11.81 11.72
C LEU E 86 -31.79 -11.34 12.50
N SER E 87 -32.31 -12.15 13.42
CA SER E 87 -33.41 -11.73 14.28
C SER E 87 -32.95 -10.82 15.41
N ILE E 88 -31.68 -10.88 15.79
CA ILE E 88 -31.21 -10.09 16.94
C ILE E 88 -31.20 -8.62 16.58
N PRO E 89 -31.76 -7.73 17.39
CA PRO E 89 -31.82 -6.31 17.02
C PRO E 89 -30.43 -5.67 17.11
N VAL E 90 -30.06 -4.96 16.04
CA VAL E 90 -28.76 -4.31 15.98
C VAL E 90 -28.74 -3.04 16.83
N LEU E 91 -29.86 -2.35 16.90
CA LEU E 91 -29.96 -1.08 17.59
C LEU E 91 -30.79 -1.22 18.85
N LEU E 92 -30.56 -0.30 19.78
CA LEU E 92 -31.37 -0.19 20.99
C LEU E 92 -32.23 1.06 20.88
N TRP E 93 -33.47 0.95 21.34
CA TRP E 93 -34.43 2.05 21.25
C TRP E 93 -35.52 1.84 22.30
N GLY E 94 -36.46 2.79 22.34
CA GLY E 94 -37.50 2.84 23.35
C GLY E 94 -38.29 1.56 23.58
N ASP E 95 -38.94 1.05 22.55
CA ASP E 95 -39.78 -0.15 22.67
C ASP E 95 -39.04 -1.35 23.23
N LEU E 96 -37.71 -1.34 23.26
CA LEU E 96 -36.95 -2.44 23.82
C LEU E 96 -36.58 -2.23 25.27
N PHE E 97 -36.77 -1.04 25.81
CA PHE E 97 -36.35 -0.75 27.18
C PHE E 97 -37.42 -1.26 28.14
N THR E 98 -37.26 -2.50 28.59
CA THR E 98 -38.19 -3.15 29.49
C THR E 98 -37.56 -3.38 30.85
N PRO E 99 -38.36 -3.54 31.91
CA PRO E 99 -37.79 -3.90 33.21
C PRO E 99 -37.02 -5.21 33.17
N ALA E 100 -37.40 -6.14 32.29
CA ALA E 100 -36.65 -7.38 32.19
C ALA E 100 -35.26 -7.14 31.57
N LEU E 101 -35.19 -6.31 30.53
CA LEU E 101 -33.90 -6.00 29.93
C LEU E 101 -33.00 -5.27 30.91
N TRP E 102 -33.57 -4.37 31.71
CA TRP E 102 -32.78 -3.64 32.69
C TRP E 102 -32.14 -4.57 33.71
N ASP E 103 -32.91 -5.55 34.22
CA ASP E 103 -32.35 -6.45 35.24
C ASP E 103 -31.24 -7.31 34.66
N ARG E 104 -31.43 -7.87 33.47
CA ARG E 104 -30.41 -8.73 32.89
C ARG E 104 -29.17 -7.92 32.51
N LEU E 105 -29.36 -6.82 31.79
CA LEU E 105 -28.22 -5.99 31.40
C LEU E 105 -27.53 -5.35 32.60
N SER E 106 -28.19 -5.27 33.75
CA SER E 106 -27.55 -4.78 34.97
C SER E 106 -26.51 -5.75 35.50
N GLN E 107 -26.43 -6.97 34.96
CA GLN E 107 -25.45 -7.96 35.38
C GLN E 107 -24.11 -7.81 34.69
N HIS E 108 -24.05 -7.07 33.59
CA HIS E 108 -22.86 -7.03 32.74
C HIS E 108 -22.36 -5.61 32.58
N LYS E 109 -21.04 -5.45 32.58
CA LYS E 109 -20.41 -4.14 32.50
C LYS E 109 -20.16 -3.80 31.03
N ALA E 110 -19.32 -2.79 30.79
CA ALA E 110 -18.72 -2.61 29.48
C ALA E 110 -19.83 -2.31 28.47
N PRO E 111 -19.62 -2.50 27.15
CA PRO E 111 -20.76 -2.41 26.23
C PRO E 111 -21.68 -3.63 26.24
N TYR E 112 -21.47 -4.59 27.15
CA TYR E 112 -22.33 -5.77 27.19
C TYR E 112 -23.54 -5.57 28.08
N GLY E 113 -23.58 -4.49 28.86
CA GLY E 113 -24.70 -4.23 29.72
C GLY E 113 -24.52 -2.86 30.33
N TRP E 114 -25.08 -2.64 31.51
CA TRP E 114 -24.87 -1.36 32.17
C TRP E 114 -24.81 -1.54 33.68
N ARG E 115 -24.03 -2.52 34.15
CA ARG E 115 -23.84 -2.70 35.57
C ARG E 115 -23.20 -1.46 36.18
N GLY E 116 -23.78 -0.96 37.27
CA GLY E 116 -23.22 0.20 37.91
C GLY E 116 -23.50 1.51 37.21
N LEU E 117 -24.44 1.53 36.28
CA LEU E 117 -24.86 2.74 35.60
C LEU E 117 -26.23 3.16 36.11
N SER E 118 -26.45 4.47 36.19
CA SER E 118 -27.66 4.96 36.82
C SER E 118 -28.86 4.75 35.91
N HIS E 119 -29.95 4.25 36.50
CA HIS E 119 -31.22 4.18 35.77
C HIS E 119 -31.65 5.55 35.28
N GLN E 120 -31.31 6.60 36.02
CA GLN E 120 -31.70 7.94 35.65
C GLN E 120 -31.12 8.33 34.28
N VAL E 121 -29.81 8.12 34.09
CA VAL E 121 -29.19 8.47 32.82
C VAL E 121 -29.70 7.58 31.71
N ILE E 122 -29.71 6.26 31.92
CA ILE E 122 -30.06 5.35 30.83
C ILE E 122 -31.51 5.55 30.41
N ALA E 123 -32.42 5.59 31.38
CA ALA E 123 -33.84 5.72 31.04
C ALA E 123 -34.15 7.07 30.39
N SER E 124 -33.47 8.13 30.82
CA SER E 124 -33.67 9.44 30.20
C SER E 124 -33.09 9.48 28.79
N THR E 125 -32.06 8.69 28.50
CA THR E 125 -31.55 8.64 27.13
C THR E 125 -32.48 7.81 26.24
N LEU E 126 -32.81 6.60 26.68
CA LEU E 126 -33.63 5.73 25.85
C LEU E 126 -35.03 6.27 25.68
N SER E 127 -35.49 7.17 26.56
CA SER E 127 -36.80 7.77 26.38
C SER E 127 -36.86 8.68 25.17
N LEU E 128 -35.71 9.17 24.70
CA LEU E 128 -35.64 9.94 23.47
C LEU E 128 -35.61 9.06 22.23
N LEU E 129 -35.36 7.76 22.40
CA LEU E 129 -35.26 6.81 21.30
C LEU E 129 -36.56 6.02 21.10
N ASN E 130 -37.68 6.54 21.60
CA ASN E 130 -38.96 5.85 21.50
C ASN E 130 -39.63 6.02 20.15
N GLY E 131 -39.07 6.84 19.27
CA GLY E 131 -39.58 6.96 17.92
C GLY E 131 -39.37 5.68 17.12
N SER E 132 -39.68 5.77 15.83
CA SER E 132 -39.57 4.62 14.94
C SER E 132 -38.23 4.52 14.24
N GLU E 133 -37.57 5.64 13.97
CA GLU E 133 -36.30 5.61 13.23
C GLU E 133 -35.14 5.14 14.08
N SER E 134 -35.28 5.17 15.40
CA SER E 134 -34.19 4.75 16.28
C SER E 134 -33.95 3.24 16.26
N ALA E 135 -34.86 2.46 15.70
CA ALA E 135 -34.74 1.01 15.69
C ALA E 135 -33.94 0.49 14.51
N LYS E 136 -33.80 1.26 13.44
CA LYS E 136 -33.19 0.78 12.23
C LYS E 136 -32.20 1.81 11.70
N LEU E 137 -31.15 1.33 11.03
CA LEU E 137 -30.23 2.20 10.32
C LEU E 137 -30.74 2.58 8.94
N PHE E 138 -31.59 1.76 8.33
CA PHE E 138 -32.05 2.01 6.98
C PHE E 138 -33.58 2.18 6.93
N CYS E 148 -31.47 -1.65 -3.66
CA CYS E 148 -30.53 -2.60 -3.06
C CYS E 148 -29.55 -1.86 -2.15
N ILE E 149 -28.89 -2.59 -1.26
CA ILE E 149 -28.10 -2.00 -0.17
C ILE E 149 -26.65 -2.44 -0.33
N ARG E 150 -25.80 -1.52 -0.76
CA ARG E 150 -24.37 -1.76 -0.91
C ARG E 150 -23.64 -0.90 0.11
N CYS E 151 -22.79 -1.54 0.92
CA CYS E 151 -22.13 -0.87 2.03
C CYS E 151 -20.62 -1.08 1.97
N ALA E 152 -19.89 -0.02 2.28
CA ALA E 152 -18.44 -0.05 2.35
C ALA E 152 -18.01 0.43 3.73
N VAL E 153 -17.32 -0.42 4.47
CA VAL E 153 -16.82 -0.07 5.79
C VAL E 153 -15.33 0.26 5.64
N VAL E 154 -14.96 1.48 6.02
CA VAL E 154 -13.60 1.96 5.89
C VAL E 154 -12.97 1.96 7.28
N GLY E 155 -12.02 1.07 7.49
CA GLY E 155 -11.22 1.12 8.70
C GLY E 155 -10.26 2.28 8.66
N ASN E 156 -9.09 2.14 9.28
CA ASN E 156 -8.10 3.20 9.21
C ASN E 156 -6.70 2.63 8.99
N GLY E 157 -6.56 1.39 8.51
CA GLY E 157 -5.25 0.77 8.41
C GLY E 157 -4.40 1.36 7.30
N GLY E 158 -3.09 1.26 7.49
CA GLY E 158 -2.12 1.81 6.56
C GLY E 158 -2.16 1.20 5.16
N ILE E 159 -2.91 0.12 4.98
CA ILE E 159 -3.01 -0.56 3.69
C ILE E 159 -3.71 0.34 2.67
N LEU E 160 -4.25 1.46 3.14
CA LEU E 160 -4.92 2.41 2.26
C LEU E 160 -4.03 3.56 1.78
N ASN E 161 -2.95 3.88 2.50
CA ASN E 161 -2.05 4.96 2.05
C ASN E 161 -1.49 4.60 0.68
N GLY E 162 -1.99 5.27 -0.35
CA GLY E 162 -1.56 5.00 -1.71
C GLY E 162 -2.38 3.95 -2.44
N SER E 163 -3.37 3.35 -1.79
CA SER E 163 -4.16 2.31 -2.43
C SER E 163 -5.08 2.86 -3.52
N ARG E 164 -5.30 4.17 -3.55
CA ARG E 164 -6.10 4.84 -4.58
C ARG E 164 -7.51 4.25 -4.66
N GLN E 165 -8.01 3.71 -3.56
CA GLN E 165 -9.32 3.07 -3.54
C GLN E 165 -10.46 4.06 -3.29
N GLY E 166 -10.16 5.36 -3.17
CA GLY E 166 -11.14 6.36 -2.84
C GLY E 166 -12.38 6.32 -3.70
N PRO E 167 -12.21 6.52 -5.01
CA PRO E 167 -13.37 6.40 -5.92
C PRO E 167 -14.03 5.03 -5.87
N ASN E 168 -13.25 3.97 -5.73
CA ASN E 168 -13.82 2.64 -5.66
C ASN E 168 -14.69 2.47 -4.42
N ILE E 169 -14.37 3.19 -3.34
CA ILE E 169 -15.14 3.11 -2.11
C ILE E 169 -16.47 3.84 -2.26
N ASP E 170 -16.43 5.05 -2.83
CA ASP E 170 -17.65 5.86 -2.95
C ASP E 170 -18.66 5.29 -3.94
N ALA E 171 -18.30 4.23 -4.68
CA ALA E 171 -19.23 3.60 -5.59
C ALA E 171 -20.35 2.85 -4.88
N HIS E 172 -20.15 2.51 -3.61
CA HIS E 172 -21.19 1.85 -2.84
C HIS E 172 -22.28 2.85 -2.46
N ASP E 173 -23.41 2.31 -1.97
CA ASP E 173 -24.55 3.15 -1.62
C ASP E 173 -24.34 3.87 -0.29
N TYR E 174 -23.72 3.20 0.69
CA TYR E 174 -23.46 3.79 1.99
C TYR E 174 -22.02 3.51 2.41
N VAL E 175 -21.45 4.43 3.19
CA VAL E 175 -20.06 4.36 3.64
C VAL E 175 -20.05 4.47 5.16
N PHE E 176 -19.65 3.39 5.83
CA PHE E 176 -19.41 3.40 7.27
C PHE E 176 -17.99 3.86 7.54
N ARG E 177 -17.83 4.81 8.46
CA ARG E 177 -16.52 5.23 8.90
C ARG E 177 -16.49 5.25 10.43
N LEU E 178 -15.28 5.31 10.99
CA LEU E 178 -15.14 5.18 12.43
C LEU E 178 -13.88 5.89 12.91
N ASN E 179 -13.93 6.32 14.17
CA ASN E 179 -12.79 6.86 14.90
C ASN E 179 -11.99 7.87 14.08
N GLY E 180 -10.67 7.79 14.12
CA GLY E 180 -9.83 8.75 13.44
C GLY E 180 -9.96 8.71 11.93
N ALA E 181 -11.12 9.07 11.39
CA ALA E 181 -11.37 8.96 9.95
C ALA E 181 -11.01 10.29 9.27
N VAL E 182 -9.72 10.44 9.00
CA VAL E 182 -9.22 11.63 8.31
C VAL E 182 -9.49 11.49 6.81
N ILE E 183 -10.03 12.54 6.21
CA ILE E 183 -10.40 12.51 4.81
C ILE E 183 -9.68 13.62 4.07
N LYS E 184 -9.51 14.76 4.73
CA LYS E 184 -8.78 15.88 4.14
C LYS E 184 -7.33 15.51 3.88
N GLY E 185 -6.97 15.33 2.61
CA GLY E 185 -5.62 15.01 2.20
C GLY E 185 -5.44 13.60 1.67
N PHE E 186 -6.49 12.78 1.69
CA PHE E 186 -6.37 11.37 1.32
C PHE E 186 -7.58 10.90 0.53
N GLU E 187 -8.36 11.82 -0.06
CA GLU E 187 -9.63 11.44 -0.66
C GLU E 187 -9.47 10.59 -1.91
N ARG E 188 -8.30 10.59 -2.55
CA ARG E 188 -8.08 9.66 -3.65
C ARG E 188 -7.85 8.25 -3.15
N ASP E 189 -7.43 8.10 -1.89
CA ASP E 189 -7.17 6.79 -1.29
C ASP E 189 -8.38 6.26 -0.51
N VAL E 190 -9.04 7.11 0.26
CA VAL E 190 -10.10 6.67 1.16
C VAL E 190 -11.49 7.11 0.70
N GLY E 191 -11.61 8.22 -0.02
CA GLY E 191 -12.91 8.71 -0.49
C GLY E 191 -13.38 9.91 0.31
N THR E 192 -14.56 10.42 -0.09
CA THR E 192 -15.18 11.57 0.56
C THR E 192 -16.57 11.28 1.12
N LYS E 193 -17.28 10.29 0.61
CA LYS E 193 -18.63 9.98 1.07
C LYS E 193 -18.60 9.36 2.45
N THR E 194 -19.49 9.84 3.33
CA THR E 194 -19.62 9.34 4.68
C THR E 194 -21.10 9.25 5.01
N SER E 195 -21.61 8.03 5.14
CA SER E 195 -23.01 7.79 5.50
C SER E 195 -23.18 7.53 7.00
N PHE E 196 -22.38 6.63 7.56
CA PHE E 196 -22.41 6.34 8.99
C PHE E 196 -21.04 6.62 9.58
N TYR E 197 -21.03 7.11 10.82
CA TYR E 197 -19.78 7.31 11.56
C TYR E 197 -19.97 6.74 12.97
N GLY E 198 -19.39 5.57 13.21
CA GLY E 198 -19.44 4.95 14.51
C GLY E 198 -18.23 5.27 15.36
N PHE E 199 -18.42 5.20 16.68
CA PHE E 199 -17.39 5.67 17.60
C PHE E 199 -17.85 5.38 19.03
N THR E 200 -16.90 5.42 19.95
CA THR E 200 -17.18 5.74 21.34
C THR E 200 -16.71 7.16 21.58
N VAL E 201 -17.34 7.83 22.55
CA VAL E 201 -16.96 9.21 22.86
C VAL E 201 -15.49 9.28 23.24
N ASN E 202 -15.00 8.29 23.99
CA ASN E 202 -13.60 8.28 24.40
C ASN E 202 -12.68 8.19 23.19
N THR E 203 -12.99 7.30 22.24
CA THR E 203 -12.15 7.18 21.06
C THR E 203 -12.26 8.43 20.19
N LYS E 205 -12.98 11.63 20.99
CA LYS E 205 -12.26 12.76 21.56
C LYS E 205 -10.75 12.52 21.54
N ASN E 206 -10.33 11.28 21.78
CA ASN E 206 -8.90 10.99 21.75
C ASN E 206 -8.34 11.14 20.34
N SER E 207 -9.11 10.79 19.31
CA SER E 207 -8.64 10.96 17.94
C SER E 207 -8.45 12.43 17.61
N LEU E 208 -9.45 13.26 17.95
CA LEU E 208 -9.36 14.69 17.68
C LEU E 208 -8.19 15.37 18.40
N VAL E 209 -7.59 14.70 19.39
CA VAL E 209 -6.50 15.29 20.16
C VAL E 209 -5.16 14.81 19.62
N SER E 210 -4.96 13.50 19.60
CA SER E 210 -3.67 12.95 19.21
C SER E 210 -3.41 13.13 17.72
N TYR E 211 -4.45 13.00 16.90
CA TYR E 211 -4.34 13.22 15.46
C TYR E 211 -4.70 14.64 15.08
N TRP E 212 -4.71 15.56 16.05
CA TRP E 212 -5.01 16.96 15.74
C TRP E 212 -3.89 17.59 14.94
N ASN E 213 -2.65 17.43 15.39
CA ASN E 213 -1.50 17.93 14.64
C ASN E 213 -1.42 17.28 13.26
N LEU E 214 -1.70 15.97 13.19
CA LEU E 214 -1.70 15.25 11.92
C LEU E 214 -2.84 15.67 10.99
N GLY E 215 -3.70 16.60 11.41
CA GLY E 215 -4.69 17.18 10.54
C GLY E 215 -6.09 16.56 10.58
N PHE E 216 -6.51 16.00 11.70
CA PHE E 216 -7.88 15.47 11.83
C PHE E 216 -8.78 16.63 12.25
N THR E 217 -9.32 17.34 11.26
CA THR E 217 -10.03 18.59 11.52
C THR E 217 -11.23 18.35 12.45
N SER E 218 -12.09 17.42 12.10
CA SER E 218 -13.29 17.13 12.87
C SER E 218 -13.90 15.84 12.32
N VAL E 219 -14.79 15.25 13.10
CA VAL E 219 -15.45 14.01 12.69
C VAL E 219 -16.26 14.34 11.43
N PRO E 220 -16.46 13.39 10.53
CA PRO E 220 -17.19 13.69 9.29
C PRO E 220 -18.62 14.10 9.57
N GLN E 221 -18.94 15.34 9.18
CA GLN E 221 -20.28 15.89 9.28
C GLN E 221 -20.96 15.81 7.93
N GLY E 222 -22.25 15.47 7.93
CA GLY E 222 -22.97 15.27 6.69
C GLY E 222 -24.45 15.56 6.86
N GLN E 223 -25.10 15.82 5.72
CA GLN E 223 -26.53 16.11 5.72
C GLN E 223 -27.33 14.93 6.23
N ASP E 224 -27.23 13.79 5.54
CA ASP E 224 -27.91 12.56 5.91
C ASP E 224 -26.99 11.60 6.67
N LEU E 225 -26.03 12.15 7.40
CA LEU E 225 -25.07 11.34 8.13
C LEU E 225 -25.63 10.95 9.49
N GLN E 226 -25.59 9.66 9.79
CA GLN E 226 -26.07 9.14 11.07
C GLN E 226 -24.86 8.82 11.96
N TYR E 227 -24.79 9.45 13.12
CA TYR E 227 -23.76 9.15 14.10
C TYR E 227 -24.22 8.00 14.98
N ILE E 228 -23.52 6.87 14.92
CA ILE E 228 -23.91 5.67 15.66
C ILE E 228 -23.01 5.54 16.89
N PHE E 229 -23.64 5.54 18.06
CA PHE E 229 -22.94 5.45 19.34
C PHE E 229 -22.72 3.99 19.73
N ILE E 230 -21.60 3.76 20.40
CA ILE E 230 -21.23 2.47 20.97
C ILE E 230 -21.39 2.57 22.49
N PRO E 231 -22.28 1.80 23.09
CA PRO E 231 -22.60 1.98 24.52
C PRO E 231 -21.50 1.46 25.43
N SER E 232 -20.29 1.98 25.26
CA SER E 232 -19.15 1.43 25.97
C SER E 232 -19.00 2.00 27.36
N ASP E 233 -19.50 3.21 27.60
CA ASP E 233 -19.30 3.91 28.86
C ASP E 233 -20.52 4.77 29.13
N ILE E 234 -20.60 5.27 30.37
CA ILE E 234 -21.67 6.19 30.72
C ILE E 234 -21.61 7.46 29.90
N ARG E 235 -20.40 7.90 29.52
CA ARG E 235 -20.26 9.09 28.70
C ARG E 235 -20.96 8.95 27.36
N ASP E 236 -21.03 7.73 26.83
CA ASP E 236 -21.69 7.52 25.53
C ASP E 236 -23.19 7.76 25.63
N TYR E 237 -23.82 7.32 26.73
CA TYR E 237 -25.23 7.60 26.93
C TYR E 237 -25.47 9.09 27.17
N VAL E 238 -24.64 9.71 28.02
CA VAL E 238 -24.80 11.12 28.32
C VAL E 238 -24.67 11.96 27.06
N LEU E 240 -24.97 10.93 23.87
CA LEU E 240 -26.09 10.63 22.98
C LEU E 240 -27.33 11.42 23.37
N ARG E 241 -27.62 11.49 24.67
CA ARG E 241 -28.77 12.27 25.13
C ARG E 241 -28.58 13.76 24.82
N SER E 242 -27.44 14.33 25.23
CA SER E 242 -27.22 15.76 25.04
C SER E 242 -27.26 16.16 23.57
N ALA E 243 -26.91 15.23 22.67
CA ALA E 243 -26.90 15.55 21.26
C ALA E 243 -28.32 15.73 20.73
N ILE E 244 -29.23 14.82 21.08
CA ILE E 244 -30.61 14.95 20.61
C ILE E 244 -31.30 16.15 21.26
N LEU E 245 -30.91 16.49 22.50
CA LEU E 245 -31.49 17.65 23.18
C LEU E 245 -30.85 18.97 22.77
N GLY E 246 -29.65 18.94 22.17
CA GLY E 246 -28.91 20.13 21.85
C GLY E 246 -28.19 20.78 23.02
N VAL E 247 -28.68 20.59 24.24
CA VAL E 247 -28.05 21.18 25.43
C VAL E 247 -26.60 20.68 25.51
N PRO E 248 -25.65 21.49 26.00
CA PRO E 248 -24.32 20.95 26.26
C PRO E 248 -24.36 19.90 27.36
N VAL E 249 -23.45 18.94 27.29
CA VAL E 249 -23.46 17.80 28.22
C VAL E 249 -23.28 18.33 29.63
N PRO E 250 -24.20 18.03 30.55
CA PRO E 250 -24.20 18.66 31.88
C PRO E 250 -23.54 17.85 33.00
N GLU E 251 -22.93 16.71 32.69
CA GLU E 251 -22.39 15.86 33.74
C GLU E 251 -21.37 14.91 33.11
N GLY E 252 -20.68 14.18 33.98
CA GLY E 252 -19.69 13.22 33.53
C GLY E 252 -18.41 13.88 33.09
N LEU E 253 -17.48 13.04 32.62
CA LEU E 253 -16.16 13.48 32.18
C LEU E 253 -16.23 14.50 31.06
N ASP E 254 -17.37 14.66 30.39
CA ASP E 254 -17.53 15.63 29.32
C ASP E 254 -18.40 16.81 29.74
N LYS E 255 -18.61 17.00 31.03
CA LYS E 255 -19.35 18.17 31.50
C LYS E 255 -18.73 19.42 30.90
N GLY E 256 -19.35 19.96 29.86
CA GLY E 256 -18.83 21.15 29.21
C GLY E 256 -18.96 21.11 27.71
N ASP E 257 -18.68 19.96 27.11
CA ASP E 257 -18.66 19.86 25.65
C ASP E 257 -19.99 20.28 25.04
N ARG E 258 -19.95 20.64 23.78
CA ARG E 258 -21.14 21.06 23.05
C ARG E 258 -21.37 20.11 21.89
N PRO E 259 -22.45 19.31 21.90
CA PRO E 259 -22.68 18.38 20.79
C PRO E 259 -22.65 19.03 19.42
N HIS E 260 -22.95 20.33 19.34
CA HIS E 260 -22.86 21.03 18.06
C HIS E 260 -21.45 21.01 17.51
N ALA E 261 -20.45 21.11 18.39
CA ALA E 261 -19.05 21.09 17.97
C ALA E 261 -18.65 19.75 17.35
N TYR E 262 -19.33 18.67 17.69
CA TYR E 262 -19.01 17.35 17.14
C TYR E 262 -19.87 17.03 15.92
N PHE E 263 -21.19 17.06 16.07
CA PHE E 263 -22.10 16.54 15.07
C PHE E 263 -22.78 17.61 14.24
N GLY E 264 -22.43 18.88 14.43
CA GLY E 264 -23.05 19.95 13.69
C GLY E 264 -24.30 20.46 14.37
N PRO E 265 -25.08 21.26 13.65
CA PRO E 265 -26.28 21.86 14.25
C PRO E 265 -27.45 20.90 14.35
N GLU E 266 -27.55 19.97 13.39
CA GLU E 266 -28.69 19.06 13.30
C GLU E 266 -28.79 18.19 14.56
N ALA E 267 -29.94 18.28 15.24
CA ALA E 267 -30.18 17.54 16.46
C ALA E 267 -31.44 16.69 16.36
N SER E 268 -31.50 15.80 15.36
CA SER E 268 -32.64 14.92 15.16
C SER E 268 -32.45 13.61 15.91
N ALA E 269 -33.57 12.90 16.12
CA ALA E 269 -33.50 11.55 16.63
C ALA E 269 -33.08 10.54 15.56
N SER E 270 -33.28 10.87 14.29
CA SER E 270 -32.78 10.04 13.20
C SER E 270 -31.30 10.25 12.95
N LYS E 271 -30.73 11.35 13.45
CA LYS E 271 -29.31 11.63 13.32
C LYS E 271 -28.44 10.76 14.22
N PHE E 272 -28.98 10.25 15.32
CA PHE E 272 -28.21 9.52 16.31
C PHE E 272 -28.88 8.19 16.60
N LYS E 273 -28.13 7.09 16.39
CA LYS E 273 -28.59 5.74 16.72
C LYS E 273 -27.65 5.13 17.75
N LEU E 274 -28.12 4.07 18.40
CA LEU E 274 -27.44 3.47 19.54
C LEU E 274 -27.31 1.97 19.35
N LEU E 275 -26.07 1.48 19.25
CA LEU E 275 -25.84 0.07 19.02
C LEU E 275 -26.24 -0.74 20.25
N HIS E 276 -26.83 -1.91 20.00
CA HIS E 276 -27.50 -2.65 21.08
C HIS E 276 -26.48 -3.49 21.85
N PRO E 277 -26.46 -3.39 23.19
CA PRO E 277 -25.51 -4.22 23.96
C PRO E 277 -25.66 -5.72 23.74
N ASP E 278 -26.88 -6.24 23.61
CA ASP E 278 -27.04 -7.68 23.36
C ASP E 278 -26.48 -8.07 22.00
N PHE E 279 -26.58 -7.16 21.02
CA PHE E 279 -25.96 -7.42 19.72
C PHE E 279 -24.45 -7.52 19.83
N ILE E 280 -23.84 -6.62 20.62
CA ILE E 280 -22.40 -6.66 20.85
C ILE E 280 -22.02 -7.96 21.54
N SER E 281 -22.78 -8.35 22.56
CA SER E 281 -22.51 -9.61 23.24
C SER E 281 -22.65 -10.80 22.30
N TYR E 282 -23.62 -10.72 21.38
CA TYR E 282 -23.80 -11.78 20.39
C TYR E 282 -22.64 -11.83 19.41
N LEU E 283 -22.14 -10.66 18.99
CA LEU E 283 -20.97 -10.62 18.12
C LEU E 283 -19.74 -11.16 18.83
N THR E 284 -19.58 -10.83 20.11
CA THR E 284 -18.44 -11.33 20.86
C THR E 284 -18.54 -12.84 21.07
N GLU E 285 -19.75 -13.34 21.37
CA GLU E 285 -19.87 -14.75 21.72
C GLU E 285 -19.79 -15.64 20.49
N ARG E 286 -20.34 -15.19 19.37
CA ARG E 286 -20.44 -16.05 18.19
C ARG E 286 -19.28 -15.89 17.21
N PHE E 287 -18.65 -14.72 17.15
CA PHE E 287 -17.67 -14.44 16.11
C PHE E 287 -16.28 -14.10 16.61
N LEU E 288 -16.16 -13.46 17.77
CA LEU E 288 -14.87 -12.96 18.25
C LEU E 288 -14.67 -13.31 19.72
N LYS E 289 -14.90 -14.57 20.08
CA LYS E 289 -14.76 -14.99 21.48
C LYS E 289 -13.32 -15.40 21.72
N SER E 290 -12.45 -14.40 21.85
CA SER E 290 -11.04 -14.66 21.98
C SER E 290 -10.71 -15.24 23.35
N LYS E 291 -9.62 -16.01 23.39
CA LYS E 291 -9.09 -16.55 24.63
C LYS E 291 -8.68 -15.47 25.63
N LEU E 292 -8.67 -14.19 25.23
CA LEU E 292 -8.39 -13.09 26.14
C LEU E 292 -9.51 -12.82 27.14
N ILE E 293 -10.59 -13.59 27.12
CA ILE E 293 -11.69 -13.43 28.07
C ILE E 293 -11.40 -14.27 29.30
N ASN E 294 -11.54 -13.66 30.48
CA ASN E 294 -11.38 -14.38 31.74
C ASN E 294 -12.16 -13.72 32.88
N ASP E 299 -7.94 -4.06 31.33
CA ASP E 299 -9.40 -3.99 31.25
C ASP E 299 -9.97 -5.30 30.73
N LEU E 300 -11.22 -5.28 30.30
CA LEU E 300 -11.87 -6.47 29.78
C LEU E 300 -11.90 -6.44 28.25
N TYR E 301 -12.32 -7.56 27.67
CA TYR E 301 -12.22 -7.74 26.24
C TYR E 301 -13.44 -7.21 25.51
N PRO E 303 -14.58 -6.37 20.98
CA PRO E 303 -14.13 -6.17 19.61
C PRO E 303 -13.79 -4.71 19.35
N SER E 304 -12.87 -4.50 18.41
CA SER E 304 -12.50 -3.15 18.00
C SER E 304 -13.72 -2.45 17.40
N THR E 305 -13.66 -1.11 17.43
CA THR E 305 -14.75 -0.31 16.86
C THR E 305 -14.96 -0.67 15.40
N GLY E 306 -13.88 -0.76 14.62
CA GLY E 306 -14.00 -1.18 13.23
C GLY E 306 -14.66 -2.53 13.09
N ALA E 307 -14.28 -3.49 13.93
CA ALA E 307 -14.91 -4.81 13.88
C ALA E 307 -16.39 -4.73 14.23
N LEU E 308 -16.75 -3.90 15.22
CA LEU E 308 -18.16 -3.71 15.53
C LEU E 308 -18.88 -3.15 14.32
N LEU E 310 -18.00 -3.22 11.16
CA LEU E 310 -18.00 -4.17 10.06
C LEU E 310 -19.12 -5.20 10.22
N LEU E 311 -19.15 -5.89 11.36
CA LEU E 311 -20.20 -6.88 11.59
C LEU E 311 -21.58 -6.25 11.65
N THR E 312 -21.68 -4.99 12.04
CA THR E 312 -22.97 -4.28 11.96
C THR E 312 -23.46 -4.22 10.53
N ALA E 313 -22.62 -3.73 9.61
CA ALA E 313 -23.02 -3.70 8.21
C ALA E 313 -23.26 -5.11 7.68
N LEU E 314 -22.54 -6.10 8.21
CA LEU E 314 -22.77 -7.48 7.80
C LEU E 314 -24.19 -7.94 8.12
N HIS E 315 -24.84 -7.34 9.11
CA HIS E 315 -26.18 -7.73 9.49
C HIS E 315 -27.27 -6.81 8.94
N THR E 316 -26.88 -5.68 8.32
CA THR E 316 -27.85 -4.70 7.83
C THR E 316 -27.74 -4.47 6.33
N CYS E 317 -26.75 -5.04 5.65
CA CYS E 317 -26.52 -4.77 4.25
C CYS E 317 -26.65 -6.04 3.43
N ASP E 318 -26.79 -5.87 2.12
CA ASP E 318 -26.88 -6.99 1.20
C ASP E 318 -25.51 -7.46 0.74
N GLN E 319 -24.52 -6.56 0.70
CA GLN E 319 -23.13 -6.93 0.48
C GLN E 319 -22.28 -5.86 1.15
N VAL E 320 -21.13 -6.27 1.66
CA VAL E 320 -20.26 -5.39 2.43
C VAL E 320 -18.86 -5.44 1.82
N SER E 321 -18.19 -4.29 1.80
CA SER E 321 -16.82 -4.17 1.34
C SER E 321 -15.98 -3.58 2.46
N ALA E 322 -14.88 -4.25 2.81
CA ALA E 322 -14.03 -3.84 3.92
C ALA E 322 -12.73 -3.26 3.38
N TYR E 323 -12.40 -2.04 3.81
CA TYR E 323 -11.19 -1.34 3.39
C TYR E 323 -10.45 -0.86 4.62
N GLY E 324 -9.13 -1.03 4.62
CA GLY E 324 -8.33 -0.55 5.73
C GLY E 324 -8.43 -1.37 6.99
N PHE E 325 -8.75 -2.66 6.89
CA PHE E 325 -8.82 -3.55 8.04
C PHE E 325 -7.59 -4.45 8.12
N ILE E 326 -7.40 -5.05 9.30
CA ILE E 326 -6.17 -5.78 9.60
C ILE E 326 -6.09 -7.03 8.73
N THR E 327 -4.89 -7.29 8.19
CA THR E 327 -4.64 -8.40 7.28
C THR E 327 -3.32 -9.07 7.65
N SER E 328 -3.08 -10.24 7.06
CA SER E 328 -1.82 -10.96 7.26
C SER E 328 -0.61 -10.07 6.98
N ASN E 329 -0.63 -9.34 5.87
CA ASN E 329 0.46 -8.47 5.47
C ASN E 329 0.39 -7.08 6.10
N TYR E 330 -0.32 -6.93 7.23
CA TYR E 330 -0.39 -5.64 7.93
C TYR E 330 0.97 -4.98 8.08
N TRP E 331 2.02 -5.78 8.30
CA TRP E 331 3.34 -5.26 8.66
C TRP E 331 4.02 -4.52 7.53
N LYS E 332 3.59 -4.73 6.27
CA LYS E 332 4.16 -4.01 5.14
C LYS E 332 3.74 -2.55 5.09
N PHE E 333 2.85 -2.11 5.98
CA PHE E 333 2.30 -0.76 5.97
C PHE E 333 2.40 -0.14 7.36
N SER E 334 2.03 1.13 7.44
CA SER E 334 2.01 1.85 8.71
C SER E 334 0.73 1.51 9.48
N ASP E 335 0.65 2.02 10.72
CA ASP E 335 -0.53 1.74 11.56
C ASP E 335 -1.80 2.28 10.91
N HIS E 336 -1.78 3.56 10.52
CA HIS E 336 -2.91 4.20 9.87
C HIS E 336 -2.48 4.75 8.52
N TYR E 337 -3.47 4.90 7.62
CA TYR E 337 -3.17 5.45 6.29
C TYR E 337 -2.68 6.90 6.35
N PHE E 338 -2.89 7.58 7.47
CA PHE E 338 -2.37 8.93 7.65
C PHE E 338 -1.16 8.92 8.57
N ASN E 350 -7.99 -5.30 25.88
CA ASN E 350 -8.70 -4.62 24.79
C ASN E 350 -9.20 -5.65 23.78
N HIS E 351 -8.45 -5.84 22.68
CA HIS E 351 -8.86 -6.75 21.63
C HIS E 351 -7.63 -7.41 21.05
N ASP E 352 -7.84 -8.56 20.40
CA ASP E 352 -6.79 -9.19 19.63
C ASP E 352 -7.11 -9.03 18.14
N LEU E 353 -6.25 -8.28 17.46
CA LEU E 353 -6.40 -8.06 16.03
C LEU E 353 -6.22 -9.35 15.22
N SER E 354 -5.51 -10.34 15.77
CA SER E 354 -5.33 -11.58 15.03
C SER E 354 -6.67 -12.31 14.84
N LEU E 355 -7.47 -12.41 15.91
CA LEU E 355 -8.77 -13.05 15.77
C LEU E 355 -9.65 -12.30 14.77
N GLU E 356 -9.61 -10.96 14.80
CA GLU E 356 -10.37 -10.16 13.85
C GLU E 356 -9.88 -10.37 12.43
N ALA E 357 -8.56 -10.31 12.22
CA ALA E 357 -8.01 -10.54 10.88
C ALA E 357 -8.34 -11.93 10.38
N ALA E 358 -8.32 -12.93 11.27
CA ALA E 358 -8.71 -14.27 10.87
C ALA E 358 -10.20 -14.34 10.55
N LEU E 359 -11.03 -13.57 11.28
CA LEU E 359 -12.46 -13.54 10.98
C LEU E 359 -12.70 -13.00 9.58
N TRP E 360 -12.07 -11.88 9.24
CA TRP E 360 -12.27 -11.30 7.91
C TRP E 360 -11.81 -12.25 6.82
N ARG E 361 -10.76 -13.06 7.09
CA ARG E 361 -10.31 -14.03 6.11
C ARG E 361 -11.37 -15.11 5.88
N ASP E 362 -11.86 -15.71 6.97
CA ASP E 362 -12.87 -16.76 6.82
C ASP E 362 -14.17 -16.21 6.27
N LEU E 363 -14.45 -14.92 6.53
CA LEU E 363 -15.61 -14.29 5.91
C LEU E 363 -15.42 -14.15 4.41
N HIS E 364 -14.18 -13.87 3.98
CA HIS E 364 -13.93 -13.76 2.55
C HIS E 364 -13.96 -15.13 1.87
N LYS E 365 -13.41 -16.16 2.54
CA LYS E 365 -13.31 -17.48 1.92
C LYS E 365 -14.66 -18.14 1.73
N ALA E 366 -15.72 -17.60 2.32
CA ALA E 366 -17.08 -18.06 2.07
C ALA E 366 -17.85 -17.09 1.19
N GLY E 367 -17.17 -16.10 0.60
CA GLY E 367 -17.81 -15.08 -0.21
C GLY E 367 -18.75 -14.16 0.54
N ILE E 368 -18.91 -14.37 1.86
CA ILE E 368 -19.80 -13.54 2.66
C ILE E 368 -19.33 -12.10 2.66
N LEU E 369 -18.02 -11.87 2.69
CA LEU E 369 -17.45 -10.53 2.81
C LEU E 369 -16.47 -10.27 1.69
N GLN E 370 -16.54 -9.08 1.10
CA GLN E 370 -15.53 -8.61 0.16
C GLN E 370 -14.48 -7.84 0.95
N LEU E 371 -13.24 -8.34 0.92
CA LEU E 371 -12.14 -7.79 1.71
C LEU E 371 -11.06 -7.29 0.76
N TYR E 372 -10.70 -6.03 0.91
CA TYR E 372 -9.62 -5.46 0.09
C TYR E 372 -8.28 -5.94 0.62
N GLN E 373 -7.46 -6.50 -0.27
CA GLN E 373 -6.11 -6.91 0.09
C GLN E 373 -5.15 -6.46 -0.99
N ARG E 374 -3.90 -6.23 -0.60
CA ARG E 374 -2.85 -5.92 -1.56
C ARG E 374 -1.46 -6.15 -0.97
N LEU F 70 45.92 9.26 -6.34
CA LEU F 70 45.44 10.22 -7.32
C LEU F 70 46.56 10.71 -8.22
N HIS F 71 47.75 10.87 -7.63
CA HIS F 71 48.89 11.40 -8.36
C HIS F 71 49.15 10.63 -9.64
N LEU F 72 49.25 9.30 -9.54
CA LEU F 72 49.43 8.48 -10.73
C LEU F 72 48.16 8.38 -11.56
N ALA F 73 46.99 8.42 -10.90
CA ALA F 73 45.73 8.26 -11.61
C ALA F 73 45.52 9.34 -12.66
N ILE F 74 46.10 10.53 -12.46
CA ILE F 74 46.01 11.58 -13.47
C ILE F 74 47.11 11.40 -14.52
N GLN F 75 48.28 10.91 -14.12
CA GLN F 75 49.39 10.73 -15.04
C GLN F 75 49.22 9.51 -15.95
N ARG F 76 48.40 8.54 -15.54
CA ARG F 76 48.15 7.37 -16.39
C ARG F 76 47.20 7.70 -17.53
N HIS F 77 45.97 8.06 -17.20
CA HIS F 77 44.97 8.31 -18.23
C HIS F 77 45.25 9.64 -18.93
N PRO F 78 45.55 9.64 -20.24
CA PRO F 78 46.00 10.88 -20.87
C PRO F 78 44.94 11.95 -21.00
N HIS F 79 43.66 11.59 -20.98
CA HIS F 79 42.61 12.60 -21.17
C HIS F 79 42.57 13.59 -20.02
N PHE F 80 42.89 13.16 -18.80
CA PHE F 80 42.92 14.04 -17.65
C PHE F 80 44.32 14.51 -17.28
N ARG F 81 45.36 13.92 -17.90
CA ARG F 81 46.71 14.41 -17.68
C ARG F 81 46.88 15.83 -18.22
N GLY F 82 46.66 16.00 -19.53
CA GLY F 82 46.73 17.31 -20.15
C GLY F 82 45.49 18.14 -19.90
N LEU F 83 45.03 18.14 -18.66
CA LEU F 83 43.82 18.85 -18.27
C LEU F 83 43.96 19.37 -16.84
N PHE F 84 44.40 18.52 -15.93
CA PHE F 84 44.63 18.94 -14.55
C PHE F 84 45.85 19.83 -14.46
N ASN F 85 45.78 20.80 -13.55
CA ASN F 85 46.86 21.78 -13.37
C ASN F 85 46.89 22.16 -11.88
N LEU F 86 47.67 21.41 -11.11
CA LEU F 86 47.78 21.66 -9.68
C LEU F 86 48.48 22.97 -9.36
N SER F 87 49.12 23.61 -10.34
CA SER F 87 49.84 24.85 -10.10
C SER F 87 48.96 26.09 -10.24
N ILE F 88 47.70 25.93 -10.60
CA ILE F 88 46.79 27.08 -10.69
C ILE F 88 46.31 27.43 -9.28
N PRO F 89 46.35 28.70 -8.89
CA PRO F 89 45.91 29.06 -7.54
C PRO F 89 44.42 28.81 -7.37
N VAL F 90 44.06 28.13 -6.28
CA VAL F 90 42.67 27.86 -5.97
C VAL F 90 42.02 29.02 -5.21
N LEU F 91 42.77 29.69 -4.35
CA LEU F 91 42.27 30.79 -3.55
C LEU F 91 42.85 32.10 -4.05
N LEU F 92 42.05 33.16 -3.93
CA LEU F 92 42.49 34.52 -4.17
C LEU F 92 42.88 35.18 -2.86
N TRP F 93 43.97 35.94 -2.88
CA TRP F 93 44.48 36.59 -1.67
C TRP F 93 45.31 37.82 -2.08
N GLY F 94 45.94 38.46 -1.09
CA GLY F 94 46.50 39.78 -1.31
C GLY F 94 47.59 39.84 -2.37
N ASP F 95 48.62 39.00 -2.22
CA ASP F 95 49.76 39.05 -3.14
C ASP F 95 49.39 38.77 -4.60
N LEU F 96 48.20 38.23 -4.87
CA LEU F 96 47.78 38.05 -6.25
C LEU F 96 47.04 39.26 -6.81
N PHE F 97 46.56 40.16 -5.96
CA PHE F 97 45.83 41.34 -6.41
C PHE F 97 46.82 42.34 -7.00
N THR F 98 46.93 42.36 -8.33
CA THR F 98 47.84 43.23 -9.07
C THR F 98 47.06 44.04 -10.08
N PRO F 99 47.61 45.18 -10.54
CA PRO F 99 46.96 45.90 -11.65
C PRO F 99 46.68 45.02 -12.85
N ALA F 100 47.58 44.10 -13.18
CA ALA F 100 47.36 43.22 -14.32
C ALA F 100 46.14 42.33 -14.11
N LEU F 101 46.03 41.72 -12.92
CA LEU F 101 44.87 40.87 -12.62
C LEU F 101 43.58 41.68 -12.64
N TRP F 102 43.63 42.91 -12.14
CA TRP F 102 42.43 43.75 -12.14
C TRP F 102 41.97 44.04 -13.57
N ASP F 103 42.89 44.48 -14.44
CA ASP F 103 42.49 44.84 -15.80
C ASP F 103 41.98 43.64 -16.58
N ARG F 104 42.59 42.48 -16.39
CA ARG F 104 42.12 41.30 -17.10
C ARG F 104 40.79 40.80 -16.53
N LEU F 105 40.70 40.71 -15.20
CA LEU F 105 39.46 40.26 -14.59
C LEU F 105 38.33 41.27 -14.76
N SER F 106 38.65 42.53 -15.06
CA SER F 106 37.62 43.50 -15.40
C SER F 106 36.93 43.20 -16.71
N GLN F 107 37.44 42.22 -17.46
CA GLN F 107 36.88 41.81 -18.74
C GLN F 107 35.75 40.81 -18.60
N HIS F 108 35.62 40.15 -17.45
CA HIS F 108 34.68 39.05 -17.28
C HIS F 108 33.77 39.29 -16.07
N LYS F 109 32.53 38.84 -16.19
CA LYS F 109 31.51 39.09 -15.18
C LYS F 109 31.42 37.91 -14.23
N ALA F 110 30.43 37.95 -13.33
CA ALA F 110 29.97 36.73 -12.68
C ALA F 110 31.10 36.20 -11.80
N PRO F 111 31.23 34.90 -11.52
CA PRO F 111 32.41 34.46 -10.75
C PRO F 111 33.70 34.36 -11.54
N TYR F 112 33.71 34.70 -12.84
CA TYR F 112 34.94 34.57 -13.62
C TYR F 112 35.78 35.83 -13.61
N GLY F 113 35.30 36.91 -12.99
CA GLY F 113 36.00 38.17 -12.94
C GLY F 113 35.23 39.17 -12.11
N TRP F 114 35.32 40.45 -12.45
CA TRP F 114 34.54 41.44 -11.71
C TRP F 114 34.21 42.64 -12.60
N ARG F 115 33.80 42.37 -13.83
CA ARG F 115 33.38 43.43 -14.73
C ARG F 115 32.22 44.20 -14.10
N GLY F 116 32.40 45.50 -13.93
CA GLY F 116 31.37 46.32 -13.33
C GLY F 116 31.26 46.23 -11.83
N LEU F 117 32.33 45.82 -11.15
CA LEU F 117 32.36 45.75 -9.70
C LEU F 117 33.30 46.81 -9.15
N SER F 118 32.99 47.29 -7.95
CA SER F 118 33.69 48.43 -7.37
C SER F 118 35.11 48.06 -6.95
N HIS F 119 36.10 48.74 -7.53
CA HIS F 119 37.48 48.62 -7.05
C HIS F 119 37.58 48.97 -5.57
N GLN F 120 36.80 49.95 -5.12
CA GLN F 120 36.77 50.28 -3.71
C GLN F 120 36.45 49.04 -2.86
N VAL F 121 35.37 48.35 -3.20
CA VAL F 121 34.97 47.17 -2.44
C VAL F 121 36.00 46.06 -2.60
N ILE F 122 36.39 45.76 -3.84
CA ILE F 122 37.26 44.61 -4.06
C ILE F 122 38.63 44.84 -3.42
N ALA F 123 39.21 46.03 -3.61
CA ALA F 123 40.53 46.28 -3.05
C ALA F 123 40.49 46.24 -1.53
N SER F 124 39.40 46.69 -0.91
CA SER F 124 39.31 46.65 0.54
C SER F 124 39.20 45.22 1.06
N THR F 125 38.40 44.37 0.42
CA THR F 125 38.30 42.99 0.91
C THR F 125 39.60 42.24 0.69
N LEU F 126 40.21 42.38 -0.49
CA LEU F 126 41.45 41.65 -0.75
C LEU F 126 42.60 42.16 0.11
N SER F 127 42.54 43.42 0.56
CA SER F 127 43.61 43.93 1.41
C SER F 127 43.61 43.28 2.79
N LEU F 128 42.53 42.60 3.15
CA LEU F 128 42.45 41.81 4.37
C LEU F 128 43.02 40.41 4.20
N LEU F 129 43.30 39.99 2.97
CA LEU F 129 43.78 38.65 2.67
C LEU F 129 45.26 38.63 2.33
N ASN F 130 46.03 39.60 2.84
CA ASN F 130 47.46 39.70 2.61
C ASN F 130 48.26 38.70 3.43
N GLY F 131 47.64 38.04 4.40
CA GLY F 131 48.32 37.03 5.19
C GLY F 131 48.51 35.74 4.42
N SER F 132 49.38 34.89 4.97
CA SER F 132 49.79 33.66 4.30
C SER F 132 48.76 32.54 4.39
N GLU F 133 47.92 32.55 5.43
CA GLU F 133 46.87 31.54 5.55
C GLU F 133 45.77 31.70 4.52
N SER F 134 45.57 32.91 3.99
CA SER F 134 44.54 33.13 2.99
C SER F 134 44.82 32.43 1.67
N ALA F 135 46.07 32.03 1.43
CA ALA F 135 46.42 31.50 0.12
C ALA F 135 46.12 30.02 -0.02
N LYS F 136 45.99 29.29 1.09
CA LYS F 136 45.85 27.86 1.05
C LYS F 136 44.71 27.41 1.96
N LEU F 137 44.09 26.29 1.59
CA LEU F 137 43.11 25.66 2.47
C LEU F 137 43.78 24.85 3.57
N PHE F 138 44.93 24.23 3.28
CA PHE F 138 45.59 23.31 4.19
C PHE F 138 46.96 23.88 4.57
N ALA F 139 47.16 24.10 5.88
CA ALA F 139 48.43 24.58 6.41
C ALA F 139 49.25 23.40 6.90
N PRO F 140 50.38 23.06 6.27
CA PRO F 140 51.20 21.89 6.63
C PRO F 140 51.83 22.00 8.02
N CYS F 148 48.76 12.00 5.00
CA CYS F 148 48.00 12.17 3.78
C CYS F 148 46.62 12.79 4.07
N ILE F 149 46.12 13.58 3.13
CA ILE F 149 44.91 14.36 3.29
C ILE F 149 43.75 13.64 2.60
N ARG F 150 42.75 13.25 3.36
CA ARG F 150 41.58 12.54 2.85
C ARG F 150 40.34 13.41 3.05
N CYS F 151 39.51 13.51 2.02
CA CYS F 151 38.41 14.44 2.01
C CYS F 151 37.15 13.78 1.46
N ALA F 152 36.01 14.22 1.97
CA ALA F 152 34.70 13.75 1.51
C ALA F 152 33.82 14.97 1.26
N VAL F 153 33.45 15.20 0.01
CA VAL F 153 32.58 16.30 -0.35
C VAL F 153 31.14 15.80 -0.29
N VAL F 154 30.30 16.45 0.50
CA VAL F 154 28.93 16.02 0.74
C VAL F 154 28.02 16.96 -0.05
N GLY F 155 27.48 16.46 -1.17
CA GLY F 155 26.37 17.10 -1.81
C GLY F 155 25.08 16.83 -1.05
N ASN F 156 24.01 17.50 -1.47
CA ASN F 156 22.74 17.46 -0.76
C ASN F 156 21.70 16.63 -1.52
N GLY F 157 22.16 15.71 -2.37
CA GLY F 157 21.25 14.93 -3.18
C GLY F 157 20.45 13.91 -2.38
N GLY F 158 19.30 13.55 -2.96
CA GLY F 158 18.40 12.58 -2.36
C GLY F 158 18.98 11.17 -2.26
N ILE F 159 20.01 10.85 -3.03
CA ILE F 159 20.63 9.53 -2.96
C ILE F 159 21.13 9.19 -1.57
N LEU F 160 21.34 10.19 -0.69
CA LEU F 160 21.87 9.91 0.64
C LEU F 160 20.80 9.61 1.68
N ASN F 161 19.53 9.91 1.42
CA ASN F 161 18.47 9.59 2.39
C ASN F 161 18.38 8.08 2.55
N GLY F 162 18.56 7.62 3.78
CA GLY F 162 18.60 6.20 4.07
C GLY F 162 19.86 5.49 3.65
N SER F 163 20.88 6.20 3.19
CA SER F 163 22.12 5.57 2.75
C SER F 163 23.03 5.17 3.91
N ARG F 164 22.78 5.69 5.11
CA ARG F 164 23.56 5.34 6.31
C ARG F 164 25.05 5.55 6.08
N GLN F 165 25.41 6.43 5.16
CA GLN F 165 26.81 6.72 4.86
C GLN F 165 27.42 7.71 5.84
N GLY F 166 26.65 8.25 6.78
CA GLY F 166 27.10 9.29 7.68
C GLY F 166 28.39 8.98 8.40
N PRO F 167 28.38 7.94 9.23
CA PRO F 167 29.64 7.50 9.87
C PRO F 167 30.77 7.24 8.87
N ASN F 168 30.46 6.63 7.72
CA ASN F 168 31.49 6.36 6.72
C ASN F 168 32.14 7.64 6.22
N ILE F 169 31.40 8.75 6.22
CA ILE F 169 31.93 10.02 5.73
C ILE F 169 32.90 10.61 6.74
N ASP F 170 32.50 10.63 8.02
CA ASP F 170 33.33 11.24 9.06
C ASP F 170 34.67 10.54 9.23
N ALA F 171 34.85 9.36 8.62
CA ALA F 171 36.15 8.69 8.66
C ALA F 171 37.22 9.46 7.91
N HIS F 172 36.83 10.32 6.96
CA HIS F 172 37.78 11.15 6.25
C HIS F 172 38.34 12.24 7.16
N ASP F 173 39.51 12.76 6.80
CA ASP F 173 40.14 13.80 7.60
C ASP F 173 39.37 15.12 7.53
N TYR F 174 38.86 15.48 6.34
CA TYR F 174 38.16 16.74 6.15
C TYR F 174 36.89 16.51 5.35
N VAL F 175 35.84 17.27 5.68
CA VAL F 175 34.53 17.12 5.08
C VAL F 175 34.07 18.46 4.54
N PHE F 176 33.83 18.53 3.24
CA PHE F 176 33.24 19.70 2.60
C PHE F 176 31.72 19.55 2.55
N ARG F 177 31.02 20.62 2.93
CA ARG F 177 29.58 20.70 2.76
C ARG F 177 29.24 22.03 2.12
N LEU F 178 27.99 22.16 1.64
CA LEU F 178 27.63 23.38 0.94
C LEU F 178 26.12 23.57 0.98
N ASN F 179 25.71 24.83 0.81
CA ASN F 179 24.31 25.25 0.61
C ASN F 179 23.45 24.68 1.73
N GLY F 180 22.33 24.03 1.43
CA GLY F 180 21.43 23.56 2.46
C GLY F 180 21.89 22.29 3.15
N ALA F 181 23.07 22.31 3.76
CA ALA F 181 23.63 21.13 4.40
C ALA F 181 22.95 20.94 5.76
N VAL F 182 21.74 20.38 5.72
CA VAL F 182 20.99 20.08 6.93
C VAL F 182 21.58 18.84 7.58
N ILE F 183 21.75 18.88 8.90
CA ILE F 183 22.35 17.77 9.62
C ILE F 183 21.46 17.37 10.79
N LYS F 184 20.81 18.36 11.40
CA LYS F 184 19.91 18.08 12.53
C LYS F 184 18.78 17.17 12.11
N GLY F 185 18.93 15.87 12.36
CA GLY F 185 17.94 14.87 12.00
C GLY F 185 18.39 13.91 10.93
N PHE F 186 19.62 14.00 10.44
CA PHE F 186 20.08 13.18 9.33
C PHE F 186 21.53 12.75 9.51
N GLU F 187 22.07 12.81 10.73
CA GLU F 187 23.51 12.61 10.91
C GLU F 187 23.95 11.18 10.64
N ARG F 188 23.03 10.21 10.67
CA ARG F 188 23.40 8.84 10.33
C ARG F 188 23.59 8.66 8.83
N ASP F 189 22.97 9.51 8.02
CA ASP F 189 23.09 9.43 6.57
C ASP F 189 24.19 10.32 6.01
N VAL F 190 24.39 11.51 6.58
CA VAL F 190 25.31 12.49 6.03
C VAL F 190 26.52 12.72 6.94
N GLY F 191 26.34 12.60 8.25
CA GLY F 191 27.40 12.74 9.22
C GLY F 191 27.21 13.96 10.10
N THR F 192 28.29 14.29 10.83
CA THR F 192 28.35 15.45 11.73
C THR F 192 29.61 16.29 11.60
N LYS F 193 30.73 15.72 11.15
CA LYS F 193 31.96 16.49 11.01
C LYS F 193 31.87 17.44 9.83
N THR F 194 32.08 18.73 10.07
CA THR F 194 32.01 19.76 9.05
C THR F 194 33.25 20.63 9.19
N SER F 195 34.23 20.43 8.31
CA SER F 195 35.45 21.22 8.34
C SER F 195 35.53 22.23 7.20
N PHE F 196 34.58 22.21 6.27
CA PHE F 196 34.53 23.17 5.18
C PHE F 196 33.08 23.40 4.76
N TYR F 197 32.69 24.66 4.62
CA TYR F 197 31.36 24.99 4.11
C TYR F 197 31.51 26.03 3.01
N GLY F 198 31.12 25.67 1.79
CA GLY F 198 31.17 26.56 0.66
C GLY F 198 29.78 27.03 0.26
N PHE F 199 29.73 28.16 -0.43
CA PHE F 199 28.47 28.86 -0.64
C PHE F 199 28.73 30.14 -1.40
N THR F 200 27.68 30.66 -2.02
CA THR F 200 27.51 32.08 -2.24
C THR F 200 26.54 32.60 -1.19
N VAL F 201 26.65 33.90 -0.89
CA VAL F 201 25.79 34.50 0.12
C VAL F 201 24.33 34.35 -0.28
N ASN F 202 24.02 34.52 -1.57
CA ASN F 202 22.65 34.41 -2.03
C ASN F 202 22.12 33.00 -1.83
N THR F 203 22.88 31.98 -2.23
CA THR F 203 22.41 30.62 -2.07
C THR F 203 22.45 30.18 -0.60
N LYS F 205 21.75 32.27 2.02
CA LYS F 205 20.59 32.88 2.67
C LYS F 205 19.29 32.28 2.18
N ASN F 206 19.20 31.99 0.87
CA ASN F 206 18.01 31.35 0.35
C ASN F 206 17.79 29.98 0.99
N SER F 207 18.86 29.28 1.35
CA SER F 207 18.73 27.97 1.98
C SER F 207 18.15 28.11 3.38
N LEU F 208 18.67 29.06 4.17
CA LEU F 208 18.17 29.27 5.51
C LEU F 208 16.70 29.66 5.53
N VAL F 209 16.19 30.20 4.43
CA VAL F 209 14.79 30.61 4.34
C VAL F 209 13.91 29.47 3.83
N SER F 210 14.31 28.85 2.71
CA SER F 210 13.50 27.78 2.13
C SER F 210 13.48 26.55 3.03
N TYR F 211 14.63 26.19 3.60
CA TYR F 211 14.73 25.02 4.47
C TYR F 211 14.66 25.41 5.94
N TRP F 212 14.07 26.56 6.24
CA TRP F 212 13.96 27.04 7.61
C TRP F 212 13.20 26.05 8.47
N ASN F 213 11.95 25.77 8.09
CA ASN F 213 11.09 24.85 8.83
C ASN F 213 11.41 23.38 8.56
N LEU F 214 12.58 23.06 8.00
CA LEU F 214 12.96 21.69 7.71
C LEU F 214 14.19 21.22 8.50
N GLY F 215 14.61 21.98 9.51
CA GLY F 215 15.75 21.61 10.33
C GLY F 215 17.00 22.45 10.09
N PHE F 216 17.02 23.28 9.05
CA PHE F 216 18.19 24.09 8.71
C PHE F 216 18.17 25.36 9.56
N THR F 217 18.48 25.19 10.85
CA THR F 217 18.46 26.32 11.78
C THR F 217 19.59 27.31 11.50
N SER F 218 20.74 26.82 11.05
CA SER F 218 21.89 27.68 10.77
C SER F 218 22.84 26.90 9.87
N VAL F 219 23.81 27.61 9.32
CA VAL F 219 24.88 26.95 8.58
C VAL F 219 25.81 26.34 9.63
N PRO F 220 26.59 25.31 9.28
CA PRO F 220 27.43 24.66 10.30
C PRO F 220 28.53 25.56 10.82
N GLN F 221 28.90 25.34 12.09
CA GLN F 221 29.98 26.06 12.75
C GLN F 221 30.91 25.05 13.42
N GLY F 222 32.12 25.49 13.75
CA GLY F 222 33.10 24.59 14.33
C GLY F 222 34.37 25.33 14.67
N GLN F 223 35.27 24.59 15.34
CA GLN F 223 36.54 25.15 15.78
C GLN F 223 37.55 25.26 14.65
N ASP F 224 37.52 24.32 13.71
CA ASP F 224 38.39 24.34 12.54
C ASP F 224 37.61 24.60 11.26
N LEU F 225 36.33 24.90 11.36
CA LEU F 225 35.49 25.07 10.18
C LEU F 225 35.87 26.35 9.45
N GLN F 226 36.22 26.21 8.18
CA GLN F 226 36.59 27.33 7.33
C GLN F 226 35.48 27.58 6.31
N TYR F 227 35.01 28.82 6.24
CA TYR F 227 33.99 29.21 5.27
C TYR F 227 34.69 29.68 4.00
N ILE F 228 34.39 29.03 2.87
CA ILE F 228 35.00 29.36 1.59
C ILE F 228 33.96 30.05 0.73
N PHE F 229 34.19 31.32 0.42
CA PHE F 229 33.27 32.12 -0.38
C PHE F 229 33.45 31.84 -1.87
N ILE F 230 32.34 31.88 -2.58
CA ILE F 230 32.34 31.81 -4.05
C ILE F 230 32.15 33.24 -4.55
N PRO F 231 33.07 33.79 -5.34
CA PRO F 231 32.98 35.20 -5.74
C PRO F 231 31.98 35.42 -6.87
N SER F 232 30.73 35.01 -6.64
CA SER F 232 29.72 35.08 -7.69
C SER F 232 29.10 36.47 -7.83
N ASP F 233 29.19 37.31 -6.81
CA ASP F 233 28.46 38.57 -6.79
C ASP F 233 29.18 39.52 -5.84
N ILE F 234 28.81 40.81 -5.92
CA ILE F 234 29.37 41.80 -5.02
C ILE F 234 29.03 41.48 -3.58
N ARG F 235 27.85 40.91 -3.34
CA ARG F 235 27.45 40.55 -1.98
C ARG F 235 28.46 39.61 -1.33
N ASP F 236 29.07 38.74 -2.13
CA ASP F 236 30.07 37.81 -1.62
C ASP F 236 31.32 38.56 -1.13
N TYR F 237 31.73 39.60 -1.85
CA TYR F 237 32.91 40.37 -1.42
C TYR F 237 32.61 41.17 -0.15
N VAL F 238 31.48 41.86 -0.11
CA VAL F 238 31.14 42.67 1.06
C VAL F 238 31.01 41.78 2.30
N LEU F 240 32.30 38.80 2.83
CA LEU F 240 33.64 38.37 3.22
C LEU F 240 34.39 39.48 3.95
N ARG F 241 34.26 40.73 3.47
CA ARG F 241 34.88 41.85 4.16
C ARG F 241 34.31 42.01 5.56
N SER F 242 32.97 42.05 5.67
CA SER F 242 32.33 42.27 6.97
C SER F 242 32.57 41.11 7.93
N ALA F 243 32.74 39.90 7.41
CA ALA F 243 32.92 38.76 8.31
C ALA F 243 34.23 38.87 9.08
N ILE F 244 35.32 39.18 8.37
CA ILE F 244 36.61 39.30 9.04
C ILE F 244 36.66 40.54 9.92
N LEU F 245 35.99 41.63 9.51
CA LEU F 245 35.97 42.85 10.29
C LEU F 245 35.07 42.76 11.52
N GLY F 246 34.05 41.91 11.47
CA GLY F 246 33.06 41.82 12.52
C GLY F 246 31.93 42.85 12.41
N VAL F 247 32.16 43.95 11.71
CA VAL F 247 31.12 44.95 11.50
C VAL F 247 29.94 44.30 10.78
N PRO F 248 28.70 44.67 11.07
CA PRO F 248 27.60 44.25 10.21
C PRO F 248 27.78 44.80 8.81
N VAL F 249 27.29 44.06 7.82
CA VAL F 249 27.54 44.47 6.43
C VAL F 249 26.90 45.82 6.17
N PRO F 250 27.65 46.79 5.64
CA PRO F 250 27.16 48.18 5.57
C PRO F 250 26.43 48.57 4.30
N GLU F 251 26.44 47.73 3.27
CA GLU F 251 25.94 48.12 1.96
C GLU F 251 25.37 46.89 1.28
N GLY F 252 25.09 47.02 -0.01
CA GLY F 252 24.60 45.91 -0.81
C GLY F 252 23.21 45.46 -0.38
N LEU F 253 22.78 44.36 -1.02
CA LEU F 253 21.47 43.78 -0.71
C LEU F 253 21.40 43.23 0.71
N ASP F 254 22.53 43.02 1.37
CA ASP F 254 22.56 42.39 2.68
C ASP F 254 22.81 43.40 3.80
N LYS F 255 22.62 44.70 3.53
CA LYS F 255 22.84 45.72 4.55
C LYS F 255 22.01 45.43 5.79
N GLY F 256 22.69 45.37 6.93
CA GLY F 256 22.08 45.10 8.22
C GLY F 256 22.45 43.75 8.79
N ASP F 257 22.75 42.77 7.94
CA ASP F 257 23.05 41.43 8.43
C ASP F 257 24.30 41.45 9.30
N ARG F 258 24.36 40.49 10.23
CA ARG F 258 25.51 40.36 11.11
C ARG F 258 26.27 39.11 10.74
N PRO F 259 27.55 39.23 10.37
CA PRO F 259 28.36 38.02 10.12
C PRO F 259 28.39 37.08 11.32
N HIS F 260 28.07 37.62 12.51
CA HIS F 260 27.93 36.77 13.67
C HIS F 260 26.78 35.78 13.50
N ALA F 261 25.68 36.21 12.86
CA ALA F 261 24.48 35.39 12.72
C ALA F 261 24.67 34.24 11.73
N TYR F 262 25.72 34.25 10.93
CA TYR F 262 26.01 33.18 9.99
C TYR F 262 27.22 32.34 10.39
N PHE F 263 28.35 32.97 10.66
CA PHE F 263 29.61 32.25 10.78
C PHE F 263 30.05 32.04 12.22
N GLY F 264 29.34 32.62 13.19
CA GLY F 264 29.75 32.59 14.56
C GLY F 264 30.40 33.89 14.95
N PRO F 265 30.92 33.96 16.18
CA PRO F 265 31.55 35.19 16.66
C PRO F 265 32.97 35.36 16.15
N GLU F 266 33.68 34.26 15.94
CA GLU F 266 35.08 34.29 15.53
C GLU F 266 35.23 34.98 14.19
N ALA F 267 36.17 35.93 14.12
CA ALA F 267 36.40 36.75 12.92
C ALA F 267 37.91 36.91 12.72
N SER F 268 38.49 36.04 11.90
CA SER F 268 39.92 36.08 11.63
C SER F 268 40.22 35.96 10.15
N ALA F 269 41.50 35.76 9.80
CA ALA F 269 41.91 35.57 8.43
C ALA F 269 41.85 34.10 8.02
N SER F 270 42.35 33.21 8.87
CA SER F 270 42.31 31.79 8.60
C SER F 270 40.89 31.23 8.64
N LYS F 271 39.94 32.01 9.14
CA LYS F 271 38.55 31.56 9.19
C LYS F 271 37.90 31.56 7.81
N PHE F 272 38.12 32.60 7.02
CA PHE F 272 37.41 32.82 5.76
C PHE F 272 38.39 32.84 4.58
N LYS F 273 38.07 32.08 3.54
CA LYS F 273 38.87 32.02 2.32
C LYS F 273 37.99 32.36 1.11
N LEU F 274 38.66 32.64 -0.01
CA LEU F 274 38.00 33.18 -1.20
C LEU F 274 38.45 32.39 -2.42
N LEU F 275 37.49 31.75 -3.09
CA LEU F 275 37.80 30.98 -4.29
C LEU F 275 38.22 31.91 -5.42
N HIS F 276 39.24 31.49 -6.17
CA HIS F 276 39.89 32.35 -7.15
C HIS F 276 39.09 32.36 -8.45
N PRO F 277 38.72 33.54 -8.96
CA PRO F 277 37.98 33.58 -10.24
C PRO F 277 38.70 32.89 -11.39
N ASP F 278 40.02 33.01 -11.50
CA ASP F 278 40.72 32.30 -12.57
C ASP F 278 40.63 30.79 -12.40
N PHE F 279 40.51 30.32 -11.15
CA PHE F 279 40.33 28.89 -10.93
C PHE F 279 38.95 28.45 -11.41
N ILE F 280 37.93 29.26 -11.15
CA ILE F 280 36.57 28.97 -11.63
C ILE F 280 36.54 29.01 -13.15
N SER F 281 37.22 29.98 -13.77
CA SER F 281 37.31 30.01 -15.23
C SER F 281 38.01 28.76 -15.76
N TYR F 282 39.07 28.32 -15.08
CA TYR F 282 39.81 27.15 -15.53
C TYR F 282 38.97 25.88 -15.41
N LEU F 283 38.17 25.74 -14.34
CA LEU F 283 37.32 24.57 -14.19
C LEU F 283 36.23 24.54 -15.26
N THR F 284 35.65 25.70 -15.54
CA THR F 284 34.61 25.76 -16.56
C THR F 284 35.17 25.44 -17.94
N GLU F 285 36.38 25.92 -18.22
CA GLU F 285 36.93 25.74 -19.57
C GLU F 285 37.41 24.30 -19.79
N ARG F 286 38.00 23.68 -18.78
CA ARG F 286 38.67 22.40 -18.94
C ARG F 286 37.82 21.18 -18.59
N PHE F 287 36.85 21.33 -17.70
CA PHE F 287 36.10 20.18 -17.20
C PHE F 287 34.61 20.24 -17.46
N LEU F 288 34.02 21.42 -17.54
CA LEU F 288 32.57 21.56 -17.63
C LEU F 288 32.20 22.61 -18.66
N LYS F 289 32.85 22.58 -19.82
CA LYS F 289 32.61 23.56 -20.88
C LYS F 289 31.29 23.22 -21.57
N SER F 290 30.20 23.63 -20.95
CA SER F 290 28.87 23.24 -21.41
C SER F 290 28.51 23.93 -22.72
N LYS F 291 27.67 23.26 -23.51
CA LYS F 291 27.10 23.86 -24.71
C LYS F 291 26.11 24.96 -24.40
N LEU F 292 25.77 25.16 -23.12
CA LEU F 292 24.91 26.26 -22.71
C LEU F 292 25.64 27.61 -22.63
N ILE F 293 26.97 27.61 -22.81
CA ILE F 293 27.69 28.87 -22.83
C ILE F 293 27.40 29.65 -24.11
N ASN F 294 27.03 28.94 -25.18
CA ASN F 294 26.95 29.55 -26.51
C ASN F 294 26.01 30.75 -26.59
N THR F 295 25.14 30.94 -25.60
CA THR F 295 24.26 32.11 -25.58
C THR F 295 25.04 33.42 -25.46
N ASP F 299 21.69 33.72 -20.99
CA ASP F 299 22.03 33.89 -19.59
C ASP F 299 23.50 33.57 -19.34
N LEU F 300 23.87 33.32 -18.09
CA LEU F 300 25.26 33.11 -17.70
C LEU F 300 25.44 31.73 -17.08
N TYR F 301 26.27 30.91 -17.69
CA TYR F 301 26.52 29.56 -17.24
C TYR F 301 27.61 29.52 -16.17
N PRO F 303 29.29 26.33 -13.10
CA PRO F 303 29.11 25.06 -12.39
C PRO F 303 28.35 25.27 -11.08
N SER F 304 27.64 24.21 -10.66
CA SER F 304 26.95 24.26 -9.38
C SER F 304 27.95 24.46 -8.24
N THR F 305 27.44 24.92 -7.10
CA THR F 305 28.31 25.09 -5.94
C THR F 305 28.97 23.77 -5.56
N GLY F 306 28.21 22.67 -5.60
CA GLY F 306 28.78 21.37 -5.29
C GLY F 306 29.88 20.96 -6.25
N ALA F 307 29.70 21.26 -7.54
CA ALA F 307 30.75 20.95 -8.50
C ALA F 307 31.99 21.79 -8.25
N LEU F 308 31.81 23.06 -7.87
CA LEU F 308 32.95 23.89 -7.52
C LEU F 308 33.70 23.31 -6.33
N LEU F 310 33.60 20.11 -5.11
CA LEU F 310 34.17 18.80 -5.42
C LEU F 310 35.48 18.95 -6.19
N LEU F 311 35.47 19.74 -7.27
CA LEU F 311 36.69 19.97 -8.03
C LEU F 311 37.74 20.70 -7.21
N THR F 312 37.31 21.55 -6.26
CA THR F 312 38.25 22.19 -5.36
C THR F 312 38.99 21.16 -4.53
N ALA F 313 38.25 20.25 -3.88
CA ALA F 313 38.89 19.19 -3.12
C ALA F 313 39.77 18.32 -4.00
N LEU F 314 39.37 18.12 -5.26
CA LEU F 314 40.19 17.35 -6.19
C LEU F 314 41.58 17.96 -6.35
N HIS F 315 41.69 19.29 -6.25
CA HIS F 315 42.95 19.96 -6.47
C HIS F 315 43.76 20.18 -5.20
N THR F 316 43.14 20.03 -4.02
CA THR F 316 43.83 20.27 -2.76
C THR F 316 44.03 19.02 -1.92
N CYS F 317 43.12 18.07 -1.98
CA CYS F 317 43.27 16.84 -1.20
C CYS F 317 44.09 15.82 -1.96
N ASP F 318 44.41 14.71 -1.29
CA ASP F 318 45.12 13.61 -1.92
C ASP F 318 44.20 12.51 -2.42
N GLN F 319 43.07 12.30 -1.74
CA GLN F 319 41.99 11.48 -2.26
C GLN F 319 40.68 12.15 -1.83
N VAL F 320 39.62 11.90 -2.61
CA VAL F 320 38.33 12.54 -2.38
C VAL F 320 37.22 11.53 -2.66
N SER F 321 36.20 11.54 -1.82
CA SER F 321 35.01 10.70 -1.99
C SER F 321 33.79 11.60 -2.09
N ALA F 322 33.00 11.41 -3.15
CA ALA F 322 31.85 12.24 -3.44
C ALA F 322 30.58 11.55 -2.96
N TYR F 323 29.82 12.24 -2.11
CA TYR F 323 28.56 11.73 -1.57
C TYR F 323 27.44 12.70 -1.90
N GLY F 324 26.27 12.17 -2.26
CA GLY F 324 25.12 13.01 -2.52
C GLY F 324 25.18 13.84 -3.79
N PHE F 325 26.03 13.48 -4.74
CA PHE F 325 26.09 14.17 -6.02
C PHE F 325 25.26 13.44 -7.07
N ILE F 326 25.04 14.13 -8.19
CA ILE F 326 24.11 13.66 -9.21
C ILE F 326 24.67 12.42 -9.90
N THR F 327 23.82 11.42 -10.09
CA THR F 327 24.21 10.17 -10.72
C THR F 327 23.15 9.78 -11.74
N SER F 328 23.47 8.78 -12.57
CA SER F 328 22.53 8.28 -13.57
C SER F 328 21.17 7.98 -12.96
N ASN F 329 21.15 7.40 -11.76
CA ASN F 329 19.92 6.95 -11.14
C ASN F 329 19.32 8.02 -10.25
N TYR F 330 19.63 9.30 -10.54
CA TYR F 330 19.11 10.42 -9.77
C TYR F 330 17.59 10.31 -9.56
N TRP F 331 16.89 9.80 -10.57
CA TRP F 331 15.43 9.82 -10.57
C TRP F 331 14.82 8.90 -9.51
N LYS F 332 15.59 7.92 -9.02
CA LYS F 332 15.10 6.99 -8.01
C LYS F 332 14.98 7.63 -6.64
N PHE F 333 15.52 8.83 -6.45
CA PHE F 333 15.56 9.48 -5.15
C PHE F 333 14.94 10.87 -5.23
N SER F 334 14.73 11.47 -4.07
CA SER F 334 14.18 12.81 -4.02
C SER F 334 15.24 13.83 -4.44
N ASP F 335 14.81 15.09 -4.59
CA ASP F 335 15.74 16.15 -4.96
C ASP F 335 16.85 16.26 -3.94
N HIS F 336 16.50 16.40 -2.67
CA HIS F 336 17.46 16.54 -1.59
C HIS F 336 17.18 15.47 -0.54
N TYR F 337 18.22 15.08 0.19
CA TYR F 337 18.06 14.05 1.21
C TYR F 337 17.15 14.47 2.36
N PHE F 338 16.61 15.70 2.37
CA PHE F 338 15.72 16.16 3.43
C PHE F 338 14.36 16.58 2.89
N GLU F 339 13.90 15.94 1.81
CA GLU F 339 12.61 16.27 1.20
C GLU F 339 11.80 15.00 0.89
N ASN F 350 21.49 28.46 -15.65
CA ASN F 350 22.39 28.17 -14.54
C ASN F 350 23.43 27.15 -14.97
N HIS F 351 23.13 25.86 -14.78
CA HIS F 351 24.07 24.78 -15.03
C HIS F 351 23.32 23.61 -15.63
N ASP F 352 24.07 22.68 -16.22
CA ASP F 352 23.48 21.41 -16.64
C ASP F 352 24.08 20.29 -15.81
N LEU F 353 23.20 19.62 -15.05
CA LEU F 353 23.61 18.53 -14.18
C LEU F 353 24.12 17.32 -14.94
N SER F 354 23.72 17.14 -16.19
CA SER F 354 24.16 15.96 -16.93
C SER F 354 25.66 16.01 -17.18
N LEU F 355 26.18 17.15 -17.62
CA LEU F 355 27.63 17.27 -17.80
C LEU F 355 28.36 17.00 -16.48
N GLU F 356 27.83 17.54 -15.38
CA GLU F 356 28.40 17.26 -14.07
C GLU F 356 28.32 15.78 -13.72
N ALA F 357 27.15 15.17 -13.88
CA ALA F 357 27.01 13.75 -13.58
C ALA F 357 27.94 12.92 -14.47
N ALA F 358 28.04 13.29 -15.75
CA ALA F 358 28.99 12.64 -16.65
C ALA F 358 30.43 12.86 -16.20
N LEU F 359 30.76 14.08 -15.75
CA LEU F 359 32.12 14.33 -15.28
C LEU F 359 32.46 13.44 -14.09
N TRP F 360 31.52 13.28 -13.15
CA TRP F 360 31.80 12.43 -12.00
C TRP F 360 31.99 10.97 -12.40
N ARG F 361 31.30 10.52 -13.46
CA ARG F 361 31.45 9.14 -13.90
C ARG F 361 32.83 8.89 -14.52
N ASP F 362 33.26 9.78 -15.43
CA ASP F 362 34.57 9.60 -16.06
C ASP F 362 35.69 9.73 -15.05
N LEU F 363 35.54 10.62 -14.06
CA LEU F 363 36.52 10.70 -12.98
C LEU F 363 36.58 9.38 -12.22
N HIS F 364 35.43 8.74 -12.02
CA HIS F 364 35.42 7.44 -11.35
C HIS F 364 36.08 6.38 -12.22
N LYS F 365 35.75 6.35 -13.52
CA LYS F 365 36.31 5.35 -14.42
C LYS F 365 37.82 5.40 -14.44
N ALA F 366 38.39 6.60 -14.33
CA ALA F 366 39.84 6.75 -14.35
C ALA F 366 40.47 6.59 -12.97
N GLY F 367 39.69 6.20 -11.96
CA GLY F 367 40.22 6.00 -10.62
C GLY F 367 40.65 7.29 -9.97
N ILE F 368 40.30 8.41 -10.62
CA ILE F 368 40.67 9.71 -10.11
C ILE F 368 39.74 10.13 -8.97
N LEU F 369 38.47 9.75 -9.04
CA LEU F 369 37.48 10.12 -8.04
C LEU F 369 36.80 8.86 -7.51
N GLN F 370 36.53 8.84 -6.21
CA GLN F 370 35.76 7.76 -5.59
C GLN F 370 34.34 8.27 -5.38
N LEU F 371 33.43 7.82 -6.23
CA LEU F 371 32.05 8.29 -6.25
C LEU F 371 31.13 7.28 -5.59
N TYR F 372 30.29 7.75 -4.67
CA TYR F 372 29.31 6.89 -4.01
C TYR F 372 28.07 6.83 -4.88
N GLN F 373 27.78 5.64 -5.41
CA GLN F 373 26.60 5.40 -6.21
C GLN F 373 25.94 4.14 -5.68
N ARG F 374 24.68 4.25 -5.29
CA ARG F 374 23.98 3.14 -4.66
C ARG F 374 23.00 2.47 -5.62
#